data_5WI9
#
_entry.id   5WI9
#
_cell.length_a   118.018
_cell.length_b   68.465
_cell.length_c   147.811
_cell.angle_alpha   90.000
_cell.angle_beta   111.860
_cell.angle_gamma   90.000
#
_symmetry.space_group_name_H-M   'P 1 21 1'
#
loop_
_entity.id
_entity.type
_entity.pdbx_description
1 polymer Beta-klotho
2 polymer '39F7 Fab light chain'
3 polymer '39F7 Fab heavy chain'
4 non-polymer 2-acetamido-2-deoxy-beta-D-glucopyranose
5 non-polymer 1,2-ETHANEDIOL
6 non-polymer 'SULFATE ION'
7 non-polymer 'TETRAETHYLENE GLYCOL'
8 water water
#
loop_
_entity_poly.entity_id
_entity_poly.type
_entity_poly.pdbx_seq_one_letter_code
_entity_poly.pdbx_strand_id
1 'polypeptide(L)'
;GFSGDGRAIWSKNPNFTPVNESQLFLYDTFPKNFFWGIGTGALQVEGSWKKDGKGPSIWDHFIHTHLKNVSSTNGSSDSY
IFLEKDLSALDFIGVSFYQFSISWPRLFPDGIVTVANAKGLQYYSTLLDALVLRNIEPIVTLYHWDLPLALQEKYGGWKN
DTIIDIFNDYATYCFQMFGDRVKYWITIHNPYLVAWHGYGTGMHAPGEKGNLAAVYTVGHNLIKAHSKVWHNYNTHFRPH
QKGWLSITLGSHWIEPNRSENTMDIFKCQQSMVSVLGWFANPIHGDGDYPEGMRKKLFSVLPIFSEAEKHEMRGTADFFA
FSFGPNNFKPLNTMAKMGQNVSLNLREALNWIKLEYNNPRILIAENGWFTDSRVKTEDTTAIYMMKNFLSQVLQAIRLDE
IRVFGYTAWSLLDGFEWQDAYTIRRGLFYVDFNSKQKERKPKSSAHYYKQIIRENGFENLYFQGHHHHHH
;
A,B
2 'polypeptide(L)'
;EIVLTQSPGTLSLSPGERATLSCRASQSVSSTYLAWYQQKPGQAPRLLIYGASSRATGIPDRFSGSGSGTDFTLTISRLE
PEDFAVYYCQQSGSSPLTFGGGTEVEIKRTVAAPSVFIFPPSDEQLKSGTASVVCLLNNFYPREAKVQWKVDNALQSGNS
QESVTEQDSKDSTYSLSSTLTLSKADYEKHKVYACEVTHQGLSSPVTKSFNRGEC
;
L,E
3 'polypeptide(L)'
;QVQLVESGGGVVQPGRSLRLSCAASGFTFSNYGIHWVRQAPGKGLEWVAVIWYDGSIKYYADSVKGRFTISRDNSKNTLY
LQMNSLRAEDTAVYYCARDRAAAGLHYYYGMDVWGQGTTVTVSSASTKGPSVFPLAPSSKSTSGGTAALGCLVKDYFPEP
VTVSWNSGALTSGVHTFPAVLQSSGLYSLSSVVTVPSSSLGTQTYICNVNHKPSNTKVDKKVEPK
;
H,F
#
loop_
_chem_comp.id
_chem_comp.type
_chem_comp.name
_chem_comp.formula
EDO non-polymer 1,2-ETHANEDIOL 'C2 H6 O2'
NAG D-saccharide, beta linking 2-acetamido-2-deoxy-beta-D-glucopyranose 'C8 H15 N O6'
PG4 non-polymer 'TETRAETHYLENE GLYCOL' 'C8 H18 O5'
SO4 non-polymer 'SULFATE ION' 'O4 S -2'
#
# COMPACT_ATOMS: atom_id res chain seq x y z
N TYR A 27 2.18 34.72 30.82
CA TYR A 27 3.41 34.31 31.59
C TYR A 27 3.30 32.88 32.11
N ASP A 28 2.23 32.57 32.84
CA ASP A 28 2.04 31.24 33.44
C ASP A 28 1.51 30.18 32.50
N THR A 29 1.03 30.59 31.34
CA THR A 29 0.53 29.64 30.37
C THR A 29 1.62 29.33 29.37
N PHE A 30 1.63 28.11 28.87
CA PHE A 30 2.61 27.68 27.89
C PHE A 30 2.32 28.28 26.52
N PRO A 31 3.33 28.32 25.66
CA PRO A 31 3.13 28.86 24.32
C PRO A 31 2.14 28.07 23.48
N LYS A 32 1.49 28.76 22.56
CA LYS A 32 0.56 28.11 21.65
C LYS A 32 1.36 27.18 20.74
N ASN A 33 0.75 26.05 20.41
CA ASN A 33 1.31 24.94 19.57
C ASN A 33 2.35 24.09 20.32
N PHE A 34 2.25 24.10 21.65
CA PHE A 34 3.18 23.34 22.49
C PHE A 34 2.72 21.89 22.53
N PHE A 35 3.66 20.99 22.28
CA PHE A 35 3.40 19.56 22.19
C PHE A 35 3.30 18.91 23.56
N TRP A 36 2.11 18.44 23.92
CA TRP A 36 1.91 17.76 25.20
C TRP A 36 1.84 16.27 24.92
N GLY A 37 2.53 15.48 25.72
CA GLY A 37 2.52 14.05 25.50
C GLY A 37 2.82 13.22 26.72
N ILE A 38 2.61 11.92 26.58
CA ILE A 38 2.89 10.95 27.63
C ILE A 38 3.65 9.78 27.03
N GLY A 39 4.29 8.97 27.86
CA GLY A 39 5.08 7.86 27.33
C GLY A 39 5.06 6.57 28.11
N THR A 40 5.50 5.48 27.47
CA THR A 40 5.70 4.14 28.11
C THR A 40 6.85 3.43 27.42
N GLY A 41 7.25 2.30 27.99
CA GLY A 41 8.26 1.42 27.42
C GLY A 41 7.67 0.04 27.21
N ALA A 42 8.13 -0.69 26.21
CA ALA A 42 7.58 -2.02 25.91
C ALA A 42 7.67 -3.02 27.07
N LEU A 43 8.85 -3.14 27.65
CA LEU A 43 9.10 -4.09 28.72
C LEU A 43 8.30 -3.80 29.98
N GLN A 44 8.10 -2.52 30.27
CA GLN A 44 7.38 -2.11 31.47
C GLN A 44 5.91 -2.45 31.44
N VAL A 45 5.26 -2.30 30.30
CA VAL A 45 3.81 -2.41 30.27
C VAL A 45 3.18 -3.47 29.38
N GLU A 46 3.93 -4.05 28.46
CA GLU A 46 3.31 -4.92 27.46
C GLU A 46 2.81 -6.26 28.01
N GLY A 47 3.67 -6.93 28.78
CA GLY A 47 3.38 -8.28 29.22
C GLY A 47 3.53 -9.24 28.08
N SER A 48 2.89 -10.39 28.18
CA SER A 48 2.88 -11.42 27.13
C SER A 48 4.28 -11.69 26.55
N TRP A 49 5.22 -11.97 27.42
CA TRP A 49 6.61 -12.18 27.01
C TRP A 49 6.83 -13.42 26.12
N LYS A 50 5.98 -14.45 26.28
CA LYS A 50 6.02 -15.66 25.44
C LYS A 50 5.05 -15.59 24.29
N LYS A 51 4.02 -14.78 24.45
CA LYS A 51 2.84 -14.78 23.57
C LYS A 51 3.10 -14.48 22.09
N ASP A 52 2.28 -15.13 21.26
CA ASP A 52 2.31 -15.00 19.82
C ASP A 52 3.69 -15.07 19.21
N GLY A 53 4.49 -16.02 19.68
CA GLY A 53 5.80 -16.29 19.10
C GLY A 53 6.88 -15.27 19.37
N LYS A 54 6.67 -14.40 20.36
CA LYS A 54 7.68 -13.41 20.71
C LYS A 54 8.91 -14.08 21.31
N GLY A 55 10.09 -13.62 20.89
CA GLY A 55 11.35 -14.12 21.41
C GLY A 55 11.69 -13.47 22.74
N PRO A 56 12.44 -14.17 23.59
CA PRO A 56 12.83 -13.60 24.86
C PRO A 56 13.84 -12.47 24.71
N SER A 57 13.76 -11.50 25.61
CA SER A 57 14.73 -10.41 25.64
C SER A 57 15.77 -10.63 26.72
N ILE A 58 16.84 -9.86 26.68
CA ILE A 58 17.87 -9.95 27.70
C ILE A 58 17.30 -9.61 29.08
N TRP A 59 16.24 -8.82 29.11
CA TRP A 59 15.58 -8.46 30.36
C TRP A 59 14.68 -9.59 30.84
N ASP A 60 14.15 -10.34 29.90
CA ASP A 60 13.34 -11.50 30.21
C ASP A 60 14.20 -12.51 30.92
N HIS A 61 15.41 -12.69 30.40
CA HIS A 61 16.37 -13.60 30.98
C HIS A 61 16.84 -13.08 32.31
N PHE A 62 17.07 -11.76 32.36
CA PHE A 62 17.53 -11.10 33.59
C PHE A 62 16.54 -11.21 34.73
N ILE A 63 15.26 -11.03 34.42
CA ILE A 63 14.24 -11.13 35.46
C ILE A 63 14.18 -12.55 36.03
N HIS A 64 14.22 -13.55 35.17
CA HIS A 64 14.20 -14.94 35.63
C HIS A 64 15.48 -15.26 36.40
N THR A 65 16.62 -14.85 35.85
CA THR A 65 17.94 -15.15 36.44
C THR A 65 18.33 -14.33 37.67
N HIS A 66 18.06 -13.03 37.69
CA HIS A 66 18.53 -12.19 38.82
C HIS A 66 17.46 -11.72 39.77
N LEU A 67 16.19 -11.72 39.37
CA LEU A 67 15.14 -11.19 40.24
C LEU A 67 14.05 -12.25 40.43
N ASN A 74 1.81 -12.13 37.44
CA ASN A 74 2.63 -11.30 36.60
C ASN A 74 1.88 -10.87 35.34
N GLY A 75 2.63 -10.47 34.30
CA GLY A 75 2.03 -9.93 33.08
C GLY A 75 2.01 -8.42 33.04
N SER A 76 2.42 -7.76 34.12
CA SER A 76 2.45 -6.30 34.29
C SER A 76 1.13 -5.66 33.94
N SER A 77 1.20 -4.55 33.21
CA SER A 77 0.07 -3.75 32.80
C SER A 77 -0.76 -4.38 31.67
N ASP A 78 -0.29 -5.49 31.10
CA ASP A 78 -0.98 -6.26 30.07
C ASP A 78 -1.48 -5.44 28.90
N SER A 79 -0.64 -4.51 28.45
CA SER A 79 -0.98 -3.60 27.37
C SER A 79 -1.17 -4.33 26.06
N TYR A 80 -0.47 -5.44 25.89
CA TYR A 80 -0.59 -6.22 24.68
C TYR A 80 -2.00 -6.71 24.48
N ILE A 81 -2.62 -7.18 25.55
CA ILE A 81 -3.99 -7.67 25.47
C ILE A 81 -5.02 -6.62 25.86
N PHE A 82 -4.62 -5.56 26.56
CA PHE A 82 -5.53 -4.49 26.94
C PHE A 82 -5.21 -3.20 26.23
N LEU A 83 -4.96 -3.27 24.92
CA LEU A 83 -4.60 -2.08 24.15
C LEU A 83 -5.71 -1.02 24.11
N GLU A 84 -6.94 -1.47 23.99
CA GLU A 84 -8.09 -0.56 23.95
C GLU A 84 -8.22 0.28 25.23
N LYS A 85 -7.85 -0.33 26.35
CA LYS A 85 -7.89 0.32 27.66
C LYS A 85 -6.85 1.43 27.79
N ASP A 86 -5.70 1.22 27.17
CA ASP A 86 -4.63 2.20 27.12
C ASP A 86 -5.02 3.38 26.27
N LEU A 87 -5.74 3.11 25.19
CA LEU A 87 -6.18 4.15 24.30
C LEU A 87 -7.22 5.04 24.94
N SER A 88 -8.04 4.44 25.81
CA SER A 88 -9.04 5.19 26.54
C SER A 88 -8.39 6.16 27.49
N ALA A 89 -7.31 5.69 28.13
CA ALA A 89 -6.54 6.50 29.04
C ALA A 89 -5.92 7.67 28.30
N LEU A 90 -5.41 7.41 27.12
CA LEU A 90 -4.85 8.47 26.29
C LEU A 90 -5.90 9.51 25.93
N ASP A 91 -7.09 9.03 25.60
CA ASP A 91 -8.23 9.87 25.27
C ASP A 91 -8.61 10.76 26.43
N PHE A 92 -8.66 10.14 27.61
CA PHE A 92 -9.07 10.81 28.82
C PHE A 92 -8.17 11.98 29.17
N ILE A 93 -6.88 11.77 29.05
CA ILE A 93 -5.90 12.77 29.39
C ILE A 93 -5.85 13.94 28.37
N GLY A 94 -6.05 13.65 27.08
CA GLY A 94 -6.07 14.69 26.04
C GLY A 94 -4.72 15.08 25.45
N VAL A 95 -3.77 14.15 25.49
CA VAL A 95 -2.44 14.40 24.97
C VAL A 95 -2.43 14.48 23.45
N SER A 96 -1.64 15.41 22.93
CA SER A 96 -1.43 15.54 21.50
C SER A 96 -0.49 14.47 20.97
N PHE A 97 0.37 13.94 21.84
CA PHE A 97 1.22 12.86 21.40
C PHE A 97 1.45 11.72 22.37
N TYR A 98 1.86 10.57 21.83
CA TYR A 98 2.13 9.40 22.65
C TYR A 98 3.42 8.71 22.27
N GLN A 99 4.27 8.49 23.26
CA GLN A 99 5.54 7.81 23.02
C GLN A 99 5.54 6.39 23.56
N PHE A 100 5.71 5.44 22.67
CA PHE A 100 5.82 4.02 23.07
C PHE A 100 7.05 3.41 22.41
N SER A 101 7.37 2.19 22.78
CA SER A 101 8.50 1.52 22.13
C SER A 101 8.09 0.20 21.52
N ILE A 102 8.77 -0.13 20.44
CA ILE A 102 8.58 -1.41 19.78
C ILE A 102 9.55 -2.41 20.38
N SER A 103 9.04 -3.58 20.76
CA SER A 103 9.87 -4.66 21.27
C SER A 103 10.54 -5.34 20.11
N TRP A 104 11.84 -5.23 20.05
CA TRP A 104 12.63 -5.88 18.99
C TRP A 104 12.46 -7.41 18.95
N PRO A 105 12.46 -8.09 20.09
CA PRO A 105 12.28 -9.54 20.06
C PRO A 105 10.84 -9.98 19.84
N ARG A 106 9.89 -9.05 19.94
CA ARG A 106 8.50 -9.34 19.57
C ARG A 106 8.29 -9.31 18.07
N LEU A 107 9.16 -8.63 17.35
CA LEU A 107 9.08 -8.61 15.90
C LEU A 107 9.95 -9.67 15.36
N PHE A 108 11.16 -9.76 15.89
CA PHE A 108 12.13 -10.73 15.43
C PHE A 108 12.66 -11.50 16.61
N PRO A 109 12.06 -12.65 16.89
CA PRO A 109 12.42 -13.53 18.00
C PRO A 109 13.89 -13.88 18.11
N ASP A 110 14.57 -14.00 16.97
CA ASP A 110 15.98 -14.34 16.95
C ASP A 110 16.87 -13.14 16.70
N GLY A 111 16.30 -11.94 16.77
CA GLY A 111 17.07 -10.71 16.53
C GLY A 111 17.32 -10.35 15.08
N ILE A 112 17.88 -11.28 14.32
CA ILE A 112 18.12 -11.08 12.91
C ILE A 112 16.83 -10.82 12.17
N VAL A 113 16.90 -9.91 11.22
CA VAL A 113 15.73 -9.44 10.48
C VAL A 113 15.53 -10.25 9.21
N THR A 114 14.75 -11.32 9.35
CA THR A 114 14.42 -12.19 8.24
C THR A 114 12.91 -12.19 8.12
N VAL A 115 12.24 -12.93 8.99
CA VAL A 115 10.79 -13.04 8.94
C VAL A 115 10.22 -12.59 10.26
N ALA A 116 9.47 -11.49 10.22
CA ALA A 116 8.87 -10.91 11.38
C ALA A 116 7.70 -11.76 11.87
N ASN A 117 7.49 -11.73 13.18
CA ASN A 117 6.36 -12.40 13.80
C ASN A 117 5.14 -11.58 13.40
N ALA A 118 4.29 -12.16 12.58
CA ALA A 118 3.14 -11.45 12.01
C ALA A 118 2.12 -10.94 13.01
N LYS A 119 1.92 -11.67 14.10
CA LYS A 119 0.99 -11.24 15.14
C LYS A 119 1.48 -9.96 15.82
N GLY A 120 2.78 -9.90 16.07
CA GLY A 120 3.39 -8.74 16.71
C GLY A 120 3.32 -7.51 15.83
N LEU A 121 3.55 -7.70 14.53
CA LEU A 121 3.50 -6.60 13.58
C LEU A 121 2.11 -6.00 13.48
N GLN A 122 1.08 -6.80 13.69
CA GLN A 122 -0.27 -6.31 13.61
C GLN A 122 -0.58 -5.46 14.81
N TYR A 123 -0.06 -5.85 15.96
CA TYR A 123 -0.31 -5.11 17.19
C TYR A 123 0.22 -3.67 17.10
N TYR A 124 1.45 -3.52 16.62
CA TYR A 124 2.04 -2.19 16.51
C TYR A 124 1.42 -1.39 15.37
N SER A 125 0.90 -2.07 14.36
CA SER A 125 0.27 -1.38 13.25
C SER A 125 -1.13 -0.96 13.69
N THR A 126 -1.79 -1.81 14.45
CA THR A 126 -3.10 -1.51 14.99
C THR A 126 -3.05 -0.30 15.92
N LEU A 127 -2.01 -0.23 16.74
CA LEU A 127 -1.80 0.87 17.65
C LEU A 127 -1.60 2.19 16.92
N LEU A 128 -0.80 2.17 15.88
CA LEU A 128 -0.55 3.38 15.09
C LEU A 128 -1.80 3.81 14.38
N ASP A 129 -2.59 2.87 13.95
CA ASP A 129 -3.83 3.15 13.25
C ASP A 129 -4.77 3.77 14.24
N ALA A 130 -4.77 3.20 15.44
CA ALA A 130 -5.62 3.65 16.50
C ALA A 130 -5.29 5.09 16.84
N LEU A 131 -4.00 5.39 16.96
CA LEU A 131 -3.60 6.73 17.34
C LEU A 131 -3.92 7.79 16.26
N VAL A 132 -3.76 7.43 14.99
CA VAL A 132 -4.03 8.34 13.88
C VAL A 132 -5.51 8.73 13.81
N LEU A 133 -6.38 7.79 14.17
CA LEU A 133 -7.81 7.99 14.19
C LEU A 133 -8.25 9.06 15.18
N ARG A 134 -7.51 9.18 16.27
CA ARG A 134 -7.80 10.16 17.29
C ARG A 134 -6.79 11.30 17.27
N ASN A 135 -6.25 11.59 16.08
CA ASN A 135 -5.30 12.68 15.83
C ASN A 135 -4.15 12.79 16.83
N ILE A 136 -3.74 11.66 17.41
CA ILE A 136 -2.64 11.62 18.36
C ILE A 136 -1.37 11.21 17.64
N GLU A 137 -0.39 12.12 17.61
CA GLU A 137 0.89 11.89 16.98
C GLU A 137 1.72 10.90 17.82
N PRO A 138 2.28 9.88 17.19
CA PRO A 138 3.14 8.93 17.91
C PRO A 138 4.62 9.27 17.82
N ILE A 139 5.34 8.94 18.86
CA ILE A 139 6.78 9.04 18.90
C ILE A 139 7.21 7.62 19.16
N VAL A 140 7.95 7.04 18.24
CA VAL A 140 8.26 5.62 18.36
C VAL A 140 9.73 5.41 18.65
N THR A 141 9.99 4.67 19.72
CA THR A 141 11.32 4.33 20.14
C THR A 141 11.62 2.91 19.67
N LEU A 142 12.68 2.76 18.89
CA LEU A 142 13.09 1.44 18.39
C LEU A 142 13.63 0.55 19.51
N TYR A 143 14.40 1.13 20.43
CA TYR A 143 15.07 0.37 21.49
C TYR A 143 14.90 0.94 22.88
N HIS A 144 14.19 0.22 23.74
CA HIS A 144 14.04 0.58 25.14
C HIS A 144 14.54 -0.55 26.02
N TRP A 145 15.83 -0.83 25.84
CA TRP A 145 16.65 -1.77 26.61
C TRP A 145 16.35 -3.25 26.41
N ASP A 146 15.39 -3.62 25.57
CA ASP A 146 15.02 -5.03 25.41
C ASP A 146 15.74 -5.70 24.24
N LEU A 147 17.04 -5.94 24.38
CA LEU A 147 17.79 -6.59 23.34
C LEU A 147 17.30 -8.03 23.24
N PRO A 148 17.15 -8.55 22.03
CA PRO A 148 16.76 -9.94 21.89
C PRO A 148 17.84 -10.83 22.50
N LEU A 149 17.42 -11.85 23.24
CA LEU A 149 18.37 -12.71 23.93
C LEU A 149 19.29 -13.46 22.97
N ALA A 150 18.74 -13.82 21.82
CA ALA A 150 19.48 -14.53 20.79
C ALA A 150 20.73 -13.77 20.37
N LEU A 151 20.61 -12.45 20.20
CA LEU A 151 21.73 -11.61 19.80
C LEU A 151 22.80 -11.54 20.87
N GLN A 152 22.40 -11.46 22.13
CA GLN A 152 23.35 -11.40 23.24
C GLN A 152 24.17 -12.66 23.36
N GLU A 153 23.47 -13.79 23.25
CA GLU A 153 24.10 -15.09 23.32
C GLU A 153 25.05 -15.34 22.16
N LYS A 154 24.61 -15.02 20.95
CA LYS A 154 25.43 -15.30 19.77
C LYS A 154 26.61 -14.36 19.58
N TYR A 155 26.43 -13.05 19.79
CA TYR A 155 27.50 -12.09 19.51
C TYR A 155 28.02 -11.30 20.70
N GLY A 156 27.34 -11.36 21.84
CA GLY A 156 27.69 -10.51 22.97
C GLY A 156 27.00 -9.17 22.91
N GLY A 157 25.83 -9.11 22.26
CA GLY A 157 25.01 -7.90 22.21
C GLY A 157 25.71 -6.67 21.67
N TRP A 158 25.65 -5.58 22.43
CA TRP A 158 26.24 -4.31 21.99
C TRP A 158 27.77 -4.26 22.06
N LYS A 159 28.38 -5.32 22.62
CA LYS A 159 29.82 -5.48 22.59
C LYS A 159 30.29 -5.80 21.21
N ASN A 160 29.47 -6.48 20.41
CA ASN A 160 29.85 -6.79 19.05
C ASN A 160 29.40 -5.67 18.14
N ASP A 161 30.26 -5.29 17.21
CA ASP A 161 29.91 -4.26 16.22
C ASP A 161 29.10 -4.80 15.04
N THR A 162 28.96 -6.12 15.01
CA THR A 162 28.13 -6.82 14.06
C THR A 162 26.67 -6.39 14.19
N ILE A 163 26.23 -6.14 15.42
CA ILE A 163 24.83 -5.79 15.64
C ILE A 163 24.47 -4.35 15.25
N ILE A 164 25.48 -3.53 14.94
CA ILE A 164 25.23 -2.21 14.39
C ILE A 164 24.48 -2.38 13.09
N ASP A 165 24.90 -3.33 12.28
CA ASP A 165 24.25 -3.57 11.00
C ASP A 165 22.95 -4.31 11.18
N ILE A 166 22.84 -5.15 12.21
CA ILE A 166 21.59 -5.83 12.52
C ILE A 166 20.58 -4.82 13.04
N PHE A 167 21.02 -3.88 13.87
CA PHE A 167 20.12 -2.85 14.40
C PHE A 167 19.59 -1.98 13.28
N ASN A 168 20.44 -1.72 12.28
CA ASN A 168 20.05 -0.93 11.14
C ASN A 168 19.01 -1.65 10.29
N ASP A 169 19.11 -2.97 10.24
CA ASP A 169 18.13 -3.79 9.52
C ASP A 169 16.79 -3.69 10.21
N TYR A 170 16.82 -3.74 11.54
CA TYR A 170 15.63 -3.64 12.35
C TYR A 170 14.98 -2.26 12.23
N ALA A 171 15.81 -1.24 12.23
CA ALA A 171 15.33 0.12 12.04
C ALA A 171 14.77 0.29 10.63
N THR A 172 15.41 -0.33 9.65
CA THR A 172 14.94 -0.23 8.27
C THR A 172 13.57 -0.86 8.08
N TYR A 173 13.39 -2.01 8.68
CA TYR A 173 12.13 -2.71 8.62
C TYR A 173 11.02 -1.88 9.25
N CYS A 174 11.35 -1.19 10.35
CA CYS A 174 10.38 -0.38 11.05
C CYS A 174 10.00 0.85 10.26
N PHE A 175 10.95 1.49 9.59
CA PHE A 175 10.64 2.67 8.79
C PHE A 175 9.76 2.32 7.63
N GLN A 176 9.99 1.16 7.03
CA GLN A 176 9.15 0.71 5.93
C GLN A 176 7.74 0.38 6.38
N MET A 177 7.62 -0.34 7.48
CA MET A 177 6.33 -0.77 8.00
C MET A 177 5.48 0.34 8.62
N PHE A 178 6.10 1.22 9.40
CA PHE A 178 5.35 2.22 10.15
C PHE A 178 5.60 3.68 9.76
N GLY A 179 6.63 3.94 8.96
CA GLY A 179 7.06 5.30 8.70
C GLY A 179 6.11 6.27 8.04
N ASP A 180 5.05 5.78 7.40
CA ASP A 180 4.12 6.69 6.73
C ASP A 180 3.12 7.37 7.67
N ARG A 181 3.02 6.86 8.88
CA ARG A 181 2.16 7.46 9.88
C ARG A 181 2.94 7.72 11.16
N VAL A 182 4.27 7.78 11.04
CA VAL A 182 5.14 8.15 12.16
C VAL A 182 5.99 9.32 11.74
N LYS A 183 5.92 10.41 12.47
CA LYS A 183 6.74 11.58 12.16
C LYS A 183 7.88 11.78 13.15
N TYR A 184 7.83 11.09 14.29
CA TYR A 184 8.86 11.23 15.29
C TYR A 184 9.49 9.89 15.64
N TRP A 185 10.82 9.83 15.62
CA TRP A 185 11.54 8.59 15.91
C TRP A 185 12.66 8.80 16.93
N ILE A 186 12.80 7.84 17.84
CA ILE A 186 13.89 7.82 18.80
C ILE A 186 14.60 6.51 18.62
N THR A 187 15.89 6.52 18.27
CA THR A 187 16.59 5.24 18.08
C THR A 187 16.84 4.46 19.39
N ILE A 188 17.47 5.09 20.36
CA ILE A 188 17.80 4.44 21.62
C ILE A 188 17.38 5.33 22.79
N HIS A 189 16.75 4.74 23.80
CA HIS A 189 16.35 5.47 24.97
C HIS A 189 17.42 5.31 26.00
N ASN A 190 17.98 6.44 26.42
CA ASN A 190 18.98 6.50 27.48
C ASN A 190 20.15 5.51 27.32
N PRO A 191 20.98 5.72 26.31
CA PRO A 191 22.16 4.88 26.08
C PRO A 191 23.16 4.86 27.24
N TYR A 192 23.23 5.94 28.00
CA TYR A 192 24.08 6.00 29.19
C TYR A 192 23.79 4.84 30.15
N LEU A 193 22.53 4.66 30.50
CA LEU A 193 22.14 3.57 31.40
C LEU A 193 22.37 2.20 30.79
N VAL A 194 22.07 2.06 29.51
CA VAL A 194 22.27 0.81 28.79
C VAL A 194 23.70 0.35 28.89
N ALA A 195 24.62 1.28 28.75
CA ALA A 195 26.05 1.00 28.81
C ALA A 195 26.56 0.93 30.23
N TRP A 196 26.15 1.87 31.07
CA TRP A 196 26.65 1.93 32.44
C TRP A 196 26.01 0.92 33.38
N HIS A 197 24.70 0.77 33.39
CA HIS A 197 24.08 -0.22 34.28
C HIS A 197 24.19 -1.64 33.73
N GLY A 198 24.24 -1.76 32.42
CA GLY A 198 24.33 -3.04 31.77
C GLY A 198 25.71 -3.66 31.84
N TYR A 199 26.75 -2.84 31.72
CA TYR A 199 28.12 -3.35 31.71
C TYR A 199 29.06 -2.80 32.78
N GLY A 200 28.64 -1.78 33.52
CA GLY A 200 29.50 -1.15 34.54
C GLY A 200 29.14 -1.61 35.95
N THR A 201 27.87 -1.50 36.29
CA THR A 201 27.40 -1.87 37.62
C THR A 201 26.76 -3.23 37.67
N GLY A 202 26.18 -3.68 36.54
CA GLY A 202 25.48 -4.95 36.48
C GLY A 202 24.05 -4.89 37.02
N MET A 203 23.56 -3.68 37.24
CA MET A 203 22.26 -3.44 37.82
C MET A 203 21.13 -3.61 36.78
N HIS A 204 21.51 -3.55 35.50
CA HIS A 204 20.60 -3.78 34.38
C HIS A 204 21.08 -4.96 33.56
N ALA A 205 20.18 -5.51 32.74
CA ALA A 205 20.57 -6.57 31.81
C ALA A 205 21.59 -6.00 30.80
N PRO A 206 22.63 -6.74 30.46
CA PRO A 206 22.78 -8.17 30.67
C PRO A 206 23.43 -8.54 32.00
N GLY A 207 23.74 -7.56 32.83
CA GLY A 207 24.30 -7.82 34.15
C GLY A 207 25.81 -7.98 34.16
N GLU A 208 26.48 -7.47 33.14
CA GLU A 208 27.93 -7.55 33.07
C GLU A 208 28.55 -6.51 33.97
N LYS A 209 29.77 -6.78 34.41
CA LYS A 209 30.39 -5.96 35.42
C LYS A 209 31.88 -6.25 35.44
N GLY A 210 32.67 -5.26 35.84
CA GLY A 210 34.11 -5.44 36.03
C GLY A 210 35.05 -5.25 34.85
N ASN A 211 34.53 -4.82 33.71
CA ASN A 211 35.37 -4.45 32.59
C ASN A 211 34.88 -3.08 32.12
N LEU A 212 35.69 -2.05 32.35
CA LEU A 212 35.35 -0.70 31.96
C LEU A 212 35.40 -0.53 30.44
N ALA A 213 36.26 -1.28 29.78
CA ALA A 213 36.34 -1.26 28.32
C ALA A 213 35.05 -1.73 27.70
N ALA A 214 34.41 -2.73 28.30
CA ALA A 214 33.13 -3.22 27.80
C ALA A 214 32.07 -2.13 27.86
N VAL A 215 32.08 -1.35 28.94
CA VAL A 215 31.13 -0.23 29.08
C VAL A 215 31.27 0.75 27.94
N TYR A 216 32.49 1.13 27.64
CA TYR A 216 32.73 2.13 26.62
C TYR A 216 32.69 1.57 25.21
N THR A 217 32.98 0.29 25.04
CA THR A 217 32.81 -0.35 23.73
C THR A 217 31.33 -0.41 23.37
N VAL A 218 30.50 -0.65 24.38
CA VAL A 218 29.06 -0.70 24.19
C VAL A 218 28.51 0.66 23.83
N GLY A 219 29.03 1.70 24.48
CA GLY A 219 28.63 3.06 24.18
C GLY A 219 29.02 3.48 22.78
N HIS A 220 30.19 3.01 22.34
CA HIS A 220 30.69 3.27 21.00
C HIS A 220 29.76 2.67 19.94
N ASN A 221 29.36 1.43 20.17
CA ASN A 221 28.46 0.73 19.26
C ASN A 221 27.07 1.35 19.21
N LEU A 222 26.59 1.79 20.37
CA LEU A 222 25.31 2.45 20.48
C LEU A 222 25.31 3.74 19.69
N ILE A 223 26.38 4.49 19.82
CA ILE A 223 26.51 5.76 19.12
C ILE A 223 26.56 5.52 17.63
N LYS A 224 27.38 4.57 17.22
CA LYS A 224 27.53 4.25 15.81
C LYS A 224 26.26 3.70 15.21
N ALA A 225 25.55 2.88 15.96
CA ALA A 225 24.30 2.32 15.48
C ALA A 225 23.28 3.43 15.24
N HIS A 226 23.22 4.39 16.14
CA HIS A 226 22.33 5.52 15.98
C HIS A 226 22.65 6.36 14.77
N SER A 227 23.93 6.64 14.58
CA SER A 227 24.36 7.44 13.44
C SER A 227 24.03 6.76 12.13
N LYS A 228 24.24 5.45 12.08
CA LYS A 228 23.96 4.67 10.89
C LYS A 228 22.47 4.68 10.58
N VAL A 229 21.63 4.54 11.60
CA VAL A 229 20.19 4.59 11.44
C VAL A 229 19.75 5.98 10.98
N TRP A 230 20.36 7.02 11.51
CA TRP A 230 20.01 8.36 11.09
C TRP A 230 20.36 8.57 9.64
N HIS A 231 21.52 8.08 9.22
CA HIS A 231 21.95 8.25 7.84
C HIS A 231 21.09 7.43 6.91
N ASN A 232 20.67 6.28 7.39
CA ASN A 232 19.77 5.42 6.66
C ASN A 232 18.44 6.12 6.43
N TYR A 233 17.88 6.65 7.50
CA TYR A 233 16.62 7.38 7.43
C TYR A 233 16.71 8.61 6.53
N ASN A 234 17.73 9.41 6.76
CA ASN A 234 17.96 10.65 6.02
C ASN A 234 18.01 10.42 4.52
N THR A 235 18.75 9.39 4.11
CA THR A 235 18.90 9.04 2.70
C THR A 235 17.69 8.32 2.09
N HIS A 236 17.17 7.31 2.78
CA HIS A 236 16.13 6.47 2.22
C HIS A 236 14.70 6.76 2.59
N PHE A 237 14.45 7.29 3.79
CA PHE A 237 13.08 7.50 4.21
C PHE A 237 12.64 8.95 4.37
N ARG A 238 13.58 9.87 4.59
CA ARG A 238 13.21 11.26 4.87
C ARG A 238 12.50 11.99 3.72
N PRO A 239 12.91 11.74 2.47
CA PRO A 239 12.28 12.46 1.36
C PRO A 239 10.78 12.21 1.20
N HIS A 240 10.37 10.95 1.32
CA HIS A 240 8.94 10.61 1.28
C HIS A 240 8.23 10.88 2.60
N GLN A 241 8.82 10.46 3.70
CA GLN A 241 8.20 10.55 5.05
C GLN A 241 8.30 11.90 5.78
N LYS A 242 9.42 12.62 5.62
CA LYS A 242 9.66 13.92 6.25
C LYS A 242 9.44 13.95 7.77
N GLY A 243 9.97 12.93 8.45
CA GLY A 243 9.90 12.84 9.91
C GLY A 243 11.12 13.40 10.62
N TRP A 244 11.12 13.26 11.94
CA TRP A 244 12.17 13.78 12.80
C TRP A 244 12.75 12.63 13.61
N LEU A 245 14.07 12.41 13.52
CA LEU A 245 14.69 11.30 14.25
C LEU A 245 15.78 11.76 15.23
N SER A 246 15.73 11.24 16.46
CA SER A 246 16.71 11.58 17.50
C SER A 246 17.03 10.38 18.38
N ILE A 247 17.72 10.68 19.48
CA ILE A 247 18.14 9.69 20.45
C ILE A 247 17.87 10.32 21.80
N THR A 248 17.25 9.58 22.71
CA THR A 248 16.92 10.13 24.02
C THR A 248 18.07 9.96 24.98
N LEU A 249 18.67 11.08 25.38
CA LEU A 249 19.79 11.09 26.29
C LEU A 249 19.33 11.54 27.64
N GLY A 250 19.51 10.69 28.64
CA GLY A 250 19.15 11.00 29.99
C GLY A 250 20.33 11.55 30.78
N SER A 251 20.01 12.34 31.81
CA SER A 251 21.01 12.92 32.66
C SER A 251 20.43 13.34 34.00
N HIS A 252 21.33 13.69 34.89
CA HIS A 252 21.01 14.22 36.21
C HIS A 252 21.43 15.69 36.22
N TRP A 253 21.24 16.36 37.36
CA TRP A 253 21.77 17.70 37.50
C TRP A 253 22.60 17.75 38.78
N ILE A 254 23.66 18.55 38.78
CA ILE A 254 24.54 18.66 39.91
C ILE A 254 24.86 20.14 40.20
N GLU A 255 24.90 20.49 41.49
CA GLU A 255 25.22 21.84 41.93
C GLU A 255 26.48 21.78 42.77
N PRO A 256 27.25 22.87 42.80
CA PRO A 256 28.48 22.90 43.59
C PRO A 256 28.24 22.83 45.10
N ASN A 257 29.18 22.26 45.83
CA ASN A 257 29.13 22.23 47.30
C ASN A 257 29.25 23.62 47.92
N ARG A 258 30.07 24.47 47.33
CA ARG A 258 30.16 25.86 47.77
C ARG A 258 29.74 26.64 46.57
N SER A 259 28.76 27.52 46.73
CA SER A 259 28.15 28.19 45.57
C SER A 259 29.14 28.87 44.63
N GLU A 260 30.16 29.52 45.16
CA GLU A 260 31.10 30.23 44.29
C GLU A 260 32.42 29.49 44.02
N ASN A 261 32.65 28.36 44.68
CA ASN A 261 33.92 27.63 44.49
C ASN A 261 34.09 27.14 43.06
N THR A 262 35.03 27.75 42.35
CA THR A 262 35.29 27.41 40.95
C THR A 262 35.72 25.97 40.76
N MET A 263 36.51 25.42 41.68
CA MET A 263 36.91 24.01 41.59
C MET A 263 35.68 23.08 41.68
N ASP A 264 34.75 23.43 42.56
CA ASP A 264 33.51 22.67 42.72
C ASP A 264 32.73 22.68 41.42
N ILE A 265 32.65 23.86 40.79
CA ILE A 265 31.95 24.02 39.54
C ILE A 265 32.58 23.17 38.45
N PHE A 266 33.91 23.15 38.42
CA PHE A 266 34.66 22.36 37.45
C PHE A 266 34.35 20.86 37.62
N LYS A 267 34.26 20.43 38.87
CA LYS A 267 33.88 19.07 39.18
C LYS A 267 32.47 18.76 38.73
N CYS A 268 31.57 19.71 38.90
CA CYS A 268 30.20 19.58 38.39
C CYS A 268 30.18 19.35 36.88
N GLN A 269 30.93 20.17 36.15
CA GLN A 269 31.02 20.07 34.69
C GLN A 269 31.51 18.70 34.26
N GLN A 270 32.47 18.16 34.98
CA GLN A 270 33.00 16.81 34.71
C GLN A 270 31.92 15.76 34.87
N SER A 271 31.09 15.93 35.89
CA SER A 271 29.99 15.03 36.18
C SER A 271 28.96 15.03 35.05
N MET A 272 28.65 16.23 34.55
CA MET A 272 27.73 16.39 33.45
C MET A 272 28.28 15.81 32.18
N VAL A 273 29.57 16.02 31.93
CA VAL A 273 30.20 15.49 30.73
C VAL A 273 30.31 13.96 30.76
N SER A 274 30.51 13.41 31.95
CA SER A 274 30.61 11.97 32.12
C SER A 274 29.31 11.25 31.73
N VAL A 275 28.17 11.89 31.97
CA VAL A 275 26.88 11.28 31.64
C VAL A 275 26.36 11.79 30.30
N LEU A 276 26.01 13.07 30.24
CA LEU A 276 25.40 13.67 29.06
C LEU A 276 26.35 13.92 27.91
N GLY A 277 27.50 14.51 28.20
CA GLY A 277 28.49 14.84 27.16
C GLY A 277 29.04 13.64 26.41
N TRP A 278 29.03 12.49 27.07
CA TRP A 278 29.55 11.25 26.52
C TRP A 278 28.87 10.92 25.21
N PHE A 279 27.55 11.03 25.17
CA PHE A 279 26.80 10.75 23.94
C PHE A 279 26.46 12.00 23.14
N ALA A 280 26.21 13.11 23.83
CA ALA A 280 25.82 14.35 23.16
C ALA A 280 26.93 14.96 22.30
N ASN A 281 28.18 14.85 22.72
CA ASN A 281 29.26 15.43 21.93
C ASN A 281 29.44 14.74 20.58
N PRO A 282 29.42 13.41 20.55
CA PRO A 282 29.54 12.76 19.26
C PRO A 282 28.36 13.05 18.36
N ILE A 283 27.18 13.20 18.95
CA ILE A 283 25.96 13.36 18.19
C ILE A 283 25.49 14.80 17.95
N HIS A 284 25.48 15.62 18.99
CA HIS A 284 25.00 17.01 18.85
C HIS A 284 26.14 17.98 18.70
N GLY A 285 27.37 17.48 18.85
CA GLY A 285 28.57 18.29 18.93
C GLY A 285 29.50 18.07 17.76
N ASP A 286 30.80 17.93 18.04
CA ASP A 286 31.83 17.84 16.99
C ASP A 286 32.15 16.44 16.48
N GLY A 287 31.34 15.45 16.86
CA GLY A 287 31.49 14.09 16.35
C GLY A 287 32.49 13.26 17.11
N ASP A 288 33.03 13.82 18.19
CA ASP A 288 34.00 13.12 19.01
C ASP A 288 33.62 13.22 20.48
N TYR A 289 34.19 12.33 21.27
CA TYR A 289 33.97 12.32 22.72
C TYR A 289 34.57 13.56 23.38
N PRO A 290 34.01 13.96 24.53
CA PRO A 290 34.55 15.11 25.26
C PRO A 290 36.03 14.97 25.55
N GLU A 291 36.76 16.07 25.37
CA GLU A 291 38.21 16.07 25.53
C GLU A 291 38.63 15.53 26.90
N GLY A 292 37.91 15.91 27.94
CA GLY A 292 38.18 15.46 29.31
C GLY A 292 38.13 13.96 29.41
N MET A 293 37.11 13.37 28.79
CA MET A 293 36.95 11.92 28.76
C MET A 293 38.08 11.16 28.07
N ARG A 294 38.59 11.73 26.98
CA ARG A 294 39.64 11.09 26.18
C ARG A 294 40.96 10.97 26.93
N LYS A 295 41.25 11.95 27.77
CA LYS A 295 42.46 11.91 28.61
C LYS A 295 42.28 10.93 29.76
N LYS A 296 41.10 10.99 30.39
CA LYS A 296 40.78 10.18 31.57
C LYS A 296 40.61 8.69 31.30
N LEU A 297 40.07 8.33 30.14
CA LEU A 297 39.84 6.93 29.81
C LEU A 297 40.72 6.54 28.65
N PHE A 298 41.99 6.92 28.74
CA PHE A 298 42.91 6.77 27.61
C PHE A 298 42.97 5.34 26.99
N SER A 299 43.22 4.28 27.77
CA SER A 299 43.31 2.92 27.19
C SER A 299 41.99 2.12 27.25
N VAL A 300 40.86 2.80 27.44
CA VAL A 300 39.54 2.18 27.57
C VAL A 300 38.52 2.71 26.54
N LEU A 301 38.49 4.03 26.39
CA LEU A 301 37.58 4.66 25.45
C LEU A 301 38.03 4.42 24.04
N PRO A 302 37.14 3.94 23.19
CA PRO A 302 37.49 3.72 21.78
C PRO A 302 37.69 5.01 21.01
N ILE A 303 38.42 4.92 19.92
CA ILE A 303 38.77 6.08 19.12
C ILE A 303 37.91 6.14 17.85
N PHE A 304 37.35 7.31 17.61
CA PHE A 304 36.58 7.56 16.41
C PHE A 304 37.55 7.95 15.31
N SER A 305 37.39 7.37 14.13
CA SER A 305 38.20 7.79 12.99
C SER A 305 37.70 9.14 12.46
N GLU A 306 38.57 9.85 11.74
CA GLU A 306 38.19 11.15 11.19
C GLU A 306 36.94 11.07 10.32
N ALA A 307 36.82 10.00 9.57
CA ALA A 307 35.63 9.77 8.76
C ALA A 307 34.42 9.63 9.67
N GLU A 308 34.59 8.84 10.73
CA GLU A 308 33.54 8.58 11.70
C GLU A 308 33.09 9.83 12.44
N LYS A 309 34.01 10.73 12.75
CA LYS A 309 33.67 11.97 13.45
C LYS A 309 32.68 12.81 12.65
N HIS A 310 32.89 12.89 11.35
CA HIS A 310 31.98 13.61 10.46
C HIS A 310 30.60 12.94 10.39
N GLU A 311 30.58 11.61 10.35
CA GLU A 311 29.31 10.87 10.27
C GLU A 311 28.51 10.80 11.57
N MET A 312 29.17 10.85 12.73
CA MET A 312 28.48 10.80 14.01
C MET A 312 27.68 12.07 14.27
N ARG A 313 28.24 13.21 13.90
CA ARG A 313 27.63 14.51 14.21
C ARG A 313 26.51 14.92 13.27
N GLY A 314 25.57 15.68 13.83
CA GLY A 314 24.43 16.15 13.08
C GLY A 314 23.39 15.09 12.87
N THR A 315 23.42 14.04 13.69
CA THR A 315 22.52 12.90 13.51
C THR A 315 21.34 12.89 14.47
N ALA A 316 20.89 14.06 14.89
CA ALA A 316 19.66 14.11 15.66
C ALA A 316 18.88 15.33 15.26
N ASP A 317 17.61 15.12 14.94
CA ASP A 317 16.77 16.19 14.41
C ASP A 317 16.24 17.12 15.49
N PHE A 318 16.34 16.69 16.74
CA PHE A 318 16.05 17.52 17.92
C PHE A 318 16.84 16.99 19.11
N PHE A 319 16.81 17.70 20.23
CA PHE A 319 17.48 17.22 21.42
C PHE A 319 16.45 16.59 22.32
N ALA A 320 16.42 15.27 22.35
CA ALA A 320 15.48 14.55 23.21
C ALA A 320 16.11 14.34 24.56
N PHE A 321 15.57 14.99 25.59
CA PHE A 321 16.17 14.95 26.91
C PHE A 321 15.35 14.18 27.92
N SER A 322 15.99 13.26 28.64
CA SER A 322 15.31 12.50 29.67
C SER A 322 15.80 12.97 31.03
N PHE A 323 14.86 13.36 31.89
CA PHE A 323 15.18 13.84 33.21
C PHE A 323 14.28 13.19 34.24
N GLY A 324 14.69 12.02 34.74
CA GLY A 324 13.84 11.27 35.64
C GLY A 324 14.60 10.45 36.66
N PRO A 325 13.89 9.61 37.40
CA PRO A 325 14.45 8.79 38.49
C PRO A 325 15.59 7.84 38.09
N ASN A 326 15.57 7.35 36.85
CA ASN A 326 16.59 6.43 36.36
C ASN A 326 17.98 7.03 36.34
N ASN A 327 18.07 8.34 36.15
CA ASN A 327 19.35 9.04 36.19
C ASN A 327 19.75 9.57 37.55
N PHE A 328 18.93 9.37 38.57
CA PHE A 328 19.26 9.80 39.93
C PHE A 328 19.40 8.67 40.93
N LYS A 329 18.70 7.57 40.74
CA LYS A 329 18.73 6.46 41.72
C LYS A 329 19.02 5.15 41.00
N PRO A 330 19.92 4.33 41.54
CA PRO A 330 20.57 4.52 42.84
C PRO A 330 21.78 5.44 42.76
N LEU A 331 22.52 5.57 43.86
CA LEU A 331 23.70 6.44 43.86
C LEU A 331 24.91 5.95 43.08
N ASN A 332 24.93 4.70 42.63
CA ASN A 332 26.00 4.21 41.75
C ASN A 332 25.74 4.50 40.25
N THR A 333 24.62 5.13 39.96
CA THR A 333 24.22 5.53 38.61
C THR A 333 25.11 6.59 37.99
N MET A 334 25.61 7.52 38.79
CA MET A 334 26.41 8.60 38.25
C MET A 334 27.63 8.89 39.10
N ALA A 335 28.63 9.53 38.50
CA ALA A 335 29.81 9.97 39.23
C ALA A 335 29.58 11.44 39.58
N LYS A 336 29.48 11.73 40.87
CA LYS A 336 29.16 13.08 41.33
C LYS A 336 30.37 13.97 41.55
N MET A 337 31.57 13.38 41.52
CA MET A 337 32.80 14.13 41.83
C MET A 337 32.67 14.84 43.18
N GLY A 338 32.04 14.17 44.14
CA GLY A 338 31.78 14.71 45.46
C GLY A 338 30.96 15.98 45.51
N GLN A 339 29.98 16.13 44.62
CA GLN A 339 29.13 17.32 44.59
C GLN A 339 27.67 17.00 44.89
N ASN A 340 26.80 18.00 44.78
CA ASN A 340 25.39 17.87 45.15
C ASN A 340 24.46 17.51 44.01
N VAL A 341 23.88 16.33 44.05
CA VAL A 341 22.91 15.96 43.03
C VAL A 341 21.72 16.91 43.17
N SER A 342 21.24 17.40 42.03
CA SER A 342 20.19 18.42 42.01
C SER A 342 19.11 18.07 41.02
N LEU A 343 17.90 18.52 41.31
CA LEU A 343 16.76 18.23 40.45
C LEU A 343 16.34 19.46 39.69
N ASN A 344 17.30 20.31 39.39
CA ASN A 344 17.02 21.57 38.72
C ASN A 344 16.93 21.29 37.23
N LEU A 345 15.70 21.08 36.75
CA LEU A 345 15.46 20.84 35.34
C LEU A 345 15.81 22.06 34.51
N ARG A 346 15.50 23.24 35.05
CA ARG A 346 15.80 24.49 34.37
C ARG A 346 17.29 24.66 34.07
N GLU A 347 18.13 24.40 35.06
CA GLU A 347 19.57 24.58 34.89
C GLU A 347 20.12 23.57 33.90
N ALA A 348 19.56 22.36 33.92
CA ALA A 348 19.99 21.30 33.01
C ALA A 348 19.71 21.70 31.57
N LEU A 349 18.57 22.31 31.33
CA LEU A 349 18.19 22.79 30.00
C LEU A 349 19.14 23.89 29.50
N ASN A 350 19.60 24.73 30.42
CA ASN A 350 20.54 25.80 30.09
C ASN A 350 21.91 25.25 29.76
N TRP A 351 22.25 24.16 30.39
CA TRP A 351 23.49 23.47 30.12
C TRP A 351 23.48 22.94 28.70
N ILE A 352 22.34 22.39 28.27
CA ILE A 352 22.21 21.88 26.92
C ILE A 352 22.28 23.02 25.92
N LYS A 353 21.61 24.12 26.26
CA LYS A 353 21.61 25.29 25.41
C LYS A 353 23.02 25.83 25.18
N LEU A 354 23.80 25.94 26.24
CA LEU A 354 25.15 26.50 26.13
C LEU A 354 26.12 25.56 25.47
N GLU A 355 26.12 24.31 25.88
CA GLU A 355 27.06 23.32 25.37
C GLU A 355 26.72 22.86 23.96
N TYR A 356 25.43 22.82 23.60
CA TYR A 356 25.06 22.27 22.29
C TYR A 356 24.35 23.23 21.35
N ASN A 357 24.80 24.47 21.36
CA ASN A 357 24.35 25.52 20.43
C ASN A 357 22.85 25.82 20.38
N ASN A 358 22.22 25.88 21.55
CA ASN A 358 20.80 26.22 21.68
C ASN A 358 19.89 25.50 20.68
N PRO A 359 19.75 24.20 20.85
CA PRO A 359 18.90 23.39 19.99
C PRO A 359 17.42 23.36 20.41
N ARG A 360 16.57 22.86 19.52
CA ARG A 360 15.18 22.62 19.86
C ARG A 360 15.16 21.39 20.76
N ILE A 361 14.38 21.43 21.84
CA ILE A 361 14.42 20.37 22.85
C ILE A 361 13.06 19.73 23.08
N LEU A 362 13.01 18.40 23.12
CA LEU A 362 11.79 17.71 23.50
C LEU A 362 12.11 17.01 24.80
N ILE A 363 11.29 17.19 25.82
CA ILE A 363 11.49 16.48 27.08
C ILE A 363 10.97 15.07 26.85
N ALA A 364 11.89 14.15 26.53
CA ALA A 364 11.53 12.79 26.18
C ALA A 364 10.92 12.02 27.34
N GLU A 365 11.37 12.30 28.55
CA GLU A 365 10.79 11.65 29.71
C GLU A 365 10.96 12.55 30.90
N ASN A 366 9.88 12.74 31.64
CA ASN A 366 9.98 13.50 32.86
C ASN A 366 8.98 13.05 33.87
N GLY A 367 9.43 12.95 35.11
CA GLY A 367 8.56 12.62 36.20
C GLY A 367 9.37 12.07 37.34
N TRP A 368 8.65 11.50 38.29
CA TRP A 368 9.24 10.91 39.49
C TRP A 368 8.51 9.61 39.80
N PHE A 369 8.60 9.13 41.03
CA PHE A 369 7.94 7.92 41.41
C PHE A 369 7.41 8.03 42.82
N THR A 370 6.49 7.11 43.10
CA THR A 370 5.93 6.93 44.42
C THR A 370 6.15 5.50 44.85
N ASP A 371 5.87 5.24 46.12
CA ASP A 371 5.96 3.89 46.68
C ASP A 371 4.79 3.07 46.14
N SER A 372 4.98 1.75 45.99
CA SER A 372 3.91 0.88 45.48
C SER A 372 2.59 1.02 46.24
N ARG A 373 2.67 1.25 47.54
CA ARG A 373 1.48 1.39 48.37
C ARG A 373 0.63 2.63 48.04
N VAL A 374 1.20 3.64 47.39
CA VAL A 374 0.42 4.80 46.98
C VAL A 374 -0.35 4.42 45.73
N LYS A 375 -1.68 4.41 45.81
CA LYS A 375 -2.51 4.01 44.68
C LYS A 375 -3.04 5.14 43.82
N THR A 376 -3.93 5.95 44.36
CA THR A 376 -4.58 6.98 43.57
C THR A 376 -4.31 8.41 44.03
N GLU A 377 -4.03 8.61 45.31
CA GLU A 377 -3.73 9.94 45.81
C GLU A 377 -2.23 10.21 45.77
N ASP A 378 -1.69 10.40 44.56
CA ASP A 378 -0.26 10.69 44.43
C ASP A 378 -0.04 12.19 44.45
N THR A 379 -0.04 12.77 45.64
CA THR A 379 0.18 14.20 45.80
C THR A 379 1.60 14.59 45.39
N THR A 380 2.56 13.73 45.68
CA THR A 380 3.94 14.02 45.36
C THR A 380 4.14 14.15 43.86
N ALA A 381 3.45 13.31 43.10
CA ALA A 381 3.55 13.33 41.66
C ALA A 381 3.07 14.65 41.10
N ILE A 382 2.00 15.19 41.69
CA ILE A 382 1.46 16.47 41.26
C ILE A 382 2.47 17.57 41.58
N TYR A 383 3.03 17.53 42.78
CA TYR A 383 4.04 18.51 43.19
C TYR A 383 5.23 18.44 42.26
N MET A 384 5.66 17.22 41.98
CA MET A 384 6.80 16.99 41.14
C MET A 384 6.56 17.51 39.72
N MET A 385 5.38 17.23 39.20
CA MET A 385 5.03 17.68 37.87
C MET A 385 4.95 19.19 37.85
N LYS A 386 4.32 19.75 38.87
CA LYS A 386 4.19 21.19 38.99
C LYS A 386 5.55 21.85 39.14
N ASN A 387 6.42 21.24 39.93
CA ASN A 387 7.77 21.74 40.11
C ASN A 387 8.47 21.79 38.75
N PHE A 388 8.51 20.63 38.07
CA PHE A 388 9.17 20.48 36.78
C PHE A 388 8.58 21.30 35.63
N LEU A 389 7.25 21.33 35.54
CA LEU A 389 6.60 22.10 34.49
C LEU A 389 6.85 23.59 34.62
N SER A 390 6.93 24.07 35.87
CA SER A 390 7.22 25.46 36.12
C SER A 390 8.63 25.81 35.66
N GLN A 391 9.56 24.89 35.88
CA GLN A 391 10.94 25.09 35.46
C GLN A 391 11.06 25.10 33.93
N VAL A 392 10.25 24.28 33.25
CA VAL A 392 10.27 24.23 31.79
C VAL A 392 9.77 25.55 31.22
N LEU A 393 8.67 26.05 31.78
CA LEU A 393 8.12 27.33 31.32
C LEU A 393 9.10 28.47 31.60
N GLN A 394 9.81 28.39 32.72
CA GLN A 394 10.85 29.36 33.05
C GLN A 394 11.89 29.38 31.95
N ALA A 395 12.33 28.20 31.56
CA ALA A 395 13.37 28.03 30.55
C ALA A 395 12.97 28.60 29.19
N ILE A 396 11.70 28.47 28.81
CA ILE A 396 11.23 29.03 27.54
C ILE A 396 11.16 30.54 27.56
N ARG A 397 10.49 31.07 28.56
CA ARG A 397 10.23 32.52 28.62
C ARG A 397 11.44 33.32 29.09
N LEU A 398 12.00 32.97 30.24
CA LEU A 398 13.15 33.70 30.77
C LEU A 398 14.46 33.40 30.05
N ASP A 399 14.72 32.14 29.75
CA ASP A 399 16.03 31.74 29.18
C ASP A 399 16.10 31.60 27.67
N GLU A 400 14.98 31.82 26.97
CA GLU A 400 14.89 31.68 25.51
C GLU A 400 15.37 30.31 24.99
N ILE A 401 14.91 29.24 25.64
CA ILE A 401 15.25 27.89 25.24
C ILE A 401 14.07 27.28 24.50
N ARG A 402 14.35 26.64 23.37
CA ARG A 402 13.28 26.11 22.50
C ARG A 402 12.80 24.72 22.88
N VAL A 403 12.18 24.58 24.04
CA VAL A 403 11.55 23.34 24.43
C VAL A 403 10.18 23.34 23.79
N PHE A 404 9.98 22.46 22.82
CA PHE A 404 8.73 22.44 22.08
C PHE A 404 7.79 21.33 22.55
N GLY A 405 8.28 20.39 23.36
CA GLY A 405 7.42 19.31 23.82
C GLY A 405 7.76 18.79 25.19
N TYR A 406 6.82 18.06 25.77
CA TYR A 406 6.99 17.51 27.10
C TYR A 406 6.30 16.17 27.18
N THR A 407 7.03 15.13 27.54
CA THR A 407 6.44 13.81 27.69
C THR A 407 6.35 13.49 29.16
N ALA A 408 5.15 13.45 29.70
CA ALA A 408 4.98 13.04 31.09
C ALA A 408 5.33 11.56 31.15
N TRP A 409 6.07 11.12 32.17
CA TRP A 409 6.48 9.71 32.15
C TRP A 409 5.63 8.76 32.99
N SER A 410 5.15 7.80 32.19
CA SER A 410 4.39 6.61 32.46
C SER A 410 2.91 6.85 32.41
N LEU A 411 2.32 6.34 31.34
CA LEU A 411 0.91 6.36 31.11
C LEU A 411 0.26 5.52 32.19
N LEU A 412 0.87 4.38 32.47
CA LEU A 412 0.33 3.48 33.46
C LEU A 412 1.44 2.83 34.26
N ASP A 413 1.07 2.31 35.42
CA ASP A 413 2.02 1.64 36.28
C ASP A 413 2.52 0.39 35.58
N GLY A 414 3.80 0.08 35.73
CA GLY A 414 4.36 -1.08 35.09
C GLY A 414 5.46 -1.72 35.90
N PHE A 415 6.32 -2.44 35.20
CA PHE A 415 7.42 -3.12 35.82
C PHE A 415 8.62 -2.20 35.69
N GLU A 416 9.04 -1.61 36.81
CA GLU A 416 10.11 -0.64 36.80
C GLU A 416 11.53 -1.21 36.95
N TRP A 417 11.95 -2.00 35.96
CA TRP A 417 13.30 -2.56 35.88
C TRP A 417 13.74 -3.34 37.13
N GLN A 418 14.89 -3.04 37.72
CA GLN A 418 15.33 -3.77 38.92
C GLN A 418 14.34 -3.55 40.09
N ASP A 419 13.72 -2.38 40.13
CA ASP A 419 12.75 -2.08 41.17
C ASP A 419 11.42 -2.82 41.04
N ALA A 420 11.17 -3.41 39.88
CA ALA A 420 9.96 -4.20 39.63
C ALA A 420 8.69 -3.43 39.98
N TYR A 421 7.82 -3.99 40.82
CA TYR A 421 6.61 -3.31 41.24
C TYR A 421 6.73 -2.59 42.56
N THR A 422 7.93 -2.46 43.10
CA THR A 422 8.11 -1.78 44.37
C THR A 422 7.84 -0.28 44.27
N ILE A 423 8.06 0.31 43.10
CA ILE A 423 7.76 1.73 42.86
C ILE A 423 6.70 1.86 41.79
N ARG A 424 6.07 3.04 41.71
CA ARG A 424 5.05 3.31 40.70
C ARG A 424 5.32 4.62 39.98
N ARG A 425 5.25 4.60 38.65
CA ARG A 425 5.54 5.79 37.85
C ARG A 425 4.36 6.32 37.08
N GLY A 426 3.28 5.56 36.97
CA GLY A 426 2.16 5.95 36.13
C GLY A 426 1.21 7.06 36.52
N LEU A 427 0.53 7.59 35.50
CA LEU A 427 -0.53 8.55 35.70
C LEU A 427 -1.80 7.78 35.97
N PHE A 428 -1.88 6.57 35.44
CA PHE A 428 -3.00 5.70 35.74
C PHE A 428 -2.55 4.54 36.62
N TYR A 429 -3.40 4.18 37.59
CA TYR A 429 -3.09 3.12 38.55
C TYR A 429 -3.51 1.76 38.00
N VAL A 430 -2.66 0.75 38.17
CA VAL A 430 -3.00 -0.61 37.75
C VAL A 430 -2.77 -1.59 38.89
N ASP A 431 -3.79 -2.39 39.19
CA ASP A 431 -3.69 -3.41 40.19
C ASP A 431 -3.23 -4.66 39.48
N PHE A 432 -1.98 -5.02 39.72
CA PHE A 432 -1.38 -6.20 39.08
C PHE A 432 -2.00 -7.51 39.58
N ASN A 433 -2.47 -7.52 40.83
CA ASN A 433 -3.15 -8.68 41.38
C ASN A 433 -4.51 -8.94 40.73
N SER A 434 -5.12 -7.91 40.18
CA SER A 434 -6.42 -8.07 39.54
C SER A 434 -6.27 -8.59 38.11
N LYS A 435 -7.17 -9.49 37.73
CA LYS A 435 -7.17 -10.05 36.38
C LYS A 435 -7.53 -8.97 35.35
N GLN A 436 -8.47 -8.12 35.71
CA GLN A 436 -9.00 -7.07 34.84
C GLN A 436 -7.99 -5.96 34.49
N LYS A 437 -7.19 -5.52 35.47
CA LYS A 437 -6.15 -4.51 35.28
C LYS A 437 -6.64 -3.21 34.63
N GLU A 438 -7.76 -2.69 35.12
CA GLU A 438 -8.31 -1.44 34.59
C GLU A 438 -7.42 -0.26 34.93
N ARG A 439 -7.42 0.75 34.07
CA ARG A 439 -6.57 1.91 34.26
C ARG A 439 -7.34 2.98 35.01
N LYS A 440 -6.97 3.17 36.27
CA LYS A 440 -7.66 4.11 37.15
C LYS A 440 -6.84 5.38 37.30
N PRO A 441 -7.37 6.50 36.80
CA PRO A 441 -6.64 7.76 36.84
C PRO A 441 -6.36 8.23 38.26
N LYS A 442 -5.12 8.62 38.54
CA LYS A 442 -4.75 9.13 39.83
C LYS A 442 -4.98 10.63 39.87
N SER A 443 -4.63 11.27 40.98
CA SER A 443 -4.73 12.72 41.06
C SER A 443 -3.85 13.40 40.01
N SER A 444 -2.66 12.84 39.75
CA SER A 444 -1.76 13.34 38.73
C SER A 444 -2.38 13.27 37.33
N ALA A 445 -3.14 12.21 37.05
CA ALA A 445 -3.82 12.09 35.75
C ALA A 445 -4.85 13.19 35.55
N HIS A 446 -5.64 13.44 36.58
CA HIS A 446 -6.64 14.50 36.52
C HIS A 446 -5.94 15.84 36.42
N TYR A 447 -4.81 15.98 37.11
CA TYR A 447 -4.07 17.22 37.08
C TYR A 447 -3.45 17.50 35.72
N TYR A 448 -2.84 16.49 35.12
CA TYR A 448 -2.21 16.62 33.81
C TYR A 448 -3.25 16.92 32.73
N LYS A 449 -4.41 16.30 32.85
CA LYS A 449 -5.55 16.56 31.99
C LYS A 449 -5.98 18.02 32.11
N GLN A 450 -6.02 18.53 33.34
CA GLN A 450 -6.34 19.92 33.61
C GLN A 450 -5.31 20.84 33.00
N ILE A 451 -4.04 20.48 33.17
CA ILE A 451 -2.93 21.27 32.65
C ILE A 451 -2.99 21.41 31.14
N ILE A 452 -3.31 20.34 30.43
CA ILE A 452 -3.38 20.38 28.98
C ILE A 452 -4.56 21.24 28.50
N ARG A 453 -5.68 21.15 29.20
CA ARG A 453 -6.87 21.94 28.87
C ARG A 453 -6.57 23.42 28.95
N GLU A 454 -5.89 23.82 30.02
CA GLU A 454 -5.52 25.21 30.25
C GLU A 454 -4.21 25.61 29.58
N ASN A 455 -3.46 24.61 29.10
CA ASN A 455 -2.13 24.80 28.53
C ASN A 455 -1.22 25.55 29.50
N GLY A 456 -1.25 25.15 30.76
CA GLY A 456 -0.51 25.82 31.83
C GLY A 456 -1.28 25.74 33.15
N PHE A 457 -0.97 26.63 34.07
CA PHE A 457 -1.59 26.66 35.41
C PHE A 457 -1.86 28.09 35.79
N TYR B 27 -21.69 0.25 -20.66
CA TYR B 27 -21.26 0.77 -19.34
C TYR B 27 -19.83 1.27 -19.37
N ASP B 28 -19.59 2.44 -18.80
CA ASP B 28 -18.23 2.98 -18.72
C ASP B 28 -17.60 2.71 -17.38
N THR B 29 -18.35 2.13 -16.46
CA THR B 29 -17.85 1.87 -15.13
C THR B 29 -17.71 0.38 -14.91
N PHE B 30 -16.60 -0.02 -14.32
CA PHE B 30 -16.33 -1.43 -14.06
C PHE B 30 -17.19 -1.94 -12.93
N PRO B 31 -17.36 -3.26 -12.85
CA PRO B 31 -18.17 -3.81 -11.78
C PRO B 31 -17.54 -3.63 -10.40
N LYS B 32 -18.37 -3.61 -9.38
CA LYS B 32 -17.91 -3.55 -8.01
C LYS B 32 -17.14 -4.84 -7.72
N ASN B 33 -16.03 -4.68 -6.96
CA ASN B 33 -15.04 -5.72 -6.56
C ASN B 33 -14.03 -6.10 -7.66
N PHE B 34 -13.92 -5.26 -8.67
CA PHE B 34 -12.93 -5.50 -9.71
C PHE B 34 -11.54 -5.29 -9.13
N PHE B 35 -10.66 -6.24 -9.38
CA PHE B 35 -9.32 -6.28 -8.84
C PHE B 35 -8.36 -5.45 -9.70
N TRP B 36 -7.82 -4.37 -9.16
CA TRP B 36 -6.91 -3.51 -9.94
C TRP B 36 -5.48 -3.74 -9.50
N GLY B 37 -4.59 -4.01 -10.45
CA GLY B 37 -3.21 -4.29 -10.10
C GLY B 37 -2.16 -3.72 -10.99
N ILE B 38 -0.91 -3.93 -10.58
CA ILE B 38 0.26 -3.51 -11.32
C ILE B 38 1.33 -4.57 -11.15
N GLY B 39 2.26 -4.63 -12.09
CA GLY B 39 3.28 -5.68 -12.08
C GLY B 39 4.70 -5.28 -12.40
N THR B 40 5.64 -6.08 -11.91
CA THR B 40 7.06 -5.96 -12.22
C THR B 40 7.67 -7.34 -12.32
N GLY B 41 8.84 -7.42 -12.93
CA GLY B 41 9.59 -8.66 -13.00
C GLY B 41 10.91 -8.46 -12.28
N ALA B 42 11.34 -9.47 -11.54
CA ALA B 42 12.56 -9.42 -10.73
C ALA B 42 13.79 -8.93 -11.49
N LEU B 43 14.10 -9.55 -12.61
CA LEU B 43 15.31 -9.18 -13.35
C LEU B 43 15.25 -7.74 -13.89
N GLN B 44 14.06 -7.27 -14.22
CA GLN B 44 13.88 -5.93 -14.77
C GLN B 44 14.14 -4.81 -13.77
N VAL B 45 13.71 -4.99 -12.52
CA VAL B 45 13.76 -3.88 -11.56
C VAL B 45 14.70 -4.01 -10.37
N GLU B 46 15.01 -5.22 -9.94
CA GLU B 46 15.73 -5.39 -8.70
C GLU B 46 17.15 -4.82 -8.63
N GLY B 47 17.94 -5.08 -9.67
CA GLY B 47 19.36 -4.73 -9.64
C GLY B 47 20.09 -5.68 -8.70
N SER B 48 21.24 -5.21 -8.20
CA SER B 48 22.05 -5.96 -7.23
C SER B 48 22.24 -7.41 -7.66
N TRP B 49 22.76 -7.60 -8.88
CA TRP B 49 22.86 -8.94 -9.46
C TRP B 49 23.79 -9.89 -8.68
N LYS B 50 24.84 -9.36 -8.06
CA LYS B 50 25.73 -10.20 -7.25
C LYS B 50 25.75 -9.79 -5.78
N LYS B 51 24.86 -8.90 -5.40
CA LYS B 51 24.83 -8.35 -4.04
C LYS B 51 24.29 -9.36 -3.03
N ASP B 52 24.88 -9.35 -1.83
CA ASP B 52 24.49 -10.20 -0.68
C ASP B 52 24.40 -11.70 -0.97
N GLY B 53 25.41 -12.21 -1.67
CA GLY B 53 25.51 -13.64 -1.93
C GLY B 53 24.62 -14.18 -3.02
N LYS B 54 23.98 -13.29 -3.78
CA LYS B 54 23.04 -13.69 -4.81
C LYS B 54 23.79 -14.36 -5.95
N GLY B 55 23.37 -15.57 -6.28
CA GLY B 55 23.98 -16.34 -7.34
C GLY B 55 23.60 -15.77 -8.69
N PRO B 56 24.45 -16.00 -9.71
CA PRO B 56 24.12 -15.46 -11.01
C PRO B 56 23.02 -16.26 -11.67
N SER B 57 22.35 -15.62 -12.62
CA SER B 57 21.32 -16.25 -13.41
C SER B 57 21.73 -16.36 -14.87
N ILE B 58 20.97 -17.13 -15.63
CA ILE B 58 21.23 -17.27 -17.06
C ILE B 58 21.16 -15.92 -17.77
N TRP B 59 20.25 -15.05 -17.33
CA TRP B 59 20.13 -13.74 -17.96
C TRP B 59 21.31 -12.87 -17.61
N ASP B 60 21.84 -13.05 -16.40
CA ASP B 60 23.05 -12.33 -16.01
C ASP B 60 24.18 -12.70 -16.93
N HIS B 61 24.32 -13.99 -17.19
CA HIS B 61 25.36 -14.44 -18.09
C HIS B 61 25.04 -14.00 -19.52
N PHE B 62 23.76 -14.07 -19.89
CA PHE B 62 23.33 -13.65 -21.21
C PHE B 62 23.64 -12.19 -21.45
N ILE B 63 23.32 -11.36 -20.48
CA ILE B 63 23.57 -9.94 -20.59
C ILE B 63 25.05 -9.65 -20.73
N HIS B 64 25.87 -10.33 -19.94
CA HIS B 64 27.32 -10.15 -20.06
C HIS B 64 27.86 -10.71 -21.37
N THR B 65 27.39 -11.89 -21.77
CA THR B 65 27.85 -12.51 -23.01
C THR B 65 27.31 -11.95 -24.33
N HIS B 66 26.01 -11.67 -24.43
CA HIS B 66 25.43 -11.20 -25.70
C HIS B 66 25.05 -9.73 -25.77
N LEU B 67 25.10 -8.98 -24.67
CA LEU B 67 24.67 -7.58 -24.69
C LEU B 67 25.68 -6.75 -23.92
N ASN B 74 22.94 -1.88 -15.26
CA ASN B 74 23.76 -0.99 -14.44
C ASN B 74 23.08 -0.63 -13.11
N GLY B 75 22.41 -1.62 -12.51
CA GLY B 75 21.62 -1.41 -11.31
C GLY B 75 20.14 -1.29 -11.61
N SER B 76 19.81 -0.74 -12.79
CA SER B 76 18.44 -0.59 -13.27
C SER B 76 17.61 0.23 -12.29
N SER B 77 16.40 -0.25 -12.01
CA SER B 77 15.46 0.40 -11.13
C SER B 77 15.92 0.44 -9.68
N ASP B 78 16.82 -0.47 -9.27
CA ASP B 78 17.37 -0.58 -7.91
C ASP B 78 16.35 -0.84 -6.83
N SER B 79 15.38 -1.67 -7.17
CA SER B 79 14.29 -2.01 -6.27
C SER B 79 14.77 -2.80 -5.07
N TYR B 80 15.82 -3.57 -5.23
CA TYR B 80 16.35 -4.35 -4.11
C TYR B 80 16.89 -3.45 -3.01
N ILE B 81 17.54 -2.36 -3.37
CA ILE B 81 18.04 -1.42 -2.36
C ILE B 81 17.09 -0.23 -2.09
N PHE B 82 16.08 -0.03 -2.93
CA PHE B 82 15.11 1.05 -2.78
C PHE B 82 13.69 0.52 -2.73
N LEU B 83 13.43 -0.42 -1.84
CA LEU B 83 12.09 -1.00 -1.75
C LEU B 83 11.04 0.03 -1.35
N GLU B 84 11.44 0.96 -0.51
CA GLU B 84 10.57 2.04 -0.03
C GLU B 84 9.95 2.79 -1.19
N LYS B 85 10.79 3.13 -2.17
CA LYS B 85 10.37 3.92 -3.31
C LYS B 85 9.25 3.26 -4.09
N ASP B 86 9.35 1.95 -4.26
CA ASP B 86 8.31 1.17 -4.93
C ASP B 86 7.01 1.18 -4.17
N LEU B 87 7.10 1.09 -2.86
CA LEU B 87 5.91 1.09 -2.02
C LEU B 87 5.19 2.42 -2.06
N SER B 88 5.95 3.51 -2.15
CA SER B 88 5.35 4.82 -2.26
C SER B 88 4.59 4.96 -3.56
N ALA B 89 5.18 4.43 -4.63
CA ALA B 89 4.55 4.46 -5.94
C ALA B 89 3.26 3.64 -5.94
N LEU B 90 3.29 2.49 -5.26
CA LEU B 90 2.11 1.66 -5.11
C LEU B 90 1.03 2.35 -4.32
N ASP B 91 1.43 3.11 -3.30
CA ASP B 91 0.52 3.93 -2.52
C ASP B 91 -0.14 4.98 -3.38
N PHE B 92 0.67 5.57 -4.26
CA PHE B 92 0.24 6.64 -5.14
C PHE B 92 -0.83 6.23 -6.16
N ILE B 93 -0.66 5.11 -6.85
CA ILE B 93 -1.66 4.71 -7.84
C ILE B 93 -2.90 4.11 -7.15
N GLY B 94 -2.73 3.49 -5.99
CA GLY B 94 -3.86 2.97 -5.22
C GLY B 94 -4.33 1.57 -5.59
N VAL B 95 -3.49 0.82 -6.30
CA VAL B 95 -3.82 -0.55 -6.68
C VAL B 95 -4.19 -1.46 -5.52
N SER B 96 -5.11 -2.37 -5.78
CA SER B 96 -5.54 -3.31 -4.76
C SER B 96 -4.59 -4.49 -4.69
N PHE B 97 -3.83 -4.73 -5.75
CA PHE B 97 -2.89 -5.81 -5.71
C PHE B 97 -1.64 -5.49 -6.48
N TYR B 98 -0.55 -6.21 -6.16
CA TYR B 98 0.73 -6.01 -6.82
C TYR B 98 1.33 -7.33 -7.24
N GLN B 99 1.80 -7.39 -8.48
CA GLN B 99 2.43 -8.62 -8.95
C GLN B 99 3.93 -8.45 -9.09
N PHE B 100 4.66 -9.29 -8.40
CA PHE B 100 6.12 -9.28 -8.45
C PHE B 100 6.64 -10.70 -8.55
N SER B 101 7.90 -10.81 -8.89
CA SER B 101 8.53 -12.11 -9.04
C SER B 101 9.66 -12.30 -8.02
N ILE B 102 9.78 -13.52 -7.51
CA ILE B 102 10.88 -13.86 -6.62
C ILE B 102 12.02 -14.32 -7.52
N SER B 103 13.22 -13.84 -7.23
CA SER B 103 14.39 -14.26 -7.97
C SER B 103 14.91 -15.51 -7.32
N TRP B 104 14.89 -16.60 -8.05
CA TRP B 104 15.31 -17.90 -7.56
C TRP B 104 16.79 -17.92 -7.12
N PRO B 105 17.68 -17.35 -7.92
CA PRO B 105 19.09 -17.31 -7.55
C PRO B 105 19.42 -16.39 -6.38
N ARG B 106 18.51 -15.47 -6.05
CA ARG B 106 18.69 -14.64 -4.88
C ARG B 106 18.39 -15.41 -3.61
N LEU B 107 17.49 -16.39 -3.69
CA LEU B 107 17.18 -17.24 -2.57
C LEU B 107 18.13 -18.40 -2.52
N PHE B 108 18.31 -19.07 -3.65
CA PHE B 108 19.20 -20.22 -3.75
C PHE B 108 20.20 -20.02 -4.88
N PRO B 109 21.38 -19.47 -4.56
CA PRO B 109 22.42 -19.16 -5.53
C PRO B 109 22.83 -20.30 -6.43
N ASP B 110 22.87 -21.52 -5.88
CA ASP B 110 23.25 -22.70 -6.64
C ASP B 110 22.05 -23.45 -7.20
N GLY B 111 20.87 -22.85 -7.10
CA GLY B 111 19.64 -23.44 -7.62
C GLY B 111 19.03 -24.51 -6.73
N ILE B 112 19.85 -25.47 -6.34
CA ILE B 112 19.45 -26.49 -5.37
C ILE B 112 19.01 -25.84 -4.07
N VAL B 113 17.92 -26.34 -3.53
CA VAL B 113 17.34 -25.80 -2.33
C VAL B 113 18.04 -26.44 -1.14
N THR B 114 19.21 -25.93 -0.83
CA THR B 114 19.98 -26.46 0.29
C THR B 114 20.00 -25.51 1.46
N VAL B 115 20.49 -24.30 1.25
CA VAL B 115 20.53 -23.31 2.31
C VAL B 115 20.18 -21.96 1.71
N ALA B 116 19.05 -21.44 2.17
CA ALA B 116 18.50 -20.20 1.67
C ALA B 116 19.36 -19.01 2.05
N ASN B 117 19.38 -18.02 1.17
CA ASN B 117 20.16 -16.82 1.38
C ASN B 117 19.31 -15.87 2.20
N ALA B 118 19.76 -15.59 3.43
CA ALA B 118 18.97 -14.80 4.37
C ALA B 118 18.72 -13.36 3.93
N LYS B 119 19.68 -12.75 3.24
CA LYS B 119 19.48 -11.39 2.77
C LYS B 119 18.38 -11.32 1.75
N GLY B 120 18.33 -12.31 0.86
CA GLY B 120 17.27 -12.44 -0.11
C GLY B 120 15.93 -12.65 0.56
N LEU B 121 15.90 -13.54 1.54
CA LEU B 121 14.68 -13.87 2.24
C LEU B 121 14.11 -12.66 2.96
N GLN B 122 14.99 -11.88 3.56
CA GLN B 122 14.60 -10.68 4.27
C GLN B 122 13.86 -9.71 3.37
N TYR B 123 14.37 -9.53 2.17
CA TYR B 123 13.80 -8.58 1.22
C TYR B 123 12.40 -8.96 0.79
N TYR B 124 12.19 -10.22 0.43
CA TYR B 124 10.88 -10.66 -0.02
C TYR B 124 9.90 -10.71 1.12
N SER B 125 10.36 -11.14 2.30
CA SER B 125 9.50 -11.18 3.47
C SER B 125 9.09 -9.78 3.92
N THR B 126 10.00 -8.83 3.78
CA THR B 126 9.69 -7.45 4.11
C THR B 126 8.66 -6.86 3.15
N LEU B 127 8.80 -7.18 1.87
CA LEU B 127 7.87 -6.69 0.88
C LEU B 127 6.47 -7.21 1.14
N LEU B 128 6.38 -8.50 1.44
CA LEU B 128 5.08 -9.10 1.71
C LEU B 128 4.40 -8.51 2.91
N ASP B 129 5.17 -8.29 3.97
CA ASP B 129 4.65 -7.70 5.19
C ASP B 129 4.11 -6.33 4.90
N ALA B 130 4.87 -5.56 4.13
CA ALA B 130 4.48 -4.22 3.79
C ALA B 130 3.21 -4.20 2.98
N LEU B 131 3.07 -5.17 2.07
CA LEU B 131 1.85 -5.25 1.26
C LEU B 131 0.65 -5.56 2.12
N VAL B 132 0.82 -6.48 3.06
CA VAL B 132 -0.22 -6.87 3.97
C VAL B 132 -0.72 -5.69 4.80
N LEU B 133 0.22 -4.89 5.29
CA LEU B 133 -0.12 -3.69 6.04
C LEU B 133 -0.88 -2.65 5.24
N ARG B 134 -0.61 -2.57 3.94
CA ARG B 134 -1.28 -1.64 3.03
C ARG B 134 -2.56 -2.17 2.40
N ASN B 135 -2.98 -3.38 2.78
CA ASN B 135 -4.15 -4.08 2.24
C ASN B 135 -4.08 -4.37 0.75
N ILE B 136 -2.86 -4.59 0.27
CA ILE B 136 -2.61 -4.85 -1.12
C ILE B 136 -2.36 -6.33 -1.19
N GLU B 137 -2.98 -6.99 -2.16
CA GLU B 137 -2.82 -8.43 -2.31
C GLU B 137 -1.62 -8.73 -3.17
N PRO B 138 -0.78 -9.66 -2.73
CA PRO B 138 0.38 -10.09 -3.50
C PRO B 138 0.06 -11.19 -4.50
N ILE B 139 0.40 -10.96 -5.76
CA ILE B 139 0.34 -11.99 -6.75
C ILE B 139 1.78 -12.32 -6.97
N VAL B 140 2.21 -13.50 -6.60
CA VAL B 140 3.65 -13.80 -6.62
C VAL B 140 4.00 -14.80 -7.70
N THR B 141 5.00 -14.45 -8.49
CA THR B 141 5.48 -15.28 -9.57
C THR B 141 6.76 -15.95 -9.14
N LEU B 142 6.77 -17.27 -9.22
CA LEU B 142 7.95 -18.07 -8.87
C LEU B 142 9.08 -18.01 -9.91
N TYR B 143 8.75 -18.05 -11.19
CA TYR B 143 9.79 -18.07 -12.22
C TYR B 143 9.52 -17.06 -13.30
N HIS B 144 10.33 -16.01 -13.35
CA HIS B 144 10.19 -15.01 -14.40
C HIS B 144 11.53 -14.91 -15.13
N TRP B 145 11.87 -16.02 -15.77
CA TRP B 145 13.01 -16.21 -16.70
C TRP B 145 14.38 -16.20 -16.05
N ASP B 146 14.46 -16.14 -14.73
CA ASP B 146 15.76 -16.00 -14.06
C ASP B 146 16.27 -17.34 -13.53
N LEU B 147 16.58 -18.26 -14.43
CA LEU B 147 17.09 -19.56 -14.00
C LEU B 147 18.48 -19.41 -13.41
N PRO B 148 18.74 -20.06 -12.29
CA PRO B 148 20.07 -20.03 -11.72
C PRO B 148 21.08 -20.58 -12.71
N LEU B 149 22.18 -19.87 -12.90
CA LEU B 149 23.18 -20.26 -13.90
C LEU B 149 23.76 -21.64 -13.62
N ALA B 150 23.96 -21.95 -12.35
CA ALA B 150 24.45 -23.25 -11.91
C ALA B 150 23.60 -24.38 -12.46
N LEU B 151 22.29 -24.23 -12.38
CA LEU B 151 21.37 -25.25 -12.91
C LEU B 151 21.51 -25.41 -14.41
N GLN B 152 21.72 -24.31 -15.13
CA GLN B 152 21.85 -24.35 -16.59
C GLN B 152 23.17 -24.97 -17.01
N GLU B 153 24.25 -24.62 -16.33
CA GLU B 153 25.55 -25.18 -16.65
C GLU B 153 25.67 -26.65 -16.26
N LYS B 154 25.14 -27.03 -15.11
CA LYS B 154 25.21 -28.41 -14.64
C LYS B 154 24.29 -29.38 -15.38
N TYR B 155 23.03 -29.03 -15.57
CA TYR B 155 22.04 -29.94 -16.16
C TYR B 155 21.51 -29.58 -17.54
N GLY B 156 21.87 -28.42 -18.06
CA GLY B 156 21.27 -27.92 -19.28
C GLY B 156 19.93 -27.25 -19.04
N GLY B 157 19.65 -26.87 -17.79
CA GLY B 157 18.46 -26.13 -17.43
C GLY B 157 17.14 -26.84 -17.70
N TRP B 158 16.21 -26.16 -18.36
CA TRP B 158 14.88 -26.71 -18.62
C TRP B 158 14.87 -27.86 -19.63
N LYS B 159 16.00 -28.10 -20.29
CA LYS B 159 16.17 -29.27 -21.14
C LYS B 159 16.18 -30.58 -20.34
N ASN B 160 16.70 -30.52 -19.12
CA ASN B 160 16.76 -31.67 -18.23
C ASN B 160 15.52 -31.80 -17.38
N ASP B 161 14.94 -32.98 -17.29
CA ASP B 161 13.75 -33.15 -16.46
C ASP B 161 14.09 -33.19 -14.96
N THR B 162 15.37 -33.10 -14.61
CA THR B 162 15.78 -32.98 -13.21
C THR B 162 15.39 -31.64 -12.62
N ILE B 163 15.33 -30.60 -13.46
CA ILE B 163 14.90 -29.28 -13.02
C ILE B 163 13.47 -29.25 -12.50
N ILE B 164 12.60 -30.13 -13.00
CA ILE B 164 11.21 -30.19 -12.53
C ILE B 164 11.13 -30.40 -11.02
N ASP B 165 11.92 -31.34 -10.52
CA ASP B 165 11.94 -31.65 -9.08
C ASP B 165 12.59 -30.55 -8.26
N ILE B 166 13.65 -29.96 -8.79
CA ILE B 166 14.35 -28.88 -8.10
C ILE B 166 13.44 -27.65 -7.98
N PHE B 167 12.72 -27.35 -9.05
CA PHE B 167 11.79 -26.21 -9.08
C PHE B 167 10.68 -26.42 -8.06
N ASN B 168 10.24 -27.66 -7.92
CA ASN B 168 9.22 -28.01 -6.95
C ASN B 168 9.71 -27.78 -5.53
N ASP B 169 10.97 -28.09 -5.29
CA ASP B 169 11.58 -27.85 -3.99
C ASP B 169 11.64 -26.36 -3.70
N TYR B 170 11.98 -25.58 -4.72
CA TYR B 170 12.06 -24.13 -4.61
C TYR B 170 10.68 -23.56 -4.34
N ALA B 171 9.69 -24.11 -5.05
CA ALA B 171 8.32 -23.71 -4.86
C ALA B 171 7.85 -24.05 -3.47
N THR B 172 8.23 -25.24 -3.01
CA THR B 172 7.87 -25.73 -1.69
C THR B 172 8.36 -24.79 -0.59
N TYR B 173 9.61 -24.36 -0.72
CA TYR B 173 10.19 -23.45 0.25
C TYR B 173 9.44 -22.12 0.25
N CYS B 174 9.10 -21.64 -0.93
CA CYS B 174 8.38 -20.38 -1.07
C CYS B 174 7.00 -20.45 -0.44
N PHE B 175 6.31 -21.57 -0.61
CA PHE B 175 4.98 -21.71 -0.02
C PHE B 175 5.04 -21.65 1.50
N GLN B 176 5.95 -22.40 2.11
CA GLN B 176 6.00 -22.43 3.58
C GLN B 176 6.42 -21.09 4.17
N MET B 177 7.40 -20.45 3.55
CA MET B 177 7.88 -19.15 4.01
C MET B 177 6.90 -18.00 3.78
N PHE B 178 6.25 -17.93 2.62
CA PHE B 178 5.39 -16.79 2.29
C PHE B 178 3.90 -17.07 2.09
N GLY B 179 3.48 -18.32 2.12
CA GLY B 179 2.09 -18.64 1.81
C GLY B 179 1.01 -18.14 2.76
N ASP B 180 1.37 -17.84 4.00
CA ASP B 180 0.35 -17.37 4.93
C ASP B 180 -0.03 -15.94 4.61
N ARG B 181 0.76 -15.28 3.78
CA ARG B 181 0.48 -13.94 3.33
C ARG B 181 0.20 -13.88 1.83
N VAL B 182 0.27 -15.02 1.13
CA VAL B 182 0.04 -15.00 -0.33
C VAL B 182 -1.21 -15.78 -0.71
N LYS B 183 -2.11 -15.13 -1.42
CA LYS B 183 -3.35 -15.76 -1.88
C LYS B 183 -3.33 -16.09 -3.36
N TYR B 184 -2.47 -15.42 -4.14
CA TYR B 184 -2.38 -15.68 -5.57
C TYR B 184 -0.95 -16.00 -5.95
N TRP B 185 -0.75 -17.12 -6.61
CA TRP B 185 0.58 -17.55 -7.03
C TRP B 185 0.61 -17.82 -8.52
N ILE B 186 1.77 -17.61 -9.14
CA ILE B 186 1.97 -17.95 -10.55
C ILE B 186 3.31 -18.65 -10.71
N THR B 187 3.29 -19.87 -11.23
CA THR B 187 4.51 -20.65 -11.32
C THR B 187 5.48 -20.12 -12.37
N ILE B 188 5.00 -19.93 -13.59
CA ILE B 188 5.86 -19.47 -14.68
C ILE B 188 5.12 -18.36 -15.38
N HIS B 189 5.84 -17.30 -15.67
CA HIS B 189 5.27 -16.23 -16.43
C HIS B 189 5.67 -16.47 -17.88
N ASN B 190 4.70 -16.54 -18.80
CA ASN B 190 4.92 -16.66 -20.24
C ASN B 190 5.92 -17.76 -20.68
N PRO B 191 5.55 -19.03 -20.48
CA PRO B 191 6.40 -20.15 -20.88
C PRO B 191 6.68 -20.21 -22.37
N TYR B 192 5.75 -19.70 -23.17
CA TYR B 192 5.92 -19.68 -24.60
C TYR B 192 7.22 -18.99 -24.97
N LEU B 193 7.41 -17.80 -24.43
CA LEU B 193 8.60 -17.02 -24.71
C LEU B 193 9.85 -17.68 -24.16
N VAL B 194 9.72 -18.30 -22.99
CA VAL B 194 10.85 -18.94 -22.37
C VAL B 194 11.42 -20.02 -23.29
N ALA B 195 10.54 -20.84 -23.83
CA ALA B 195 10.97 -21.91 -24.72
C ALA B 195 11.34 -21.40 -26.10
N TRP B 196 10.48 -20.58 -26.70
CA TRP B 196 10.68 -20.15 -28.07
C TRP B 196 11.86 -19.20 -28.25
N HIS B 197 11.99 -18.21 -27.38
CA HIS B 197 13.08 -17.25 -27.50
C HIS B 197 14.38 -17.76 -26.87
N GLY B 198 14.25 -18.65 -25.89
CA GLY B 198 15.41 -19.23 -25.24
C GLY B 198 16.08 -20.31 -26.06
N TYR B 199 15.30 -21.12 -26.76
CA TYR B 199 15.84 -22.24 -27.53
C TYR B 199 15.47 -22.30 -29.01
N GLY B 200 14.65 -21.37 -29.50
CA GLY B 200 14.22 -21.37 -30.89
C GLY B 200 14.85 -20.23 -31.67
N THR B 201 14.72 -19.01 -31.16
CA THR B 201 15.27 -17.85 -31.84
C THR B 201 16.62 -17.46 -31.30
N GLY B 202 16.89 -17.74 -30.04
CA GLY B 202 18.16 -17.39 -29.41
C GLY B 202 18.24 -15.97 -28.87
N MET B 203 17.11 -15.27 -28.91
CA MET B 203 17.06 -13.89 -28.50
C MET B 203 17.01 -13.70 -26.99
N HIS B 204 16.49 -14.71 -26.30
CA HIS B 204 16.47 -14.72 -24.84
C HIS B 204 17.48 -15.70 -24.32
N ALA B 205 17.79 -15.59 -23.03
CA ALA B 205 18.67 -16.55 -22.41
C ALA B 205 17.91 -17.88 -22.39
N PRO B 206 18.58 -18.99 -22.69
CA PRO B 206 20.04 -19.08 -22.72
C PRO B 206 20.70 -18.76 -24.05
N GLY B 207 19.93 -18.43 -25.08
CA GLY B 207 20.50 -18.09 -26.39
C GLY B 207 20.73 -19.24 -27.34
N GLU B 208 20.21 -20.41 -27.01
CA GLU B 208 20.33 -21.55 -27.90
C GLU B 208 19.33 -21.44 -29.06
N LYS B 209 19.67 -22.02 -30.21
CA LYS B 209 18.80 -22.06 -31.40
C LYS B 209 19.24 -23.20 -32.32
N GLY B 210 18.43 -23.50 -33.34
CA GLY B 210 18.80 -24.48 -34.36
C GLY B 210 18.28 -25.89 -34.11
N ASN B 211 17.75 -26.16 -32.92
CA ASN B 211 17.22 -27.46 -32.58
C ASN B 211 15.79 -27.27 -32.08
N LEU B 212 14.83 -27.60 -32.94
CA LEU B 212 13.43 -27.41 -32.63
C LEU B 212 12.95 -28.33 -31.51
N ALA B 213 13.55 -29.52 -31.41
CA ALA B 213 13.18 -30.49 -30.38
C ALA B 213 13.43 -29.95 -28.97
N ALA B 214 14.52 -29.20 -28.82
CA ALA B 214 14.84 -28.60 -27.51
C ALA B 214 13.74 -27.66 -27.06
N VAL B 215 13.21 -26.90 -28.00
CA VAL B 215 12.13 -25.95 -27.74
C VAL B 215 10.92 -26.66 -27.15
N TYR B 216 10.46 -27.70 -27.81
CA TYR B 216 9.31 -28.44 -27.35
C TYR B 216 9.62 -29.27 -26.11
N THR B 217 10.87 -29.69 -25.96
CA THR B 217 11.33 -30.41 -24.76
C THR B 217 11.32 -29.46 -23.56
N VAL B 218 11.83 -28.26 -23.76
CA VAL B 218 11.84 -27.25 -22.71
C VAL B 218 10.43 -26.93 -22.27
N GLY B 219 9.54 -26.76 -23.25
CA GLY B 219 8.14 -26.49 -23.00
C GLY B 219 7.43 -27.62 -22.30
N HIS B 220 7.82 -28.85 -22.62
CA HIS B 220 7.26 -30.05 -22.03
C HIS B 220 7.54 -30.08 -20.54
N ASN B 221 8.78 -29.76 -20.22
CA ASN B 221 9.23 -29.72 -18.84
C ASN B 221 8.61 -28.58 -18.05
N LEU B 222 8.42 -27.43 -18.69
CA LEU B 222 7.79 -26.30 -18.05
C LEU B 222 6.36 -26.63 -17.65
N ILE B 223 5.64 -27.30 -18.54
CA ILE B 223 4.27 -27.71 -18.27
C ILE B 223 4.24 -28.71 -17.13
N LYS B 224 5.17 -29.65 -17.19
CA LYS B 224 5.32 -30.70 -16.20
C LYS B 224 5.60 -30.15 -14.82
N ALA B 225 6.52 -29.19 -14.78
CA ALA B 225 6.95 -28.55 -13.57
C ALA B 225 5.81 -27.77 -12.91
N HIS B 226 5.08 -27.02 -13.72
CA HIS B 226 3.94 -26.29 -13.25
C HIS B 226 2.92 -27.22 -12.62
N SER B 227 2.66 -28.31 -13.32
CA SER B 227 1.69 -29.28 -12.87
C SER B 227 2.13 -29.91 -11.56
N LYS B 228 3.42 -30.23 -11.46
CA LYS B 228 3.94 -30.81 -10.24
C LYS B 228 3.79 -29.84 -9.10
N VAL B 229 4.12 -28.58 -9.38
CA VAL B 229 3.99 -27.52 -8.37
C VAL B 229 2.56 -27.33 -7.94
N TRP B 230 1.63 -27.33 -8.90
CA TRP B 230 0.23 -27.15 -8.56
C TRP B 230 -0.24 -28.28 -7.65
N HIS B 231 0.16 -29.50 -7.97
CA HIS B 231 -0.22 -30.65 -7.17
C HIS B 231 0.36 -30.59 -5.77
N ASN B 232 1.61 -30.17 -5.69
CA ASN B 232 2.28 -30.01 -4.42
C ASN B 232 1.52 -29.00 -3.57
N TYR B 233 1.15 -27.88 -4.17
CA TYR B 233 0.41 -26.86 -3.46
C TYR B 233 -0.99 -27.32 -3.09
N ASN B 234 -1.64 -28.01 -4.00
CA ASN B 234 -3.00 -28.48 -3.80
C ASN B 234 -3.07 -29.43 -2.62
N THR B 235 -2.16 -30.40 -2.58
CA THR B 235 -2.15 -31.40 -1.52
C THR B 235 -1.65 -30.89 -0.16
N HIS B 236 -0.58 -30.09 -0.15
CA HIS B 236 0.09 -29.72 1.11
C HIS B 236 -0.11 -28.31 1.66
N PHE B 237 -0.40 -27.33 0.83
CA PHE B 237 -0.53 -25.96 1.34
C PHE B 237 -1.93 -25.39 1.22
N ARG B 238 -2.71 -25.86 0.25
CA ARG B 238 -4.04 -25.30 0.03
C ARG B 238 -5.00 -25.46 1.21
N PRO B 239 -4.91 -26.57 1.96
CA PRO B 239 -5.76 -26.75 3.14
C PRO B 239 -5.69 -25.65 4.17
N HIS B 240 -4.49 -25.13 4.41
CA HIS B 240 -4.30 -24.02 5.36
C HIS B 240 -4.31 -22.68 4.66
N GLN B 241 -3.57 -22.58 3.57
CA GLN B 241 -3.35 -21.31 2.89
C GLN B 241 -4.51 -20.81 2.04
N LYS B 242 -5.27 -21.71 1.43
CA LYS B 242 -6.47 -21.38 0.62
C LYS B 242 -6.23 -20.34 -0.48
N GLY B 243 -5.14 -20.51 -1.22
CA GLY B 243 -4.78 -19.59 -2.30
C GLY B 243 -5.20 -20.05 -3.68
N TRP B 244 -4.88 -19.23 -4.68
CA TRP B 244 -5.18 -19.51 -6.07
C TRP B 244 -3.87 -19.59 -6.81
N LEU B 245 -3.65 -20.68 -7.54
CA LEU B 245 -2.41 -20.88 -8.27
C LEU B 245 -2.66 -21.08 -9.76
N SER B 246 -1.87 -20.41 -10.58
CA SER B 246 -2.01 -20.50 -12.02
C SER B 246 -0.68 -20.33 -12.70
N ILE B 247 -0.74 -20.21 -14.02
CA ILE B 247 0.41 -19.98 -14.85
C ILE B 247 0.03 -18.88 -15.83
N THR B 248 0.95 -17.97 -16.15
CA THR B 248 0.62 -16.89 -17.05
C THR B 248 0.95 -17.27 -18.47
N LEU B 249 -0.07 -17.35 -19.31
CA LEU B 249 0.11 -17.68 -20.71
C LEU B 249 -0.07 -16.42 -21.53
N GLY B 250 0.96 -16.07 -22.28
CA GLY B 250 1.00 -14.85 -23.08
C GLY B 250 0.60 -15.15 -24.50
N SER B 251 0.00 -14.16 -25.15
CA SER B 251 -0.43 -14.34 -26.49
C SER B 251 -0.52 -13.05 -27.26
N HIS B 252 -0.85 -13.21 -28.53
CA HIS B 252 -1.07 -12.14 -29.50
C HIS B 252 -2.40 -12.43 -30.19
N TRP B 253 -2.92 -11.48 -30.96
CA TRP B 253 -4.14 -11.76 -31.71
C TRP B 253 -3.87 -11.68 -33.22
N ILE B 254 -4.57 -12.52 -33.97
CA ILE B 254 -4.42 -12.60 -35.40
C ILE B 254 -5.80 -12.55 -36.06
N GLU B 255 -5.88 -11.89 -37.20
CA GLU B 255 -7.12 -11.79 -37.96
C GLU B 255 -6.86 -12.20 -39.40
N PRO B 256 -7.88 -12.72 -40.08
CA PRO B 256 -7.68 -13.16 -41.45
C PRO B 256 -7.58 -11.99 -42.41
N ASN B 257 -6.73 -12.12 -43.42
CA ASN B 257 -6.57 -11.09 -44.46
C ASN B 257 -7.85 -10.89 -45.25
N ARG B 258 -8.47 -12.00 -45.59
CA ARG B 258 -9.73 -12.00 -46.27
C ARG B 258 -10.71 -12.44 -45.23
N SER B 259 -11.63 -11.56 -44.85
CA SER B 259 -12.65 -11.90 -43.84
C SER B 259 -13.51 -13.07 -44.27
N GLU B 260 -13.83 -13.11 -45.54
CA GLU B 260 -14.59 -14.21 -46.13
C GLU B 260 -13.85 -15.57 -46.05
N ASN B 261 -12.56 -15.56 -46.37
CA ASN B 261 -11.84 -16.79 -46.64
C ASN B 261 -11.83 -17.79 -45.49
N THR B 262 -12.24 -19.02 -45.80
CA THR B 262 -12.26 -20.11 -44.85
C THR B 262 -10.87 -20.57 -44.49
N MET B 263 -10.00 -20.62 -45.48
CA MET B 263 -8.60 -21.02 -45.27
C MET B 263 -7.86 -20.05 -44.35
N ASP B 264 -8.07 -18.76 -44.53
CA ASP B 264 -7.45 -17.75 -43.70
C ASP B 264 -7.85 -17.89 -42.24
N ILE B 265 -9.13 -18.18 -42.01
CA ILE B 265 -9.64 -18.42 -40.66
C ILE B 265 -9.02 -19.66 -40.06
N PHE B 266 -8.67 -20.61 -40.91
CA PHE B 266 -8.03 -21.84 -40.47
C PHE B 266 -6.59 -21.55 -40.06
N LYS B 267 -5.93 -20.68 -40.81
CA LYS B 267 -4.55 -20.29 -40.50
C LYS B 267 -4.51 -19.55 -39.16
N CYS B 268 -5.50 -18.70 -38.93
CA CYS B 268 -5.62 -17.94 -37.70
C CYS B 268 -5.74 -18.85 -36.49
N GLN B 269 -6.53 -19.89 -36.63
CA GLN B 269 -6.63 -20.91 -35.60
C GLN B 269 -5.29 -21.55 -35.34
N GLN B 270 -4.60 -21.88 -36.42
CA GLN B 270 -3.27 -22.48 -36.36
C GLN B 270 -2.26 -21.57 -35.67
N SER B 271 -2.42 -20.26 -35.86
CA SER B 271 -1.56 -19.29 -35.21
C SER B 271 -1.81 -19.17 -33.70
N MET B 272 -3.06 -19.12 -33.29
CA MET B 272 -3.39 -19.00 -31.87
C MET B 272 -3.02 -20.25 -31.09
N VAL B 273 -3.29 -21.40 -31.68
CA VAL B 273 -2.97 -22.68 -31.07
C VAL B 273 -1.48 -22.86 -30.93
N SER B 274 -0.72 -22.40 -31.92
CA SER B 274 0.73 -22.54 -31.90
C SER B 274 1.39 -21.80 -30.75
N VAL B 275 0.84 -20.66 -30.33
CA VAL B 275 1.43 -19.94 -29.19
C VAL B 275 0.66 -20.13 -27.86
N LEU B 276 -0.66 -20.05 -27.87
CA LEU B 276 -1.42 -20.16 -26.64
C LEU B 276 -1.86 -21.57 -26.37
N GLY B 277 -2.45 -22.19 -27.39
CA GLY B 277 -2.95 -23.57 -27.30
C GLY B 277 -1.93 -24.58 -26.86
N TRP B 278 -0.69 -24.40 -27.32
CA TRP B 278 0.46 -25.22 -26.95
C TRP B 278 0.54 -25.49 -25.45
N PHE B 279 0.41 -24.45 -24.65
CA PHE B 279 0.44 -24.57 -23.19
C PHE B 279 -0.92 -24.63 -22.54
N ALA B 280 -1.88 -23.88 -23.07
CA ALA B 280 -3.22 -23.84 -22.48
C ALA B 280 -3.99 -25.16 -22.56
N ASN B 281 -3.80 -25.91 -23.62
CA ASN B 281 -4.50 -27.19 -23.75
C ASN B 281 -4.14 -28.24 -22.70
N PRO B 282 -2.86 -28.42 -22.41
CA PRO B 282 -2.53 -29.42 -21.38
C PRO B 282 -3.01 -28.99 -20.00
N ILE B 283 -2.94 -27.70 -19.70
CA ILE B 283 -3.29 -27.20 -18.39
C ILE B 283 -4.78 -26.90 -18.23
N HIS B 284 -5.38 -26.25 -19.22
CA HIS B 284 -6.80 -25.86 -19.13
C HIS B 284 -7.78 -26.75 -19.91
N GLY B 285 -7.28 -27.65 -20.76
CA GLY B 285 -8.15 -28.50 -21.59
C GLY B 285 -8.02 -29.99 -21.30
N ASP B 286 -7.88 -30.80 -22.33
CA ASP B 286 -7.83 -32.27 -22.18
C ASP B 286 -6.56 -32.83 -21.54
N GLY B 287 -5.51 -32.04 -21.36
CA GLY B 287 -4.29 -32.56 -20.73
C GLY B 287 -3.25 -33.00 -21.74
N ASP B 288 -3.52 -32.75 -23.02
CA ASP B 288 -2.62 -33.09 -24.09
C ASP B 288 -2.51 -31.91 -25.04
N TYR B 289 -1.41 -31.86 -25.79
CA TYR B 289 -1.19 -30.79 -26.76
C TYR B 289 -2.24 -30.82 -27.87
N PRO B 290 -2.52 -29.66 -28.47
CA PRO B 290 -3.45 -29.57 -29.59
C PRO B 290 -3.17 -30.59 -30.71
N GLU B 291 -4.24 -31.22 -31.20
CA GLU B 291 -4.14 -32.26 -32.23
C GLU B 291 -3.31 -31.81 -33.44
N GLY B 292 -3.51 -30.58 -33.88
CA GLY B 292 -2.74 -30.03 -34.99
C GLY B 292 -1.26 -30.09 -34.72
N MET B 293 -0.89 -29.67 -33.52
CA MET B 293 0.51 -29.66 -33.10
C MET B 293 1.07 -31.07 -33.09
N ARG B 294 0.29 -32.03 -32.62
CA ARG B 294 0.77 -33.40 -32.54
C ARG B 294 1.04 -33.96 -33.93
N LYS B 295 0.17 -33.65 -34.87
CA LYS B 295 0.38 -34.10 -36.26
C LYS B 295 1.54 -33.35 -36.92
N LYS B 296 1.56 -32.04 -36.74
CA LYS B 296 2.59 -31.19 -37.35
C LYS B 296 4.01 -31.39 -36.81
N LEU B 297 4.16 -31.66 -35.53
CA LEU B 297 5.49 -31.77 -34.91
C LEU B 297 5.81 -33.17 -34.38
N PHE B 298 5.24 -34.21 -34.97
CA PHE B 298 5.33 -35.57 -34.38
C PHE B 298 6.74 -36.08 -33.99
N SER B 299 7.76 -35.83 -34.82
CA SER B 299 9.14 -36.21 -34.49
C SER B 299 9.75 -35.37 -33.36
N VAL B 300 9.46 -34.08 -33.34
CA VAL B 300 10.06 -33.15 -32.40
C VAL B 300 9.33 -32.98 -31.05
N LEU B 301 8.02 -33.17 -31.03
CA LEU B 301 7.23 -32.92 -29.82
C LEU B 301 7.20 -34.14 -28.90
N PRO B 302 7.50 -33.95 -27.59
CA PRO B 302 7.41 -35.09 -26.68
C PRO B 302 5.97 -35.55 -26.46
N ILE B 303 5.83 -36.79 -25.99
CA ILE B 303 4.53 -37.44 -25.82
C ILE B 303 4.20 -37.53 -24.33
N PHE B 304 2.99 -37.12 -23.98
CA PHE B 304 2.49 -37.24 -22.61
C PHE B 304 2.00 -38.66 -22.45
N SER B 305 2.28 -39.29 -21.33
CA SER B 305 1.67 -40.60 -21.05
C SER B 305 0.22 -40.40 -20.57
N GLU B 306 -0.56 -41.47 -20.57
CA GLU B 306 -1.96 -41.35 -20.17
C GLU B 306 -2.10 -40.87 -18.74
N ALA B 307 -1.22 -41.35 -17.85
CA ALA B 307 -1.23 -40.89 -16.46
C ALA B 307 -0.97 -39.39 -16.43
N GLU B 308 0.08 -38.98 -17.14
CA GLU B 308 0.48 -37.57 -17.18
C GLU B 308 -0.62 -36.63 -17.68
N LYS B 309 -1.44 -37.08 -18.61
CA LYS B 309 -2.52 -36.24 -19.13
C LYS B 309 -3.52 -35.86 -18.06
N HIS B 310 -3.84 -36.80 -17.18
CA HIS B 310 -4.77 -36.55 -16.09
C HIS B 310 -4.18 -35.57 -15.09
N GLU B 311 -2.89 -35.70 -14.85
CA GLU B 311 -2.16 -34.86 -13.92
C GLU B 311 -1.95 -33.44 -14.48
N MET B 312 -1.75 -33.32 -15.79
CA MET B 312 -1.55 -32.02 -16.43
C MET B 312 -2.71 -31.06 -16.36
N ARG B 313 -3.91 -31.58 -16.58
CA ARG B 313 -5.10 -30.73 -16.68
C ARG B 313 -5.67 -30.30 -15.34
N GLY B 314 -6.42 -29.19 -15.37
CA GLY B 314 -7.07 -28.64 -14.19
C GLY B 314 -6.09 -28.11 -13.17
N THR B 315 -4.91 -27.70 -13.62
CA THR B 315 -3.86 -27.25 -12.74
C THR B 315 -3.72 -25.74 -12.75
N ALA B 316 -4.80 -25.03 -13.05
CA ALA B 316 -4.80 -23.56 -12.97
C ALA B 316 -6.07 -23.15 -12.30
N ASP B 317 -5.97 -22.51 -11.16
CA ASP B 317 -7.15 -22.11 -10.41
C ASP B 317 -7.86 -20.94 -11.05
N PHE B 318 -7.21 -20.32 -12.04
CA PHE B 318 -7.82 -19.28 -12.85
C PHE B 318 -7.00 -19.13 -14.14
N PHE B 319 -7.55 -18.46 -15.14
CA PHE B 319 -6.81 -18.27 -16.39
C PHE B 319 -6.05 -16.96 -16.30
N ALA B 320 -4.72 -17.04 -16.32
CA ALA B 320 -3.87 -15.86 -16.22
C ALA B 320 -3.35 -15.57 -17.62
N PHE B 321 -3.62 -14.37 -18.11
CA PHE B 321 -3.34 -14.04 -19.50
C PHE B 321 -2.45 -12.82 -19.69
N SER B 322 -1.36 -12.99 -20.45
CA SER B 322 -0.50 -11.87 -20.79
C SER B 322 -0.80 -11.41 -22.20
N PHE B 323 -0.98 -10.11 -22.38
CA PHE B 323 -1.23 -9.51 -23.69
C PHE B 323 -0.40 -8.26 -23.76
N GLY B 324 0.79 -8.38 -24.31
CA GLY B 324 1.66 -7.22 -24.38
C GLY B 324 2.73 -7.34 -25.42
N PRO B 325 3.55 -6.30 -25.54
CA PRO B 325 4.57 -6.19 -26.58
C PRO B 325 5.45 -7.43 -26.71
N ASN B 326 5.69 -8.15 -25.62
CA ASN B 326 6.54 -9.34 -25.66
C ASN B 326 6.03 -10.42 -26.58
N ASN B 327 4.72 -10.48 -26.75
CA ASN B 327 4.12 -11.45 -27.66
C ASN B 327 3.86 -10.90 -29.06
N PHE B 328 4.28 -9.69 -29.34
CA PHE B 328 4.11 -9.08 -30.67
C PHE B 328 5.43 -8.74 -31.34
N LYS B 329 6.44 -8.35 -30.56
CA LYS B 329 7.72 -7.98 -31.11
C LYS B 329 8.81 -8.84 -30.50
N PRO B 330 9.75 -9.30 -31.32
CA PRO B 330 9.90 -8.88 -32.72
C PRO B 330 9.09 -9.73 -33.69
N LEU B 331 9.43 -9.62 -34.97
CA LEU B 331 8.79 -10.37 -36.04
C LEU B 331 8.79 -11.89 -35.81
N ASN B 332 9.91 -12.43 -35.32
CA ASN B 332 10.10 -13.87 -35.16
C ASN B 332 9.49 -14.46 -33.88
N THR B 333 8.82 -13.63 -33.09
CA THR B 333 8.18 -14.06 -31.87
C THR B 333 7.09 -15.11 -32.11
N MET B 334 6.32 -14.94 -33.17
CA MET B 334 5.20 -15.86 -33.43
C MET B 334 5.05 -16.17 -34.90
N ALA B 335 4.24 -17.17 -35.19
CA ALA B 335 3.96 -17.56 -36.55
C ALA B 335 2.60 -17.02 -36.94
N LYS B 336 2.60 -16.03 -37.83
CA LYS B 336 1.40 -15.38 -38.36
C LYS B 336 0.72 -16.25 -39.41
N MET B 337 1.54 -17.01 -40.15
CA MET B 337 1.12 -17.88 -41.26
C MET B 337 0.35 -17.13 -42.35
N GLY B 338 0.89 -15.98 -42.75
CA GLY B 338 0.30 -15.13 -43.78
C GLY B 338 -0.76 -14.16 -43.28
N GLN B 339 -1.28 -14.38 -42.08
CA GLN B 339 -2.39 -13.58 -41.56
C GLN B 339 -1.97 -12.24 -40.97
N ASN B 340 -2.97 -11.52 -40.45
CA ASN B 340 -2.81 -10.18 -39.93
C ASN B 340 -2.69 -10.13 -38.42
N VAL B 341 -1.64 -9.49 -37.94
CA VAL B 341 -1.44 -9.36 -36.50
C VAL B 341 -2.44 -8.32 -35.99
N SER B 342 -3.04 -8.59 -34.84
CA SER B 342 -4.07 -7.72 -34.31
C SER B 342 -3.88 -7.50 -32.83
N LEU B 343 -4.23 -6.30 -32.38
CA LEU B 343 -4.13 -5.99 -30.97
C LEU B 343 -5.52 -6.03 -30.34
N ASN B 344 -6.43 -6.81 -30.93
CA ASN B 344 -7.77 -6.85 -30.42
C ASN B 344 -7.82 -7.76 -29.19
N LEU B 345 -7.68 -7.14 -28.03
CA LEU B 345 -7.71 -7.84 -26.76
C LEU B 345 -9.08 -8.46 -26.49
N ARG B 346 -10.13 -7.82 -26.97
CA ARG B 346 -11.48 -8.33 -26.77
C ARG B 346 -11.73 -9.65 -27.48
N GLU B 347 -11.28 -9.73 -28.73
CA GLU B 347 -11.46 -10.94 -29.53
C GLU B 347 -10.60 -12.05 -28.95
N ALA B 348 -9.38 -11.71 -28.55
CA ALA B 348 -8.47 -12.69 -27.95
C ALA B 348 -9.05 -13.26 -26.66
N LEU B 349 -9.69 -12.40 -25.87
CA LEU B 349 -10.36 -12.82 -24.64
C LEU B 349 -11.54 -13.75 -24.95
N ASN B 350 -12.23 -13.45 -26.05
CA ASN B 350 -13.33 -14.28 -26.53
C ASN B 350 -12.87 -15.66 -26.97
N TRP B 351 -11.70 -15.70 -27.58
CA TRP B 351 -11.11 -16.95 -28.04
C TRP B 351 -10.81 -17.87 -26.86
N ILE B 352 -10.42 -17.29 -25.73
CA ILE B 352 -10.17 -18.04 -24.50
C ILE B 352 -11.47 -18.56 -23.95
N LYS B 353 -12.50 -17.74 -24.00
CA LYS B 353 -13.81 -18.11 -23.52
C LYS B 353 -14.38 -19.34 -24.23
N LEU B 354 -14.23 -19.36 -25.55
CA LEU B 354 -14.74 -20.47 -26.35
C LEU B 354 -13.93 -21.76 -26.23
N GLU B 355 -12.61 -21.62 -26.25
CA GLU B 355 -11.69 -22.76 -26.20
C GLU B 355 -11.54 -23.45 -24.85
N TYR B 356 -11.58 -22.68 -23.76
CA TYR B 356 -11.30 -23.25 -22.41
C TYR B 356 -12.45 -23.13 -21.41
N ASN B 357 -13.66 -23.34 -21.92
CA ASN B 357 -14.88 -23.37 -21.13
C ASN B 357 -15.14 -22.14 -20.24
N ASN B 358 -15.11 -20.94 -20.82
CA ASN B 358 -15.46 -19.68 -20.15
C ASN B 358 -14.92 -19.56 -18.70
N PRO B 359 -13.62 -19.71 -18.54
CA PRO B 359 -12.98 -19.68 -17.24
C PRO B 359 -12.87 -18.27 -16.66
N ARG B 360 -12.55 -18.17 -15.37
CA ARG B 360 -12.28 -16.87 -14.77
C ARG B 360 -10.93 -16.38 -15.25
N ILE B 361 -10.87 -15.13 -15.72
CA ILE B 361 -9.69 -14.60 -16.37
C ILE B 361 -9.05 -13.44 -15.60
N LEU B 362 -7.74 -13.53 -15.40
CA LEU B 362 -6.96 -12.48 -14.78
C LEU B 362 -6.02 -11.99 -15.83
N ILE B 363 -6.07 -10.70 -16.15
CA ILE B 363 -5.12 -10.16 -17.11
C ILE B 363 -3.83 -9.93 -16.35
N ALA B 364 -2.95 -10.91 -16.38
CA ALA B 364 -1.69 -10.89 -15.62
C ALA B 364 -0.68 -9.84 -16.08
N GLU B 365 -0.64 -9.52 -17.37
CA GLU B 365 0.29 -8.49 -17.83
C GLU B 365 -0.31 -7.80 -19.03
N ASN B 366 -0.50 -6.48 -18.96
CA ASN B 366 -1.04 -5.72 -20.10
C ASN B 366 -0.54 -4.28 -20.17
N GLY B 367 -0.10 -3.91 -21.36
CA GLY B 367 0.38 -2.58 -21.63
C GLY B 367 1.12 -2.56 -22.96
N TRP B 368 1.93 -1.52 -23.15
CA TRP B 368 2.74 -1.37 -24.34
C TRP B 368 4.12 -0.78 -23.92
N PHE B 369 4.86 -0.16 -24.84
CA PHE B 369 6.14 0.43 -24.50
C PHE B 369 6.27 1.79 -25.16
N THR B 370 7.25 2.56 -24.71
CA THR B 370 7.60 3.84 -25.34
C THR B 370 9.09 3.87 -25.64
N ASP B 371 9.50 4.92 -26.32
CA ASP B 371 10.92 5.13 -26.59
C ASP B 371 11.60 5.62 -25.33
N SER B 372 12.89 5.31 -25.20
CA SER B 372 13.70 5.70 -24.05
C SER B 372 13.68 7.20 -23.76
N ARG B 373 13.64 8.00 -24.81
CA ARG B 373 13.64 9.44 -24.71
C ARG B 373 12.39 9.96 -24.00
N VAL B 374 11.26 9.31 -24.21
CA VAL B 374 10.04 9.75 -23.56
C VAL B 374 10.20 9.55 -22.07
N LYS B 375 9.99 10.59 -21.27
CA LYS B 375 10.18 10.49 -19.84
C LYS B 375 8.87 10.39 -19.09
N THR B 376 8.13 11.48 -18.96
CA THR B 376 6.86 11.43 -18.24
C THR B 376 5.66 11.68 -19.10
N GLU B 377 5.87 12.18 -20.31
CA GLU B 377 4.78 12.49 -21.22
C GLU B 377 4.47 11.31 -22.13
N ASP B 378 4.02 10.21 -21.53
CA ASP B 378 3.76 8.98 -22.29
C ASP B 378 2.31 8.90 -22.74
N THR B 379 2.00 9.68 -23.77
CA THR B 379 0.64 9.75 -24.29
C THR B 379 0.19 8.45 -24.95
N THR B 380 1.12 7.77 -25.65
CA THR B 380 0.78 6.50 -26.29
C THR B 380 0.43 5.43 -25.25
N ALA B 381 1.07 5.46 -24.09
CA ALA B 381 0.72 4.53 -23.02
C ALA B 381 -0.71 4.75 -22.55
N ILE B 382 -1.11 6.02 -22.43
CA ILE B 382 -2.46 6.34 -22.00
C ILE B 382 -3.48 5.86 -23.02
N TYR B 383 -3.19 6.10 -24.30
CA TYR B 383 -4.08 5.69 -25.37
C TYR B 383 -4.24 4.18 -25.37
N MET B 384 -3.12 3.48 -25.26
CA MET B 384 -3.13 2.03 -25.26
C MET B 384 -3.86 1.48 -24.05
N MET B 385 -3.68 2.13 -22.91
CA MET B 385 -4.40 1.73 -21.71
C MET B 385 -5.90 1.91 -21.84
N LYS B 386 -6.33 3.04 -22.41
CA LYS B 386 -7.75 3.31 -22.61
C LYS B 386 -8.31 2.33 -23.61
N ASN B 387 -7.56 2.11 -24.67
CA ASN B 387 -7.97 1.18 -25.70
C ASN B 387 -8.13 -0.23 -25.12
N PHE B 388 -7.13 -0.68 -24.36
CA PHE B 388 -7.17 -2.00 -23.78
C PHE B 388 -8.22 -2.18 -22.70
N LEU B 389 -8.41 -1.16 -21.87
CA LEU B 389 -9.38 -1.22 -20.77
C LEU B 389 -10.82 -1.17 -21.25
N SER B 390 -11.05 -0.48 -22.36
CA SER B 390 -12.39 -0.43 -22.96
C SER B 390 -12.76 -1.79 -23.45
N GLN B 391 -11.81 -2.45 -24.10
CA GLN B 391 -12.01 -3.78 -24.64
C GLN B 391 -12.29 -4.79 -23.52
N VAL B 392 -11.63 -4.61 -22.38
CA VAL B 392 -11.85 -5.50 -21.25
C VAL B 392 -13.26 -5.32 -20.70
N LEU B 393 -13.72 -4.08 -20.61
CA LEU B 393 -15.05 -3.77 -20.10
C LEU B 393 -16.13 -4.32 -21.02
N GLN B 394 -15.88 -4.22 -22.33
CA GLN B 394 -16.75 -4.80 -23.33
C GLN B 394 -16.87 -6.30 -23.16
N ALA B 395 -15.75 -6.94 -22.87
CA ALA B 395 -15.76 -8.39 -22.67
C ALA B 395 -16.59 -8.76 -21.47
N ILE B 396 -16.46 -8.00 -20.39
CA ILE B 396 -17.21 -8.27 -19.17
C ILE B 396 -18.69 -7.98 -19.37
N ARG B 397 -18.99 -6.79 -19.88
CA ARG B 397 -20.37 -6.32 -20.03
C ARG B 397 -21.15 -6.93 -21.19
N LEU B 398 -20.52 -7.06 -22.36
CA LEU B 398 -21.21 -7.53 -23.55
C LEU B 398 -20.98 -9.02 -23.82
N ASP B 399 -19.77 -9.49 -23.61
CA ASP B 399 -19.44 -10.87 -23.91
C ASP B 399 -19.58 -11.82 -22.74
N GLU B 400 -20.05 -11.35 -21.58
CA GLU B 400 -20.24 -12.21 -20.40
C GLU B 400 -19.02 -13.06 -20.01
N ILE B 401 -17.82 -12.52 -20.15
CA ILE B 401 -16.60 -13.22 -19.77
C ILE B 401 -16.19 -12.69 -18.42
N ARG B 402 -15.86 -13.59 -17.51
CA ARG B 402 -15.51 -13.15 -16.15
C ARG B 402 -14.03 -12.76 -16.02
N VAL B 403 -13.66 -11.64 -16.64
CA VAL B 403 -12.35 -11.06 -16.42
C VAL B 403 -12.41 -10.36 -15.07
N PHE B 404 -11.75 -10.92 -14.05
CA PHE B 404 -11.92 -10.41 -12.69
C PHE B 404 -10.84 -9.44 -12.20
N GLY B 405 -9.70 -9.39 -12.88
CA GLY B 405 -8.62 -8.49 -12.49
C GLY B 405 -7.81 -8.02 -13.67
N TYR B 406 -7.15 -6.87 -13.51
CA TYR B 406 -6.34 -6.30 -14.57
C TYR B 406 -5.04 -5.85 -13.99
N THR B 407 -3.94 -6.15 -14.67
CA THR B 407 -2.62 -5.77 -14.20
C THR B 407 -1.95 -4.89 -15.22
N ALA B 408 -1.84 -3.60 -14.92
CA ALA B 408 -1.13 -2.69 -15.80
C ALA B 408 0.31 -3.10 -15.75
N TRP B 409 0.98 -3.21 -16.90
CA TRP B 409 2.36 -3.69 -16.84
C TRP B 409 3.39 -2.58 -16.82
N SER B 410 4.20 -2.76 -15.77
CA SER B 410 5.37 -2.04 -15.33
C SER B 410 4.99 -0.89 -14.44
N LEU B 411 5.23 -1.15 -13.17
CA LEU B 411 5.07 -0.16 -12.16
C LEU B 411 6.09 0.92 -12.48
N LEU B 412 7.30 0.50 -12.78
CA LEU B 412 8.38 1.42 -13.05
C LEU B 412 9.28 0.94 -14.16
N ASP B 413 10.08 1.86 -14.71
CA ASP B 413 11.00 1.57 -15.80
C ASP B 413 12.10 0.63 -15.37
N GLY B 414 12.48 -0.29 -16.24
CA GLY B 414 13.51 -1.26 -15.90
C GLY B 414 14.29 -1.73 -17.10
N PHE B 415 14.91 -2.89 -16.95
CA PHE B 415 15.73 -3.50 -17.97
C PHE B 415 14.85 -4.41 -18.80
N GLU B 416 14.52 -4.03 -20.02
CA GLU B 416 13.58 -4.81 -20.81
C GLU B 416 14.21 -5.88 -21.70
N TRP B 417 14.84 -6.87 -21.08
CA TRP B 417 15.40 -8.04 -21.75
C TRP B 417 16.38 -7.66 -22.86
N GLN B 418 16.22 -8.20 -24.07
CA GLN B 418 17.14 -7.89 -25.18
C GLN B 418 17.16 -6.41 -25.56
N ASP B 419 15.99 -5.77 -25.44
CA ASP B 419 15.86 -4.33 -25.67
C ASP B 419 16.58 -3.47 -24.64
N ALA B 420 16.77 -4.01 -23.43
CA ALA B 420 17.51 -3.34 -22.35
C ALA B 420 16.89 -2.00 -21.98
N TYR B 421 17.62 -0.90 -22.07
CA TYR B 421 17.05 0.39 -21.75
C TYR B 421 16.70 1.19 -22.99
N THR B 422 16.55 0.55 -24.15
CA THR B 422 16.11 1.27 -25.34
C THR B 422 14.63 1.62 -25.29
N ILE B 423 13.83 0.83 -24.58
CA ILE B 423 12.39 1.09 -24.43
C ILE B 423 12.02 1.18 -22.96
N ARG B 424 10.93 1.88 -22.66
CA ARG B 424 10.42 2.01 -21.30
C ARG B 424 8.97 1.57 -21.24
N ARG B 425 8.63 0.71 -20.29
CA ARG B 425 7.27 0.20 -20.14
C ARG B 425 6.58 0.71 -18.88
N GLY B 426 7.30 1.45 -18.03
CA GLY B 426 6.80 1.87 -16.73
C GLY B 426 5.75 2.96 -16.63
N LEU B 427 4.99 2.92 -15.53
CA LEU B 427 4.08 3.98 -15.14
C LEU B 427 4.85 5.09 -14.46
N PHE B 428 5.89 4.72 -13.72
CA PHE B 428 6.76 5.65 -13.05
C PHE B 428 8.07 5.65 -13.79
N TYR B 429 8.56 6.84 -14.10
CA TYR B 429 9.82 7.05 -14.81
C TYR B 429 10.99 6.91 -13.86
N VAL B 430 12.04 6.23 -14.32
CA VAL B 430 13.27 6.11 -13.55
C VAL B 430 14.45 6.56 -14.38
N ASP B 431 15.24 7.50 -13.88
CA ASP B 431 16.45 7.90 -14.57
C ASP B 431 17.55 6.96 -14.11
N PHE B 432 18.00 6.11 -15.02
CA PHE B 432 19.03 5.12 -14.70
C PHE B 432 20.41 5.74 -14.42
N ASN B 433 20.67 6.91 -14.97
CA ASN B 433 21.93 7.62 -14.66
C ASN B 433 21.97 8.17 -13.24
N SER B 434 20.87 8.67 -12.72
CA SER B 434 20.87 9.26 -11.38
C SER B 434 21.14 8.19 -10.33
N LYS B 435 21.95 8.53 -9.34
CA LYS B 435 22.24 7.62 -8.24
C LYS B 435 21.00 7.34 -7.40
N GLN B 436 20.21 8.38 -7.20
CA GLN B 436 19.03 8.34 -6.33
C GLN B 436 17.89 7.45 -6.85
N LYS B 437 17.72 7.39 -8.18
CA LYS B 437 16.72 6.54 -8.83
C LYS B 437 15.28 6.78 -8.39
N GLU B 438 14.88 8.04 -8.39
CA GLU B 438 13.52 8.43 -8.00
C GLU B 438 12.46 7.78 -8.89
N ARG B 439 11.30 7.49 -8.31
CA ARG B 439 10.16 6.98 -9.06
C ARG B 439 9.28 8.16 -9.39
N LYS B 440 9.48 8.73 -10.57
CA LYS B 440 8.74 9.91 -10.95
C LYS B 440 7.53 9.49 -11.76
N PRO B 441 6.33 9.84 -11.26
CA PRO B 441 5.09 9.48 -11.93
C PRO B 441 4.92 10.12 -13.29
N LYS B 442 4.69 9.28 -14.30
CA LYS B 442 4.42 9.75 -15.65
C LYS B 442 2.93 10.06 -15.78
N SER B 443 2.53 10.57 -16.94
CA SER B 443 1.12 10.87 -17.16
C SER B 443 0.20 9.65 -17.06
N SER B 444 0.69 8.48 -17.51
CA SER B 444 -0.04 7.23 -17.40
C SER B 444 -0.25 6.81 -15.96
N ALA B 445 0.70 7.11 -15.09
CA ALA B 445 0.53 6.80 -13.67
C ALA B 445 -0.62 7.61 -13.09
N HIS B 446 -0.68 8.88 -13.48
CA HIS B 446 -1.76 9.77 -13.05
C HIS B 446 -3.09 9.29 -13.60
N TYR B 447 -3.09 8.83 -14.85
CA TYR B 447 -4.32 8.35 -15.45
C TYR B 447 -4.83 7.10 -14.75
N TYR B 448 -3.93 6.15 -14.53
CA TYR B 448 -4.31 4.90 -13.90
C TYR B 448 -4.78 5.11 -12.47
N LYS B 449 -4.24 6.14 -11.83
CA LYS B 449 -4.63 6.55 -10.49
C LYS B 449 -6.09 6.94 -10.47
N GLN B 450 -6.51 7.77 -11.42
CA GLN B 450 -7.88 8.20 -11.51
C GLN B 450 -8.82 7.06 -11.84
N ILE B 451 -8.36 6.17 -12.72
CA ILE B 451 -9.17 5.04 -13.13
C ILE B 451 -9.55 4.18 -11.94
N ILE B 452 -8.59 3.93 -11.05
CA ILE B 452 -8.86 3.13 -9.87
C ILE B 452 -9.79 3.89 -8.92
N ARG B 453 -9.61 5.20 -8.85
CA ARG B 453 -10.42 6.08 -8.02
C ARG B 453 -11.87 6.06 -8.48
N GLU B 454 -12.06 6.12 -9.79
CA GLU B 454 -13.38 6.17 -10.38
C GLU B 454 -13.90 4.84 -10.87
N ASN B 455 -13.14 3.76 -10.66
CA ASN B 455 -13.48 2.43 -11.16
C ASN B 455 -13.85 2.40 -12.66
N GLY B 456 -13.12 3.18 -13.46
CA GLY B 456 -13.34 3.20 -14.90
C GLY B 456 -13.14 4.57 -15.49
N PHE B 457 -13.90 4.87 -16.54
CA PHE B 457 -13.83 6.17 -17.22
C PHE B 457 -15.03 6.95 -16.73
N GLU C 1 27.46 30.82 18.21
CA GLU C 1 26.43 30.72 17.14
C GLU C 1 26.98 29.98 15.95
N ILE C 2 26.11 29.43 15.13
CA ILE C 2 26.56 28.70 13.96
C ILE C 2 26.81 29.64 12.79
N VAL C 3 28.05 29.68 12.37
CA VAL C 3 28.46 30.49 11.24
C VAL C 3 28.50 29.57 10.04
N LEU C 4 27.76 29.92 9.00
CA LEU C 4 27.77 29.17 7.76
C LEU C 4 28.70 29.84 6.78
N THR C 5 29.66 29.09 6.27
CA THR C 5 30.62 29.61 5.31
C THR C 5 30.42 28.97 3.96
N GLN C 6 30.20 29.80 2.94
CA GLN C 6 29.96 29.29 1.58
C GLN C 6 31.20 29.38 0.70
N SER C 7 31.36 28.36 -0.13
CA SER C 7 32.44 28.33 -1.09
C SER C 7 31.92 27.77 -2.40
N PRO C 8 32.50 28.17 -3.52
CA PRO C 8 33.34 29.36 -3.65
C PRO C 8 32.47 30.60 -3.72
N GLY C 9 33.08 31.77 -3.52
CA GLY C 9 32.37 33.04 -3.59
C GLY C 9 31.70 33.24 -4.93
N THR C 10 32.42 32.91 -6.00
CA THR C 10 31.86 32.99 -7.34
C THR C 10 32.16 31.71 -8.12
N LEU C 11 31.19 31.25 -8.90
CA LEU C 11 31.32 30.07 -9.73
C LEU C 11 30.98 30.50 -11.15
N SER C 12 31.89 30.22 -12.09
CA SER C 12 31.70 30.62 -13.50
C SER C 12 31.60 29.39 -14.37
N LEU C 13 30.41 29.13 -14.91
CA LEU C 13 30.16 27.97 -15.76
C LEU C 13 29.24 28.32 -16.92
N SER C 14 29.33 27.54 -17.99
CA SER C 14 28.47 27.73 -19.16
C SER C 14 27.15 27.02 -18.94
N PRO C 15 26.11 27.39 -19.70
CA PRO C 15 24.85 26.68 -19.61
C PRO C 15 24.98 25.21 -19.95
N GLY C 16 24.20 24.38 -19.27
CA GLY C 16 24.22 22.94 -19.50
C GLY C 16 25.31 22.24 -18.72
N GLU C 17 26.03 22.98 -17.87
CA GLU C 17 27.07 22.41 -17.04
C GLU C 17 26.53 22.14 -15.64
N ARG C 18 27.28 21.34 -14.88
CA ARG C 18 26.90 21.05 -13.50
C ARG C 18 27.55 22.05 -12.57
N ALA C 19 26.77 22.55 -11.63
CA ALA C 19 27.27 23.48 -10.62
C ALA C 19 27.20 22.84 -9.24
N THR C 20 28.28 22.96 -8.47
CA THR C 20 28.34 22.41 -7.13
C THR C 20 28.69 23.48 -6.10
N LEU C 21 27.69 23.81 -5.28
CA LEU C 21 27.83 24.82 -4.23
C LEU C 21 27.98 24.15 -2.88
N SER C 22 28.84 24.71 -2.04
CA SER C 22 29.14 24.12 -0.73
C SER C 22 28.85 25.10 0.40
N CYS C 23 28.41 24.55 1.53
CA CYS C 23 28.09 25.33 2.71
C CYS C 23 28.65 24.61 3.93
N ARG C 24 29.59 25.23 4.63
CA ARG C 24 30.18 24.62 5.81
C ARG C 24 29.70 25.37 7.05
N ALA C 25 29.36 24.62 8.09
CA ALA C 25 28.92 25.22 9.33
C ALA C 25 30.01 25.10 10.36
N SER C 26 30.14 26.12 11.20
CA SER C 26 31.16 26.12 12.25
C SER C 26 30.88 25.01 13.26
N GLN C 27 29.61 24.80 13.57
CA GLN C 27 29.16 23.71 14.44
C GLN C 27 28.25 22.77 13.65
N SER C 28 28.13 21.53 14.12
CA SER C 28 27.26 20.56 13.46
C SER C 28 25.76 20.88 13.60
N VAL C 29 25.00 20.60 12.56
CA VAL C 29 23.57 20.86 12.55
C VAL C 29 22.84 19.73 11.84
N SER C 30 21.58 19.50 12.19
CA SER C 30 20.78 18.47 11.55
C SER C 30 20.43 18.91 10.16
N SER C 31 20.40 17.99 9.21
CA SER C 31 20.04 18.31 7.83
C SER C 31 18.62 18.89 7.75
N THR C 32 17.77 18.44 8.66
CA THR C 32 16.41 18.94 8.82
C THR C 32 16.24 20.47 8.84
N TYR C 33 17.28 21.19 9.26
CA TYR C 33 17.19 22.62 9.44
C TYR C 33 17.94 23.43 8.41
N LEU C 34 18.28 22.82 7.27
CA LEU C 34 19.07 23.55 6.31
C LEU C 34 18.28 23.86 5.03
N ALA C 35 18.31 25.13 4.65
CA ALA C 35 17.60 25.60 3.49
C ALA C 35 18.50 26.38 2.57
N TRP C 36 18.14 26.36 1.28
CA TRP C 36 18.86 27.11 0.26
C TRP C 36 17.92 28.14 -0.34
N TYR C 37 18.45 29.29 -0.72
CA TYR C 37 17.63 30.35 -1.34
C TYR C 37 18.26 30.86 -2.61
N GLN C 38 17.43 31.36 -3.52
CA GLN C 38 17.91 31.95 -4.76
C GLN C 38 17.47 33.40 -4.81
N GLN C 39 18.39 34.29 -5.17
CA GLN C 39 18.02 35.69 -5.31
C GLN C 39 18.60 36.32 -6.56
N LYS C 40 17.70 36.85 -7.38
CA LYS C 40 18.10 37.54 -8.60
C LYS C 40 18.14 39.04 -8.32
N PRO C 41 19.04 39.75 -9.04
CA PRO C 41 19.15 41.19 -8.91
C PRO C 41 17.80 41.91 -8.98
N GLY C 42 17.52 42.70 -7.95
CA GLY C 42 16.28 43.46 -7.82
C GLY C 42 15.06 42.64 -7.44
N GLN C 43 15.25 41.37 -7.06
CA GLN C 43 14.15 40.50 -6.68
C GLN C 43 14.29 40.06 -5.23
N ALA C 44 13.17 39.69 -4.64
CA ALA C 44 13.17 39.10 -3.32
C ALA C 44 13.61 37.64 -3.43
N PRO C 45 14.18 37.09 -2.35
CA PRO C 45 14.60 35.70 -2.30
C PRO C 45 13.48 34.69 -2.53
N ARG C 46 13.87 33.52 -3.05
CA ARG C 46 12.95 32.43 -3.30
C ARG C 46 13.50 31.19 -2.62
N LEU C 47 12.62 30.48 -1.90
CA LEU C 47 13.03 29.27 -1.23
C LEU C 47 13.18 28.17 -2.26
N LEU C 48 14.35 27.55 -2.31
CA LEU C 48 14.61 26.45 -3.24
C LEU C 48 14.48 25.11 -2.56
N ILE C 49 15.26 24.93 -1.50
CA ILE C 49 15.36 23.65 -0.84
C ILE C 49 15.16 23.88 0.65
N TYR C 50 14.40 22.99 1.29
CA TYR C 50 14.22 23.01 2.73
C TYR C 50 14.54 21.63 3.28
N GLY C 51 14.96 21.56 4.53
CA GLY C 51 15.32 20.28 5.11
C GLY C 51 16.42 19.58 4.34
N ALA C 52 17.42 20.35 3.92
CA ALA C 52 18.62 19.90 3.19
C ALA C 52 18.42 19.39 1.76
N SER C 53 17.48 18.48 1.52
CA SER C 53 17.27 17.90 0.20
C SER C 53 15.91 18.13 -0.45
N SER C 54 14.92 18.62 0.28
CA SER C 54 13.55 18.72 -0.24
C SER C 54 13.33 19.93 -1.10
N ARG C 55 12.83 19.75 -2.32
CA ARG C 55 12.55 20.87 -3.21
C ARG C 55 11.29 21.63 -2.83
N ALA C 56 11.39 22.94 -2.91
CA ALA C 56 10.28 23.84 -2.63
C ALA C 56 9.26 23.79 -3.75
N THR C 57 8.08 24.32 -3.47
CA THR C 57 7.00 24.24 -4.42
C THR C 57 7.39 24.99 -5.69
N GLY C 58 7.15 24.34 -6.83
CA GLY C 58 7.53 24.87 -8.14
C GLY C 58 9.01 24.85 -8.51
N ILE C 59 9.82 24.10 -7.76
CA ILE C 59 11.24 24.04 -8.05
C ILE C 59 11.57 22.81 -8.89
N PRO C 60 12.28 23.01 -10.00
CA PRO C 60 12.56 21.92 -10.94
C PRO C 60 13.59 20.89 -10.43
N ASP C 61 13.60 19.74 -11.09
CA ASP C 61 14.41 18.58 -10.67
C ASP C 61 15.92 18.79 -10.76
N ARG C 62 16.35 19.74 -11.58
CA ARG C 62 17.77 20.02 -11.72
C ARG C 62 18.43 20.46 -10.40
N PHE C 63 17.64 21.08 -9.53
CA PHE C 63 18.12 21.48 -8.21
C PHE C 63 18.09 20.32 -7.23
N SER C 64 19.21 20.04 -6.59
CA SER C 64 19.28 18.96 -5.59
C SER C 64 19.93 19.49 -4.34
N GLY C 65 19.61 18.89 -3.22
CA GLY C 65 20.24 19.24 -1.95
C GLY C 65 20.71 17.99 -1.25
N SER C 66 21.84 18.09 -0.56
CA SER C 66 22.37 16.96 0.22
C SER C 66 23.31 17.44 1.30
N GLY C 67 23.77 16.50 2.13
CA GLY C 67 24.71 16.81 3.20
C GLY C 67 24.17 16.55 4.59
N SER C 68 25.10 16.52 5.53
CA SER C 68 24.81 16.23 6.95
C SER C 68 25.94 16.77 7.82
N GLY C 69 25.69 16.85 9.12
CA GLY C 69 26.70 17.37 10.05
C GLY C 69 27.09 18.80 9.74
N THR C 70 28.33 19.00 9.33
CA THR C 70 28.85 20.34 9.06
C THR C 70 29.00 20.66 7.58
N ASP C 71 28.70 19.72 6.70
CA ASP C 71 28.87 19.97 5.25
C ASP C 71 27.61 19.73 4.43
N PHE C 72 27.17 20.75 3.70
CA PHE C 72 25.97 20.63 2.86
C PHE C 72 26.27 21.12 1.45
N THR C 73 25.58 20.54 0.47
CA THR C 73 25.88 20.81 -0.94
C THR C 73 24.62 21.05 -1.78
N LEU C 74 24.63 22.11 -2.58
CA LEU C 74 23.55 22.40 -3.52
C LEU C 74 24.06 22.09 -4.90
N THR C 75 23.28 21.34 -5.68
CA THR C 75 23.71 20.95 -7.01
C THR C 75 22.65 21.20 -8.07
N ILE C 76 23.09 21.82 -9.17
CA ILE C 76 22.22 22.07 -10.32
C ILE C 76 22.82 21.20 -11.42
N SER C 77 22.10 20.18 -11.85
CA SER C 77 22.66 19.21 -12.80
C SER C 77 22.95 19.81 -14.18
N ARG C 78 22.00 20.57 -14.71
CA ARG C 78 22.18 21.18 -16.02
C ARG C 78 21.80 22.63 -15.93
N LEU C 79 22.79 23.51 -15.91
CA LEU C 79 22.53 24.93 -15.75
C LEU C 79 21.69 25.48 -16.90
N GLU C 80 20.79 26.38 -16.54
CA GLU C 80 19.94 27.10 -17.48
C GLU C 80 20.16 28.59 -17.29
N PRO C 81 19.76 29.39 -18.30
CA PRO C 81 19.89 30.84 -18.17
C PRO C 81 19.20 31.44 -16.94
N GLU C 82 18.06 30.90 -16.56
CA GLU C 82 17.31 31.38 -15.39
C GLU C 82 18.07 31.05 -14.11
N ASP C 83 18.81 29.94 -14.11
CA ASP C 83 19.54 29.51 -12.92
C ASP C 83 20.65 30.47 -12.44
N PHE C 84 21.34 31.17 -13.33
CA PHE C 84 22.43 32.04 -12.87
C PHE C 84 21.91 33.17 -11.98
N ALA C 85 22.31 33.13 -10.72
CA ALA C 85 21.90 34.07 -9.68
C ALA C 85 22.83 33.90 -8.45
N VAL C 86 22.40 34.41 -7.31
CA VAL C 86 23.13 34.20 -6.07
C VAL C 86 22.38 33.24 -5.13
N TYR C 87 23.10 32.31 -4.53
CA TYR C 87 22.52 31.33 -3.62
C TYR C 87 23.02 31.45 -2.19
N TYR C 88 22.09 31.42 -1.24
CA TYR C 88 22.39 31.50 0.18
C TYR C 88 21.97 30.24 0.94
N CYS C 89 22.82 29.73 1.82
CA CYS C 89 22.43 28.62 2.69
C CYS C 89 21.96 29.21 4.02
N GLN C 90 21.00 28.56 4.64
CA GLN C 90 20.45 29.05 5.91
C GLN C 90 20.23 27.89 6.86
N GLN C 91 20.41 28.14 8.16
CA GLN C 91 20.18 27.11 9.15
C GLN C 91 19.28 27.61 10.25
N SER C 92 18.27 26.82 10.60
CA SER C 92 17.37 27.12 11.72
C SER C 92 17.61 26.21 12.92
N GLY C 93 18.59 25.32 12.82
CA GLY C 93 18.86 24.34 13.87
C GLY C 93 19.31 24.92 15.19
N SER C 94 20.07 26.01 15.12
CA SER C 94 20.56 26.69 16.30
C SER C 94 20.03 28.10 16.34
N SER C 95 19.82 28.63 17.53
CA SER C 95 19.37 30.02 17.67
C SER C 95 20.55 30.83 18.23
N PRO C 96 20.95 31.92 17.59
CA PRO C 96 20.23 32.57 16.48
C PRO C 96 20.39 31.93 15.11
N LEU C 97 19.37 32.13 14.27
CA LEU C 97 19.35 31.52 12.95
C LEU C 97 20.28 32.34 12.05
N THR C 98 21.05 31.66 11.20
CA THR C 98 22.03 32.37 10.37
C THR C 98 21.96 32.05 8.88
N PHE C 99 22.52 32.97 8.09
CA PHE C 99 22.62 32.85 6.65
C PHE C 99 24.09 32.76 6.26
N GLY C 100 24.36 32.14 5.12
CA GLY C 100 25.72 32.07 4.61
C GLY C 100 26.09 33.34 3.87
N GLY C 101 27.36 33.43 3.49
CA GLY C 101 27.86 34.59 2.74
C GLY C 101 27.16 34.76 1.41
N GLY C 102 26.95 33.65 0.72
CA GLY C 102 26.30 33.65 -0.57
C GLY C 102 27.30 33.19 -1.61
N THR C 103 26.80 32.51 -2.62
CA THR C 103 27.65 32.08 -3.72
C THR C 103 27.02 32.59 -4.97
N GLU C 104 27.81 33.26 -5.80
CA GLU C 104 27.32 33.81 -7.05
C GLU C 104 27.68 32.88 -8.18
N VAL C 105 26.67 32.40 -8.92
CA VAL C 105 26.93 31.58 -10.09
C VAL C 105 26.78 32.47 -11.32
N GLU C 106 27.89 32.71 -12.01
CA GLU C 106 27.88 33.56 -13.20
C GLU C 106 28.09 32.71 -14.44
N ILE C 107 27.94 33.36 -15.58
CA ILE C 107 28.05 32.68 -16.87
C ILE C 107 29.48 32.79 -17.41
N LYS C 108 30.11 31.63 -17.63
CA LYS C 108 31.43 31.57 -18.23
C LYS C 108 31.31 31.77 -19.72
N ARG C 109 32.25 32.52 -20.29
CA ARG C 109 32.25 32.77 -21.72
C ARG C 109 33.64 33.04 -22.24
N THR C 110 33.75 33.12 -23.55
CA THR C 110 35.01 33.39 -24.20
C THR C 110 35.48 34.76 -23.75
N VAL C 111 36.75 34.87 -23.43
CA VAL C 111 37.31 36.11 -22.88
C VAL C 111 37.11 37.24 -23.89
N ALA C 112 36.55 38.35 -23.41
CA ALA C 112 36.27 39.51 -24.25
C ALA C 112 37.02 40.68 -23.69
N ALA C 113 37.62 41.48 -24.57
CA ALA C 113 38.38 42.64 -24.14
C ALA C 113 37.49 43.87 -24.00
N PRO C 114 37.81 44.73 -23.03
CA PRO C 114 37.03 45.93 -22.80
C PRO C 114 37.28 47.05 -23.79
N SER C 115 36.32 47.96 -23.86
CA SER C 115 36.42 49.15 -24.68
C SER C 115 36.54 50.30 -23.71
N VAL C 116 37.60 51.09 -23.83
CA VAL C 116 37.85 52.17 -22.87
C VAL C 116 37.53 53.54 -23.45
N PHE C 117 36.69 54.30 -22.74
CA PHE C 117 36.29 55.65 -23.13
C PHE C 117 36.40 56.58 -21.93
N ILE C 118 37.21 57.62 -22.04
CA ILE C 118 37.44 58.53 -20.90
C ILE C 118 36.67 59.83 -21.13
N PHE C 119 35.91 60.28 -20.15
CA PHE C 119 35.15 61.52 -20.29
C PHE C 119 35.61 62.60 -19.33
N PRO C 120 36.19 63.68 -19.86
CA PRO C 120 36.56 64.83 -19.05
C PRO C 120 35.34 65.59 -18.56
N PRO C 121 35.48 66.30 -17.43
CA PRO C 121 34.32 66.94 -16.77
C PRO C 121 33.62 68.03 -17.58
N SER C 122 32.34 68.23 -17.28
CA SER C 122 31.54 69.23 -17.97
C SER C 122 31.86 70.62 -17.43
N ASP C 123 31.45 71.62 -18.18
CA ASP C 123 31.65 73.02 -17.79
C ASP C 123 30.79 73.44 -16.62
N GLU C 124 29.53 73.03 -16.60
CA GLU C 124 28.62 73.43 -15.52
C GLU C 124 29.14 72.90 -14.19
N GLN C 125 29.64 71.67 -14.20
CA GLN C 125 30.18 71.05 -12.99
C GLN C 125 31.45 71.80 -12.61
N LEU C 126 32.26 72.12 -13.60
CA LEU C 126 33.48 72.86 -13.37
C LEU C 126 33.20 74.19 -12.73
N LYS C 127 32.15 74.86 -13.21
CA LYS C 127 31.74 76.14 -12.65
C LYS C 127 31.30 75.98 -11.21
N SER C 128 30.61 74.88 -10.93
CA SER C 128 30.10 74.59 -9.59
C SER C 128 31.20 74.49 -8.52
N GLY C 129 32.36 73.99 -8.90
CA GLY C 129 33.50 73.90 -8.00
C GLY C 129 33.95 72.49 -7.65
N THR C 130 33.57 71.51 -8.46
CA THR C 130 34.03 70.14 -8.29
C THR C 130 34.28 69.53 -9.66
N ALA C 131 35.24 68.61 -9.75
CA ALA C 131 35.60 68.01 -11.04
C ALA C 131 35.65 66.48 -11.00
N SER C 132 34.86 65.83 -11.85
CA SER C 132 34.82 64.37 -11.93
C SER C 132 35.29 63.88 -13.29
N VAL C 133 36.20 62.93 -13.29
CA VAL C 133 36.69 62.34 -14.53
C VAL C 133 36.23 60.90 -14.57
N VAL C 134 35.58 60.49 -15.65
CA VAL C 134 34.99 59.17 -15.73
C VAL C 134 35.65 58.24 -16.75
N CYS C 135 36.17 57.12 -16.26
CA CYS C 135 36.75 56.10 -17.09
C CYS C 135 35.69 55.02 -17.17
N LEU C 136 35.42 54.54 -18.38
CA LEU C 136 34.38 53.55 -18.58
C LEU C 136 34.89 52.39 -19.42
N LEU C 137 34.58 51.18 -18.97
CA LEU C 137 34.94 49.97 -19.68
C LEU C 137 33.64 49.35 -20.13
N ASN C 138 33.53 49.07 -21.43
CA ASN C 138 32.30 48.54 -22.02
C ASN C 138 32.43 47.08 -22.40
N ASN C 139 31.43 46.31 -21.98
CA ASN C 139 31.25 44.91 -22.37
C ASN C 139 32.51 44.05 -22.36
N PHE C 140 33.00 43.72 -21.18
CA PHE C 140 34.20 42.90 -21.04
C PHE C 140 33.93 41.71 -20.15
N TYR C 141 34.79 40.70 -20.25
CA TYR C 141 34.67 39.52 -19.44
C TYR C 141 36.04 38.87 -19.27
N PRO C 142 36.43 38.51 -18.05
CA PRO C 142 35.62 38.59 -16.85
C PRO C 142 35.72 39.95 -16.17
N ARG C 143 35.07 40.08 -15.02
CA ARG C 143 35.05 41.31 -14.23
C ARG C 143 36.42 41.72 -13.67
N GLU C 144 37.23 40.76 -13.30
CA GLU C 144 38.52 41.04 -12.63
C GLU C 144 39.39 42.01 -13.45
N ALA C 145 39.44 43.28 -13.00
CA ALA C 145 40.21 44.32 -13.69
C ALA C 145 40.94 45.25 -12.71
N ASN C 159 41.26 60.22 -5.51
CA ASN C 159 40.31 59.25 -5.03
C ASN C 159 39.37 58.82 -6.17
N SER C 160 39.22 57.51 -6.34
CA SER C 160 38.33 56.98 -7.35
C SER C 160 37.35 55.98 -6.75
N GLN C 161 36.08 56.13 -7.10
CA GLN C 161 35.02 55.20 -6.69
C GLN C 161 34.56 54.44 -7.91
N GLU C 162 34.10 53.21 -7.71
CA GLU C 162 33.72 52.37 -8.85
C GLU C 162 32.31 51.87 -8.76
N SER C 163 31.84 51.36 -9.89
CA SER C 163 30.52 50.79 -10.00
C SER C 163 30.57 49.77 -11.11
N VAL C 164 29.94 48.62 -10.88
CA VAL C 164 29.88 47.55 -11.88
C VAL C 164 28.43 47.16 -12.07
N THR C 165 28.10 46.72 -13.27
CA THR C 165 26.76 46.28 -13.63
C THR C 165 26.60 44.79 -13.40
N GLU C 166 25.36 44.31 -13.58
CA GLU C 166 25.06 42.88 -13.51
C GLU C 166 25.51 42.22 -14.81
N GLN C 167 25.63 40.90 -14.80
CA GLN C 167 26.00 40.20 -16.01
C GLN C 167 24.90 40.42 -17.05
N ASP C 168 25.31 40.88 -18.22
CA ASP C 168 24.38 41.18 -19.32
C ASP C 168 23.61 39.92 -19.73
N SER C 169 22.29 40.06 -19.83
CA SER C 169 21.47 38.94 -20.27
C SER C 169 21.80 38.54 -21.71
N LYS C 170 21.99 39.54 -22.56
CA LYS C 170 22.25 39.31 -23.98
C LYS C 170 23.65 38.74 -24.28
N ASP C 171 24.72 39.45 -23.91
CA ASP C 171 26.08 38.97 -24.27
C ASP C 171 26.95 38.48 -23.11
N SER C 172 26.38 38.35 -21.91
CA SER C 172 27.10 37.83 -20.72
C SER C 172 28.40 38.57 -20.40
N THR C 173 28.32 39.88 -20.29
CA THR C 173 29.48 40.71 -19.93
C THR C 173 29.13 41.76 -18.89
N TYR C 174 30.16 42.30 -18.26
CA TYR C 174 30.00 43.39 -17.31
C TYR C 174 30.50 44.68 -17.92
N SER C 175 30.23 45.78 -17.23
CA SER C 175 30.68 47.10 -17.62
C SER C 175 30.95 47.85 -16.34
N LEU C 176 32.08 48.54 -16.25
CA LEU C 176 32.44 49.22 -15.00
C LEU C 176 32.82 50.67 -15.26
N SER C 177 32.40 51.55 -14.35
CA SER C 177 32.65 52.99 -14.46
C SER C 177 33.28 53.59 -13.21
N SER C 178 34.58 53.87 -13.27
CA SER C 178 35.31 54.46 -12.16
C SER C 178 35.32 55.98 -12.25
N THR C 179 34.99 56.65 -11.15
CA THR C 179 34.90 58.09 -11.13
C THR C 179 35.90 58.73 -10.15
N LEU C 180 36.74 59.61 -10.69
CA LEU C 180 37.79 60.25 -9.89
C LEU C 180 37.30 61.64 -9.58
N THR C 181 37.22 62.00 -8.30
CA THR C 181 36.69 63.32 -7.94
C THR C 181 37.78 64.23 -7.41
N LEU C 182 38.34 65.00 -8.34
CA LEU C 182 39.38 65.99 -8.01
C LEU C 182 38.79 67.28 -7.44
N SER C 183 39.68 68.18 -7.04
CA SER C 183 39.32 69.50 -6.48
C SER C 183 38.71 70.49 -7.50
N LYS C 184 38.35 71.67 -7.01
CA LYS C 184 37.79 72.76 -7.82
C LYS C 184 38.62 73.13 -9.05
N ALA C 185 39.94 73.14 -8.91
CA ALA C 185 40.81 73.40 -10.03
C ALA C 185 41.63 72.14 -10.26
N ASP C 186 41.47 71.55 -11.43
CA ASP C 186 42.17 70.30 -11.76
C ASP C 186 43.66 70.61 -11.92
N TYR C 187 43.93 71.65 -12.72
CA TYR C 187 45.29 72.16 -13.04
C TYR C 187 46.48 71.21 -12.80
N CYS C 195 43.96 57.26 -18.04
CA CYS C 195 43.33 56.29 -17.17
C CYS C 195 43.66 54.87 -17.63
N GLU C 196 44.73 54.31 -17.07
CA GLU C 196 45.24 53.00 -17.48
C GLU C 196 44.27 51.88 -17.10
N VAL C 197 44.04 50.96 -18.02
CA VAL C 197 43.15 49.84 -17.80
C VAL C 197 43.89 48.55 -18.08
N THR C 198 43.76 47.59 -17.17
CA THR C 198 44.44 46.32 -17.28
C THR C 198 43.41 45.21 -17.21
N HIS C 199 43.51 44.26 -18.14
CA HIS C 199 42.54 43.18 -18.29
C HIS C 199 43.18 42.03 -19.07
N GLN C 200 42.72 40.81 -18.82
CA GLN C 200 43.26 39.61 -19.48
C GLN C 200 43.11 39.62 -21.00
N GLY C 201 41.95 40.07 -21.46
CA GLY C 201 41.65 40.19 -22.89
C GLY C 201 42.65 41.03 -23.65
N LEU C 202 43.13 42.07 -22.97
CA LEU C 202 44.13 42.97 -23.50
C LEU C 202 45.52 42.39 -23.36
N SER C 203 46.21 42.23 -24.49
CA SER C 203 47.60 41.74 -24.51
C SER C 203 48.51 42.68 -23.71
N SER C 204 48.31 43.98 -23.88
CA SER C 204 49.07 44.98 -23.18
C SER C 204 48.12 46.00 -22.55
N PRO C 205 48.55 46.64 -21.46
CA PRO C 205 47.76 47.68 -20.82
C PRO C 205 47.35 48.80 -21.77
N VAL C 206 46.10 49.22 -21.66
CA VAL C 206 45.56 50.26 -22.53
C VAL C 206 45.35 51.57 -21.77
N THR C 207 46.08 52.59 -22.18
CA THR C 207 45.97 53.91 -21.57
C THR C 207 45.21 54.85 -22.51
N LYS C 208 44.32 55.66 -21.95
CA LYS C 208 43.54 56.61 -22.74
C LYS C 208 43.48 57.98 -22.08
N VAL D 2 -2.02 35.15 -1.33
CA VAL D 2 -0.87 34.82 -0.44
C VAL D 2 0.22 35.87 -0.64
N GLN D 3 0.26 36.88 0.23
CA GLN D 3 1.26 37.92 0.08
C GLN D 3 1.63 38.59 1.39
N LEU D 4 2.79 39.24 1.38
CA LEU D 4 3.29 40.01 2.50
C LEU D 4 3.73 41.36 1.97
N VAL D 5 3.36 42.44 2.66
CA VAL D 5 3.76 43.77 2.21
C VAL D 5 4.51 44.53 3.29
N GLU D 6 5.76 44.86 3.03
CA GLU D 6 6.58 45.62 3.97
C GLU D 6 6.23 47.10 3.81
N SER D 7 6.09 47.82 4.93
CA SER D 7 5.74 49.22 4.93
C SER D 7 6.47 49.98 6.04
N GLY D 8 6.52 51.30 5.89
CA GLY D 8 7.11 52.18 6.90
C GLY D 8 8.55 52.58 6.68
N GLY D 9 9.15 52.14 5.57
CA GLY D 9 10.53 52.47 5.25
C GLY D 9 10.70 53.96 4.94
N GLY D 10 11.89 54.47 5.17
CA GLY D 10 12.18 55.88 4.93
C GLY D 10 13.59 56.26 5.31
N VAL D 11 13.73 57.48 5.82
CA VAL D 11 15.02 58.01 6.26
C VAL D 11 14.98 58.31 7.75
N VAL D 12 16.05 57.97 8.46
CA VAL D 12 16.12 58.23 9.90
C VAL D 12 17.48 58.75 10.32
N GLN D 13 17.45 59.74 11.23
CA GLN D 13 18.68 60.34 11.76
C GLN D 13 19.39 59.29 12.58
N PRO D 14 20.72 59.21 12.46
CA PRO D 14 21.46 58.21 13.24
C PRO D 14 21.21 58.38 14.73
N GLY D 15 20.79 57.30 15.38
CA GLY D 15 20.46 57.33 16.79
C GLY D 15 18.97 57.47 17.04
N ARG D 16 18.19 57.84 16.01
CA ARG D 16 16.74 57.97 16.16
C ARG D 16 15.99 56.63 15.96
N SER D 17 14.69 56.61 16.23
CA SER D 17 13.90 55.39 16.15
C SER D 17 12.91 55.38 14.97
N LEU D 18 12.76 54.20 14.34
CA LEU D 18 11.80 54.00 13.25
C LEU D 18 11.03 52.70 13.41
N ARG D 19 9.73 52.71 13.07
CA ARG D 19 8.92 51.51 13.13
C ARG D 19 8.52 51.02 11.75
N LEU D 20 8.54 49.70 11.56
CA LEU D 20 8.17 49.06 10.29
C LEU D 20 6.92 48.22 10.50
N SER D 21 6.19 47.98 9.41
CA SER D 21 5.02 47.11 9.46
C SER D 21 4.99 46.20 8.24
N CYS D 22 4.34 45.06 8.37
CA CYS D 22 4.18 44.09 7.29
C CYS D 22 2.74 43.64 7.31
N ALA D 23 2.08 43.69 6.16
CA ALA D 23 0.67 43.31 6.05
C ALA D 23 0.56 41.99 5.31
N ALA D 24 -0.27 41.10 5.84
CA ALA D 24 -0.43 39.77 5.25
C ALA D 24 -1.85 39.50 4.84
N SER D 25 -2.00 38.79 3.73
CA SER D 25 -3.32 38.41 3.24
C SER D 25 -3.23 37.11 2.46
N GLY D 26 -4.36 36.43 2.32
CA GLY D 26 -4.45 35.19 1.56
C GLY D 26 -4.11 33.91 2.32
N PHE D 27 -3.94 34.01 3.64
CA PHE D 27 -3.73 32.85 4.50
C PHE D 27 -4.01 33.22 5.95
N THR D 28 -4.20 32.21 6.78
CA THR D 28 -4.47 32.44 8.18
C THR D 28 -3.22 32.93 8.86
N PHE D 29 -3.14 34.23 9.06
CA PHE D 29 -1.97 34.86 9.68
C PHE D 29 -1.49 34.20 10.99
N SER D 30 -2.40 33.99 11.94
CA SER D 30 -2.02 33.46 13.26
C SER D 30 -1.53 32.02 13.25
N ASN D 31 -1.57 31.36 12.09
CA ASN D 31 -1.05 30.00 11.98
C ASN D 31 0.41 29.93 11.57
N TYR D 32 1.05 31.09 11.38
CA TYR D 32 2.41 31.11 10.88
C TYR D 32 3.34 32.01 11.67
N GLY D 33 4.63 31.71 11.57
CA GLY D 33 5.68 32.51 12.17
C GLY D 33 6.23 33.40 11.08
N ILE D 34 6.59 34.62 11.43
CA ILE D 34 7.08 35.56 10.46
C ILE D 34 8.47 35.99 10.85
N HIS D 35 9.36 36.06 9.86
CA HIS D 35 10.72 36.51 10.06
C HIS D 35 10.89 37.94 9.55
N TRP D 36 11.96 38.58 10.00
CA TRP D 36 12.39 39.86 9.45
C TRP D 36 13.77 39.58 8.96
N VAL D 37 14.03 39.80 7.68
CA VAL D 37 15.37 39.61 7.13
C VAL D 37 15.76 40.87 6.39
N ARG D 38 17.00 41.33 6.59
CA ARG D 38 17.43 42.58 5.99
C ARG D 38 18.62 42.38 5.05
N GLN D 39 18.77 43.27 4.07
CA GLN D 39 19.91 43.22 3.16
C GLN D 39 20.48 44.60 2.86
N ALA D 40 21.72 44.83 3.28
CA ALA D 40 22.40 46.07 2.99
C ALA D 40 22.79 46.09 1.54
N PRO D 41 22.87 47.29 0.94
CA PRO D 41 23.21 47.37 -0.47
C PRO D 41 24.55 46.71 -0.77
N GLY D 42 24.54 45.81 -1.74
CA GLY D 42 25.74 45.09 -2.17
C GLY D 42 26.12 43.90 -1.31
N LYS D 43 25.34 43.62 -0.27
CA LYS D 43 25.70 42.60 0.69
C LYS D 43 24.72 41.44 0.76
N GLY D 44 25.06 40.45 1.60
CA GLY D 44 24.27 39.23 1.76
C GLY D 44 23.07 39.37 2.66
N LEU D 45 22.21 38.35 2.62
CA LEU D 45 21.03 38.28 3.47
C LEU D 45 21.48 38.12 4.91
N GLU D 46 20.82 38.83 5.83
CA GLU D 46 21.16 38.75 7.24
C GLU D 46 19.88 38.62 8.03
N TRP D 47 19.77 37.57 8.83
CA TRP D 47 18.57 37.36 9.63
C TRP D 47 18.50 38.37 10.77
N VAL D 48 17.33 38.96 10.97
CA VAL D 48 17.14 39.94 12.01
C VAL D 48 16.36 39.38 13.19
N ALA D 49 15.12 38.95 12.94
CA ALA D 49 14.27 38.46 14.03
C ALA D 49 13.15 37.56 13.54
N VAL D 50 12.48 36.92 14.49
CA VAL D 50 11.33 36.07 14.21
C VAL D 50 10.33 36.19 15.34
N ILE D 51 9.07 36.00 15.03
CA ILE D 51 8.00 35.97 16.04
C ILE D 51 7.10 34.78 15.68
N TRP D 52 6.58 34.09 16.68
CA TRP D 52 5.77 32.90 16.39
C TRP D 52 4.27 33.10 16.55
N TYR D 53 3.50 32.03 16.71
CA TYR D 53 2.04 32.07 16.46
C TYR D 53 1.20 33.01 17.34
N ASP D 54 1.36 32.94 18.65
CA ASP D 54 0.53 33.74 19.54
C ASP D 54 1.16 35.09 19.88
N GLY D 55 2.37 35.33 19.39
CA GLY D 55 3.07 36.58 19.64
C GLY D 55 3.88 36.65 20.92
N SER D 56 3.81 35.62 21.76
CA SER D 56 4.60 35.62 23.00
C SER D 56 6.05 35.18 22.82
N ILE D 57 6.35 34.38 21.80
CA ILE D 57 7.71 33.89 21.59
C ILE D 57 8.45 34.65 20.51
N LYS D 58 9.56 35.26 20.88
CA LYS D 58 10.36 36.06 19.95
C LYS D 58 11.84 35.73 20.07
N TYR D 59 12.54 35.67 18.94
CA TYR D 59 13.97 35.44 18.94
C TYR D 59 14.65 36.49 18.07
N TYR D 60 15.84 36.92 18.44
CA TYR D 60 16.57 37.96 17.71
C TYR D 60 18.01 37.59 17.40
N ALA D 61 18.60 38.34 16.49
CA ALA D 61 20.02 38.21 16.17
C ALA D 61 20.82 39.07 17.15
N ASP D 62 22.07 38.72 17.37
CA ASP D 62 22.90 39.45 18.35
C ASP D 62 23.11 40.90 17.99
N SER D 63 23.39 41.17 16.72
CA SER D 63 23.72 42.52 16.28
C SER D 63 22.63 43.53 16.64
N VAL D 64 21.38 43.14 16.48
CA VAL D 64 20.26 44.03 16.74
C VAL D 64 19.61 43.82 18.10
N LYS D 65 20.15 42.91 18.91
CA LYS D 65 19.48 42.51 20.15
C LYS D 65 19.32 43.65 21.17
N GLY D 66 18.10 43.80 21.67
CA GLY D 66 17.78 44.80 22.68
C GLY D 66 17.35 46.15 22.14
N ARG D 67 17.64 46.41 20.86
CA ARG D 67 17.25 47.65 20.21
C ARG D 67 15.96 47.47 19.44
N PHE D 68 15.90 46.37 18.68
CA PHE D 68 14.73 46.09 17.85
C PHE D 68 13.71 45.29 18.63
N THR D 69 12.43 45.56 18.39
CA THR D 69 11.35 44.87 19.08
C THR D 69 10.33 44.42 18.06
N ILE D 70 10.17 43.10 17.96
CA ILE D 70 9.27 42.49 17.00
C ILE D 70 7.94 42.24 17.69
N SER D 71 6.85 42.55 17.00
CA SER D 71 5.52 42.36 17.56
C SER D 71 4.52 42.07 16.48
N ARG D 72 3.35 41.60 16.88
CA ARG D 72 2.31 41.27 15.91
C ARG D 72 0.92 41.44 16.51
N ASP D 73 -0.05 41.66 15.63
CA ASP D 73 -1.43 41.80 16.02
C ASP D 73 -2.20 40.88 15.11
N ASN D 74 -2.63 39.75 15.64
CA ASN D 74 -3.28 38.75 14.80
C ASN D 74 -4.65 39.19 14.28
N SER D 75 -5.42 39.92 15.10
CA SER D 75 -6.72 40.45 14.67
C SER D 75 -6.55 41.42 13.49
N LYS D 76 -5.46 42.17 13.51
CA LYS D 76 -5.18 43.12 12.45
C LYS D 76 -4.35 42.55 11.32
N ASN D 77 -3.91 41.29 11.46
CA ASN D 77 -3.08 40.60 10.47
C ASN D 77 -1.82 41.37 10.09
N THR D 78 -1.18 41.97 11.09
CA THR D 78 0.00 42.80 10.87
C THR D 78 1.12 42.44 11.84
N LEU D 79 2.35 42.57 11.38
CA LEU D 79 3.53 42.31 12.18
C LEU D 79 4.40 43.56 12.13
N TYR D 80 5.06 43.88 13.24
CA TYR D 80 5.83 45.11 13.31
C TYR D 80 7.25 44.90 13.78
N LEU D 81 8.16 45.72 13.27
CA LEU D 81 9.54 45.73 13.70
C LEU D 81 9.84 47.14 14.14
N GLN D 82 10.04 47.35 15.43
CA GLN D 82 10.29 48.67 15.95
C GLN D 82 11.76 48.74 16.22
N MET D 83 12.46 49.64 15.55
CA MET D 83 13.92 49.73 15.73
C MET D 83 14.32 51.11 16.26
N ASN D 84 15.17 51.09 17.30
CA ASN D 84 15.68 52.30 17.94
C ASN D 84 17.20 52.29 17.91
N SER D 85 17.78 53.44 18.28
CA SER D 85 19.23 53.63 18.36
C SER D 85 19.93 53.17 17.10
N LEU D 86 19.36 53.60 15.97
CA LEU D 86 19.83 53.16 14.64
C LEU D 86 21.22 53.66 14.29
N ARG D 87 21.88 52.92 13.41
CA ARG D 87 23.22 53.24 12.93
C ARG D 87 23.28 53.21 11.41
N ALA D 88 24.42 53.64 10.87
CA ALA D 88 24.67 53.62 9.42
C ALA D 88 24.61 52.21 8.85
N GLU D 89 25.07 51.23 9.64
CA GLU D 89 25.11 49.83 9.22
C GLU D 89 23.71 49.24 9.08
N ASP D 90 22.75 49.81 9.80
CA ASP D 90 21.35 49.38 9.75
C ASP D 90 20.61 49.78 8.47
N THR D 91 21.18 50.74 7.72
CA THR D 91 20.67 51.14 6.41
C THR D 91 20.66 49.95 5.48
N ALA D 92 19.47 49.41 5.24
CA ALA D 92 19.29 48.23 4.40
C ALA D 92 17.82 48.06 4.00
N VAL D 93 17.54 47.05 3.18
CA VAL D 93 16.18 46.75 2.77
C VAL D 93 15.69 45.67 3.69
N TYR D 94 14.52 45.84 4.27
CA TYR D 94 13.97 44.88 5.24
C TYR D 94 12.82 44.08 4.64
N TYR D 95 12.90 42.75 4.76
CA TYR D 95 11.88 41.84 4.24
C TYR D 95 11.13 41.20 5.37
N CYS D 96 9.85 40.91 5.16
CA CYS D 96 9.11 40.09 6.11
C CYS D 96 8.91 38.77 5.37
N ALA D 97 9.28 37.68 6.03
CA ALA D 97 9.19 36.36 5.40
C ALA D 97 8.36 35.41 6.23
N ARG D 98 7.47 34.69 5.56
CA ARG D 98 6.64 33.72 6.25
C ARG D 98 7.40 32.40 6.37
N ASP D 99 7.30 31.79 7.54
CA ASP D 99 7.93 30.50 7.78
C ASP D 99 6.93 29.41 7.45
N ARG D 100 7.39 28.41 6.69
CA ARG D 100 6.53 27.32 6.25
C ARG D 100 6.01 26.43 7.36
N ALA D 101 6.74 26.36 8.46
CA ALA D 101 6.38 25.51 9.61
C ALA D 101 5.13 25.99 10.33
N ALA D 102 3.97 25.65 9.77
CA ALA D 102 2.67 26.07 10.33
C ALA D 102 2.32 25.29 11.58
N ALA D 103 1.42 25.85 12.38
CA ALA D 103 0.99 25.25 13.64
C ALA D 103 0.30 23.88 13.48
N GLY D 104 0.67 22.94 14.36
CA GLY D 104 0.15 21.57 14.33
C GLY D 104 0.50 20.77 13.08
N LEU D 105 1.57 21.12 12.38
CA LEU D 105 1.91 20.43 11.14
C LEU D 105 3.17 19.58 11.13
N HIS D 106 4.13 19.89 11.99
CA HIS D 106 5.41 19.16 12.04
C HIS D 106 6.17 19.23 10.72
N TYR D 107 6.13 20.40 10.09
CA TYR D 107 6.84 20.66 8.86
C TYR D 107 8.23 21.15 9.18
N TYR D 108 9.14 20.95 8.24
CA TYR D 108 10.49 21.46 8.35
C TYR D 108 10.46 22.97 8.19
N TYR D 109 11.37 23.66 8.85
CA TYR D 109 11.38 25.12 8.79
C TYR D 109 11.92 25.63 7.47
N GLY D 110 11.33 26.72 7.00
CA GLY D 110 11.79 27.40 5.79
C GLY D 110 11.00 28.67 5.51
N MET D 111 11.64 29.64 4.87
CA MET D 111 10.95 30.90 4.58
C MET D 111 10.42 30.83 3.16
N ASP D 112 9.12 30.60 3.01
CA ASP D 112 8.56 30.30 1.69
C ASP D 112 7.91 31.48 0.98
N VAL D 113 7.32 32.40 1.73
CA VAL D 113 6.65 33.56 1.15
C VAL D 113 7.37 34.82 1.57
N TRP D 114 7.79 35.61 0.60
CA TRP D 114 8.52 36.85 0.87
C TRP D 114 7.80 38.05 0.31
N GLY D 115 8.02 39.19 0.95
CA GLY D 115 7.50 40.46 0.47
C GLY D 115 8.52 41.16 -0.41
N GLN D 116 8.06 42.21 -1.06
CA GLN D 116 8.90 43.02 -1.96
C GLN D 116 10.07 43.71 -1.23
N GLY D 117 9.82 44.14 0.00
CA GLY D 117 10.81 44.80 0.83
C GLY D 117 10.50 46.26 1.06
N THR D 118 11.13 46.85 2.06
CA THR D 118 10.98 48.26 2.36
C THR D 118 12.37 48.76 2.66
N THR D 119 12.75 49.88 2.06
CA THR D 119 14.13 50.35 2.22
C THR D 119 14.22 51.40 3.31
N VAL D 120 15.19 51.22 4.20
CA VAL D 120 15.43 52.14 5.30
C VAL D 120 16.86 52.64 5.17
N THR D 121 17.02 53.96 5.14
CA THR D 121 18.34 54.58 5.05
C THR D 121 18.55 55.36 6.34
N VAL D 122 19.71 55.19 6.98
CA VAL D 122 19.98 55.89 8.24
C VAL D 122 21.09 56.94 8.04
N SER D 123 20.68 58.21 7.90
CA SER D 123 21.60 59.34 7.63
C SER D 123 21.03 60.67 8.15
N SER D 124 21.90 61.65 8.34
CA SER D 124 21.49 62.97 8.84
C SER D 124 21.42 64.05 7.74
N ALA D 125 21.85 63.72 6.51
CA ALA D 125 21.73 64.63 5.38
C ALA D 125 20.26 64.83 4.97
N SER D 126 20.01 65.92 4.23
CA SER D 126 18.65 66.31 3.79
C SER D 126 18.38 65.91 2.35
N THR D 127 17.09 65.86 2.01
CA THR D 127 16.64 65.49 0.68
C THR D 127 17.04 66.53 -0.36
N LYS D 128 18.12 66.25 -1.08
CA LYS D 128 18.59 67.16 -2.12
C LYS D 128 18.54 66.47 -3.48
N GLY D 129 18.07 67.21 -4.48
CA GLY D 129 17.94 66.69 -5.83
C GLY D 129 19.28 66.55 -6.52
N PRO D 130 19.33 65.75 -7.60
CA PRO D 130 20.56 65.49 -8.33
C PRO D 130 20.86 66.57 -9.35
N SER D 131 22.15 66.67 -9.68
CA SER D 131 22.63 67.58 -10.70
C SER D 131 23.07 66.69 -11.85
N VAL D 132 22.70 67.04 -13.07
CA VAL D 132 23.03 66.17 -14.19
C VAL D 132 24.05 66.79 -15.14
N PHE D 133 25.20 66.13 -15.26
CA PHE D 133 26.26 66.60 -16.13
C PHE D 133 26.53 65.59 -17.22
N PRO D 134 26.63 66.05 -18.46
CA PRO D 134 26.84 65.16 -19.60
C PRO D 134 28.27 64.65 -19.68
N LEU D 135 28.42 63.46 -20.23
CA LEU D 135 29.72 62.89 -20.49
C LEU D 135 29.76 62.85 -22.00
N ALA D 136 30.66 63.62 -22.60
CA ALA D 136 30.68 63.75 -24.06
C ALA D 136 31.66 62.84 -24.80
N PRO D 137 31.25 62.38 -25.99
CA PRO D 137 32.09 61.56 -26.87
C PRO D 137 33.12 62.40 -27.61
N GLY D 145 34.91 52.32 -34.45
CA GLY D 145 33.70 52.24 -35.26
C GLY D 145 32.44 52.65 -34.50
N THR D 146 32.47 52.48 -33.19
CA THR D 146 31.36 52.84 -32.32
C THR D 146 31.84 53.82 -31.26
N ALA D 147 30.92 54.63 -30.74
CA ALA D 147 31.29 55.65 -29.77
C ALA D 147 30.33 55.66 -28.60
N ALA D 148 30.78 56.18 -27.46
CA ALA D 148 29.97 56.16 -26.26
C ALA D 148 29.74 57.55 -25.69
N LEU D 149 28.58 57.73 -25.08
CA LEU D 149 28.23 58.98 -24.41
C LEU D 149 27.36 58.68 -23.20
N GLY D 150 27.26 59.64 -22.27
CA GLY D 150 26.49 59.39 -21.07
C GLY D 150 25.92 60.58 -20.33
N CYS D 151 25.49 60.30 -19.11
CA CYS D 151 24.93 61.30 -18.20
C CYS D 151 25.49 61.01 -16.83
N LEU D 152 25.84 62.04 -16.08
CA LEU D 152 26.38 61.84 -14.73
C LEU D 152 25.44 62.49 -13.73
N VAL D 153 24.88 61.68 -12.84
CA VAL D 153 23.97 62.16 -11.82
C VAL D 153 24.72 62.29 -10.51
N LYS D 154 24.78 63.49 -9.96
CA LYS D 154 25.63 63.75 -8.80
C LYS D 154 24.92 64.41 -7.63
N ASP D 155 25.41 64.10 -6.43
CA ASP D 155 24.94 64.72 -5.18
C ASP D 155 23.43 64.68 -4.92
N TYR D 156 22.86 63.48 -4.99
CA TYR D 156 21.44 63.31 -4.69
C TYR D 156 21.28 62.38 -3.50
N PHE D 157 20.19 62.55 -2.78
CA PHE D 157 19.84 61.70 -1.65
C PHE D 157 18.33 61.82 -1.48
N PRO D 158 17.60 60.73 -1.22
CA PRO D 158 18.14 59.41 -0.89
C PRO D 158 18.43 58.55 -2.12
N GLU D 159 18.50 57.23 -1.90
CA GLU D 159 18.92 56.25 -2.91
C GLU D 159 18.15 56.05 -4.23
N PRO D 160 16.81 56.10 -4.22
CA PRO D 160 16.07 55.75 -5.46
C PRO D 160 16.19 56.75 -6.64
N VAL D 161 16.94 56.36 -7.67
CA VAL D 161 17.07 57.17 -8.88
C VAL D 161 16.69 56.38 -10.13
N THR D 162 15.88 56.99 -10.99
CA THR D 162 15.41 56.37 -12.23
C THR D 162 15.98 57.12 -13.41
N VAL D 163 16.63 56.39 -14.32
CA VAL D 163 17.21 57.01 -15.50
C VAL D 163 16.69 56.37 -16.79
N SER D 164 16.32 57.21 -17.75
CA SER D 164 15.87 56.76 -19.06
C SER D 164 16.53 57.56 -20.17
N TRP D 165 16.45 57.07 -21.40
CA TRP D 165 17.00 57.78 -22.55
C TRP D 165 15.94 57.94 -23.63
N ASN D 166 15.80 59.17 -24.13
CA ASN D 166 14.85 59.51 -25.20
C ASN D 166 13.42 59.06 -24.88
N SER D 167 13.00 59.34 -23.65
CA SER D 167 11.66 58.97 -23.15
C SER D 167 11.35 57.47 -23.27
N GLY D 168 12.35 56.64 -23.03
CA GLY D 168 12.18 55.19 -23.04
C GLY D 168 12.37 54.48 -24.36
N ALA D 169 12.53 55.22 -25.46
CA ALA D 169 12.66 54.59 -26.78
C ALA D 169 14.12 54.33 -27.23
N LEU D 170 15.05 54.20 -26.28
CA LEU D 170 16.42 53.77 -26.55
C LEU D 170 16.95 53.03 -25.33
N THR D 171 17.33 51.76 -25.52
CA THR D 171 17.73 50.89 -24.41
C THR D 171 18.90 49.94 -24.75
N SER D 172 18.89 49.30 -25.92
CA SER D 172 20.03 48.50 -26.35
C SER D 172 21.28 49.37 -26.25
N GLY D 173 22.30 48.86 -25.56
CA GLY D 173 23.55 49.61 -25.33
C GLY D 173 23.61 50.40 -24.02
N VAL D 174 22.46 50.77 -23.47
CA VAL D 174 22.38 51.57 -22.23
C VAL D 174 22.95 50.78 -21.05
N HIS D 175 23.71 51.46 -20.21
CA HIS D 175 24.32 50.87 -19.02
C HIS D 175 24.19 51.81 -17.86
N THR D 176 23.00 51.91 -17.30
CA THR D 176 22.85 52.70 -16.09
C THR D 176 23.54 51.89 -14.99
N PHE D 177 24.36 52.56 -14.21
CA PHE D 177 25.13 51.90 -13.16
C PHE D 177 24.46 52.02 -11.80
N PRO D 178 24.75 51.09 -10.90
CA PRO D 178 24.27 51.22 -9.53
C PRO D 178 24.98 52.35 -8.81
N ALA D 179 24.24 53.08 -7.99
CA ALA D 179 24.77 54.23 -7.26
C ALA D 179 25.89 53.85 -6.30
N VAL D 180 26.75 54.82 -6.04
CA VAL D 180 27.81 54.69 -5.06
C VAL D 180 27.65 55.82 -4.05
N LEU D 181 28.08 55.58 -2.82
CA LEU D 181 27.97 56.59 -1.78
C LEU D 181 29.33 57.21 -1.52
N GLN D 182 29.41 58.52 -1.70
CA GLN D 182 30.67 59.28 -1.57
C GLN D 182 30.87 59.90 -0.17
N SER D 183 32.09 60.36 0.09
CA SER D 183 32.51 60.90 1.38
C SER D 183 31.52 61.87 2.03
N SER D 184 30.88 62.70 1.23
CA SER D 184 29.86 63.64 1.72
C SER D 184 28.59 63.00 2.31
N GLY D 185 28.30 61.76 1.93
CA GLY D 185 27.11 61.05 2.40
C GLY D 185 25.96 61.15 1.42
N LEU D 186 26.23 61.57 0.19
CA LEU D 186 25.22 61.68 -0.86
C LEU D 186 25.52 60.67 -1.97
N TYR D 187 24.49 60.28 -2.71
CA TYR D 187 24.64 59.26 -3.75
C TYR D 187 24.92 59.87 -5.13
N SER D 188 25.71 59.14 -5.94
CA SER D 188 26.05 59.54 -7.32
C SER D 188 26.15 58.32 -8.23
N LEU D 189 25.67 58.47 -9.47
CA LEU D 189 25.80 57.41 -10.48
C LEU D 189 25.85 58.01 -11.87
N SER D 190 26.20 57.18 -12.84
CA SER D 190 26.24 57.62 -14.23
C SER D 190 25.53 56.62 -15.13
N SER D 191 24.90 57.11 -16.17
CA SER D 191 24.24 56.24 -17.15
C SER D 191 24.93 56.45 -18.47
N VAL D 192 25.39 55.38 -19.12
CA VAL D 192 26.11 55.50 -20.40
C VAL D 192 25.50 54.63 -21.51
N VAL D 193 25.58 55.13 -22.74
CA VAL D 193 25.09 54.40 -23.91
C VAL D 193 26.18 54.38 -24.98
N THR D 194 26.20 53.34 -25.80
CA THR D 194 27.11 53.32 -26.94
C THR D 194 26.30 53.14 -28.20
N VAL D 195 26.56 54.05 -29.15
CA VAL D 195 25.85 54.08 -30.42
C VAL D 195 26.86 54.12 -31.58
N PRO D 196 26.36 54.00 -32.83
CA PRO D 196 27.26 54.15 -33.96
C PRO D 196 27.83 55.55 -34.03
N SER D 197 29.12 55.67 -34.33
CA SER D 197 29.78 56.97 -34.46
C SER D 197 29.12 57.81 -35.55
N SER D 198 28.78 57.17 -36.67
CA SER D 198 28.08 57.80 -37.79
C SER D 198 26.68 58.33 -37.44
N SER D 199 26.03 57.66 -36.50
CA SER D 199 24.68 58.03 -36.05
C SER D 199 24.60 59.44 -35.46
N LEU D 200 25.65 59.87 -34.78
CA LEU D 200 25.66 61.19 -34.12
C LEU D 200 25.33 62.32 -35.10
N GLY D 201 24.44 63.20 -34.67
CA GLY D 201 23.97 64.31 -35.49
C GLY D 201 22.77 63.99 -36.37
N THR D 202 22.41 62.70 -36.43
CA THR D 202 21.27 62.22 -37.16
C THR D 202 20.22 61.83 -36.12
N GLN D 203 20.69 61.51 -34.91
CA GLN D 203 19.83 61.22 -33.78
C GLN D 203 20.07 62.18 -32.63
N THR D 204 19.00 62.50 -31.91
CA THR D 204 19.04 63.39 -30.76
C THR D 204 19.05 62.57 -29.49
N TYR D 205 20.07 62.74 -28.64
CA TYR D 205 20.19 61.97 -27.40
C TYR D 205 19.80 62.76 -26.16
N ILE D 206 18.72 62.35 -25.52
CA ILE D 206 18.23 63.01 -24.32
C ILE D 206 18.13 62.00 -23.18
N CYS D 207 18.76 62.31 -22.05
CA CYS D 207 18.74 61.40 -20.91
C CYS D 207 17.77 61.95 -19.88
N ASN D 208 16.83 61.11 -19.48
CA ASN D 208 15.79 61.48 -18.51
C ASN D 208 16.15 60.95 -17.14
N VAL D 209 16.24 61.86 -16.18
CA VAL D 209 16.56 61.50 -14.82
C VAL D 209 15.42 61.91 -13.93
N ASN D 210 14.81 60.94 -13.23
CA ASN D 210 13.70 61.23 -12.36
C ASN D 210 14.03 60.88 -10.92
N HIS D 211 13.82 61.83 -10.03
CA HIS D 211 14.06 61.63 -8.60
C HIS D 211 12.82 62.07 -7.86
N LYS D 212 11.91 61.11 -7.66
CA LYS D 212 10.60 61.38 -7.05
C LYS D 212 10.67 62.01 -5.66
N PRO D 213 11.64 61.60 -4.81
CA PRO D 213 11.75 62.19 -3.49
C PRO D 213 11.96 63.70 -3.50
N SER D 214 12.78 64.16 -4.44
CA SER D 214 13.09 65.59 -4.55
C SER D 214 12.17 66.26 -5.58
N ASN D 215 11.21 65.50 -6.09
CA ASN D 215 10.23 66.01 -7.07
C ASN D 215 10.93 66.70 -8.22
N THR D 216 12.04 66.13 -8.63
CA THR D 216 12.89 66.74 -9.64
C THR D 216 12.92 65.85 -10.85
N LYS D 217 12.53 66.40 -12.00
CA LYS D 217 12.59 65.71 -13.26
C LYS D 217 13.54 66.50 -14.13
N VAL D 218 14.56 65.83 -14.67
CA VAL D 218 15.53 66.51 -15.50
C VAL D 218 15.69 65.80 -16.83
N ASP D 219 15.54 66.55 -17.92
CA ASP D 219 15.76 66.03 -19.25
C ASP D 219 17.04 66.70 -19.70
N LYS D 220 18.08 65.91 -19.93
CA LYS D 220 19.34 66.48 -20.35
C LYS D 220 19.73 65.94 -21.72
N LYS D 221 20.30 66.81 -22.53
CA LYS D 221 20.69 66.49 -23.89
C LYS D 221 22.19 66.44 -23.89
N VAL D 222 22.78 65.41 -24.48
CA VAL D 222 24.22 65.30 -24.45
C VAL D 222 24.80 65.48 -25.83
N GLU D 223 25.70 66.45 -25.96
CA GLU D 223 26.34 66.78 -27.22
C GLU D 223 27.80 66.41 -27.13
N PRO D 224 28.40 66.07 -28.27
CA PRO D 224 29.85 65.90 -28.34
C PRO D 224 30.60 67.22 -28.22
N LYS D 225 31.86 67.16 -27.80
CA LYS D 225 32.70 68.33 -27.79
C LYS D 225 34.10 67.99 -28.25
N GLU E 1 -20.27 -26.28 -22.20
CA GLU E 1 -20.60 -26.42 -20.76
C GLU E 1 -19.94 -27.66 -20.20
N ILE E 2 -19.60 -27.62 -18.91
CA ILE E 2 -19.01 -28.79 -18.28
C ILE E 2 -20.11 -29.67 -17.70
N VAL E 3 -20.11 -30.93 -18.10
CA VAL E 3 -21.05 -31.92 -17.60
C VAL E 3 -20.44 -32.75 -16.50
N LEU E 4 -21.12 -32.81 -15.36
CA LEU E 4 -20.66 -33.63 -14.25
C LEU E 4 -21.47 -34.91 -14.16
N THR E 5 -20.86 -36.04 -14.47
CA THR E 5 -21.53 -37.31 -14.38
C THR E 5 -21.18 -37.95 -13.04
N GLN E 6 -22.20 -38.26 -12.26
CA GLN E 6 -21.98 -38.83 -10.93
C GLN E 6 -22.19 -40.33 -10.91
N SER E 7 -21.23 -41.05 -10.33
CA SER E 7 -21.33 -42.49 -10.19
C SER E 7 -21.00 -42.91 -8.75
N PRO E 8 -21.62 -43.98 -8.26
CA PRO E 8 -22.73 -44.67 -8.91
C PRO E 8 -24.04 -43.88 -8.72
N GLY E 9 -25.08 -44.28 -9.44
CA GLY E 9 -26.40 -43.66 -9.30
C GLY E 9 -26.89 -43.81 -7.87
N THR E 10 -26.77 -45.01 -7.33
CA THR E 10 -27.16 -45.27 -5.95
C THR E 10 -26.10 -46.08 -5.24
N LEU E 11 -25.89 -45.76 -3.98
CA LEU E 11 -24.92 -46.43 -3.15
C LEU E 11 -25.64 -47.21 -2.09
N SER E 12 -25.52 -48.54 -2.15
CA SER E 12 -26.11 -49.39 -1.13
C SER E 12 -25.01 -49.84 -0.20
N LEU E 13 -25.09 -49.41 1.06
CA LEU E 13 -24.08 -49.76 2.06
C LEU E 13 -24.68 -49.77 3.45
N SER E 14 -24.13 -50.63 4.32
CA SER E 14 -24.56 -50.71 5.71
C SER E 14 -23.99 -49.54 6.51
N PRO E 15 -24.66 -49.18 7.60
CA PRO E 15 -24.16 -48.13 8.51
C PRO E 15 -22.78 -48.44 9.10
N GLY E 16 -21.92 -47.42 9.13
CA GLY E 16 -20.55 -47.58 9.61
C GLY E 16 -19.52 -47.92 8.55
N GLU E 17 -19.96 -48.30 7.35
CA GLU E 17 -19.05 -48.62 6.24
C GLU E 17 -18.41 -47.41 5.55
N ARG E 18 -17.28 -47.65 4.89
CA ARG E 18 -16.60 -46.60 4.12
C ARG E 18 -17.42 -46.36 2.88
N ALA E 19 -17.62 -45.10 2.52
CA ALA E 19 -18.43 -44.77 1.34
C ALA E 19 -17.67 -43.87 0.37
N THR E 20 -17.51 -44.32 -0.86
CA THR E 20 -16.83 -43.54 -1.89
C THR E 20 -17.81 -43.12 -2.97
N LEU E 21 -17.89 -41.81 -3.20
CA LEU E 21 -18.76 -41.26 -4.23
C LEU E 21 -17.89 -40.68 -5.33
N SER E 22 -18.34 -40.77 -6.57
CA SER E 22 -17.52 -40.31 -7.67
C SER E 22 -18.23 -39.28 -8.52
N CYS E 23 -17.48 -38.26 -8.94
CA CYS E 23 -18.01 -37.19 -9.77
C CYS E 23 -17.03 -36.93 -10.89
N ARG E 24 -17.43 -37.27 -12.11
CA ARG E 24 -16.57 -37.11 -13.26
C ARG E 24 -16.99 -35.90 -14.10
N ALA E 25 -16.03 -35.06 -14.45
CA ALA E 25 -16.31 -33.86 -15.23
C ALA E 25 -16.00 -34.08 -16.71
N SER E 26 -16.82 -33.44 -17.56
CA SER E 26 -16.67 -33.52 -19.01
C SER E 26 -15.36 -32.89 -19.45
N GLN E 27 -14.98 -31.81 -18.78
CA GLN E 27 -13.71 -31.15 -19.05
C GLN E 27 -13.02 -30.88 -17.73
N SER E 28 -11.77 -30.44 -17.82
CA SER E 28 -11.00 -30.15 -16.61
C SER E 28 -11.52 -28.90 -15.91
N VAL E 29 -11.63 -29.02 -14.60
CA VAL E 29 -12.00 -27.90 -13.75
C VAL E 29 -10.98 -27.85 -12.65
N SER E 30 -10.59 -26.64 -12.25
CA SER E 30 -9.72 -26.51 -11.10
C SER E 30 -10.46 -27.01 -9.87
N SER E 31 -9.77 -27.75 -9.01
CA SER E 31 -10.39 -28.22 -7.77
C SER E 31 -10.99 -27.09 -6.93
N THR E 32 -10.52 -25.87 -7.12
CA THR E 32 -11.05 -24.67 -6.46
C THR E 32 -12.56 -24.46 -6.56
N TYR E 33 -13.16 -24.89 -7.66
CA TYR E 33 -14.57 -24.68 -7.84
C TYR E 33 -15.44 -25.93 -7.66
N LEU E 34 -14.88 -27.01 -7.14
CA LEU E 34 -15.64 -28.23 -6.97
C LEU E 34 -16.29 -28.23 -5.60
N ALA E 35 -17.62 -28.26 -5.58
CA ALA E 35 -18.35 -28.24 -4.33
C ALA E 35 -19.23 -29.48 -4.21
N TRP E 36 -19.67 -29.76 -2.98
CA TRP E 36 -20.54 -30.90 -2.67
C TRP E 36 -21.67 -30.49 -1.75
N TYR E 37 -22.89 -30.88 -2.09
CA TYR E 37 -24.05 -30.55 -1.27
C TYR E 37 -24.79 -31.81 -0.87
N GLN E 38 -25.33 -31.82 0.34
CA GLN E 38 -26.13 -32.95 0.81
C GLN E 38 -27.58 -32.49 0.88
N GLN E 39 -28.47 -33.35 0.40
CA GLN E 39 -29.90 -33.05 0.41
C GLN E 39 -30.68 -34.23 0.96
N LYS E 40 -31.73 -33.91 1.72
CA LYS E 40 -32.62 -34.92 2.29
C LYS E 40 -34.02 -34.75 1.71
N PRO E 41 -34.83 -35.81 1.76
CA PRO E 41 -36.20 -35.73 1.22
C PRO E 41 -37.00 -34.58 1.83
N GLY E 42 -37.60 -33.77 0.95
CA GLY E 42 -38.37 -32.59 1.36
C GLY E 42 -37.55 -31.62 2.21
N GLN E 43 -36.28 -31.46 1.83
CA GLN E 43 -35.36 -30.62 2.59
C GLN E 43 -34.38 -29.87 1.68
N ALA E 44 -34.05 -28.65 2.09
CA ALA E 44 -33.13 -27.81 1.31
C ALA E 44 -31.69 -28.37 1.38
N PRO E 45 -30.90 -28.14 0.32
CA PRO E 45 -29.52 -28.64 0.29
C PRO E 45 -28.61 -27.96 1.30
N ARG E 46 -27.59 -28.70 1.78
CA ARG E 46 -26.60 -28.16 2.69
C ARG E 46 -25.22 -28.29 2.07
N LEU E 47 -24.46 -27.20 2.07
CA LEU E 47 -23.08 -27.22 1.56
C LEU E 47 -22.26 -28.11 2.45
N LEU E 48 -21.59 -29.08 1.85
CA LEU E 48 -20.77 -30.04 2.57
C LEU E 48 -19.31 -29.69 2.45
N ILE E 49 -18.82 -29.68 1.23
CA ILE E 49 -17.42 -29.41 0.94
C ILE E 49 -17.38 -28.35 -0.16
N TYR E 50 -16.42 -27.44 -0.05
CA TYR E 50 -16.16 -26.43 -1.07
C TYR E 50 -14.68 -26.48 -1.41
N GLY E 51 -14.33 -26.10 -2.63
CA GLY E 51 -12.94 -26.16 -3.06
C GLY E 51 -12.39 -27.57 -2.99
N ALA E 52 -13.22 -28.52 -3.39
CA ALA E 52 -12.93 -29.95 -3.47
C ALA E 52 -12.70 -30.70 -2.15
N SER E 53 -11.96 -30.13 -1.20
CA SER E 53 -11.68 -30.82 0.06
C SER E 53 -11.95 -30.02 1.33
N SER E 54 -12.33 -28.75 1.22
CA SER E 54 -12.54 -27.94 2.43
C SER E 54 -13.94 -28.07 2.99
N ARG E 55 -14.02 -28.52 4.25
CA ARG E 55 -15.29 -28.69 4.93
C ARG E 55 -15.91 -27.35 5.34
N ALA E 56 -17.21 -27.23 5.13
CA ALA E 56 -17.94 -26.04 5.56
C ALA E 56 -18.09 -26.04 7.07
N THR E 57 -18.24 -24.85 7.64
CA THR E 57 -18.38 -24.73 9.08
C THR E 57 -19.62 -25.53 9.53
N GLY E 58 -19.41 -26.37 10.53
CA GLY E 58 -20.44 -27.28 11.02
C GLY E 58 -20.42 -28.66 10.40
N ILE E 59 -19.40 -29.00 9.63
CA ILE E 59 -19.34 -30.34 9.03
C ILE E 59 -18.31 -31.27 9.67
N PRO E 60 -18.76 -32.46 10.08
CA PRO E 60 -17.93 -33.49 10.73
C PRO E 60 -16.81 -34.05 9.86
N ASP E 61 -15.71 -34.42 10.50
CA ASP E 61 -14.53 -34.90 9.77
C ASP E 61 -14.68 -36.26 9.06
N ARG E 62 -15.82 -36.94 9.19
CA ARG E 62 -16.02 -38.18 8.45
C ARG E 62 -16.21 -37.89 6.96
N PHE E 63 -16.75 -36.72 6.66
CA PHE E 63 -16.89 -36.25 5.30
C PHE E 63 -15.53 -35.75 4.84
N SER E 64 -15.04 -36.28 3.73
CA SER E 64 -13.75 -35.88 3.19
C SER E 64 -13.89 -35.70 1.70
N GLY E 65 -13.12 -34.80 1.12
CA GLY E 65 -13.14 -34.57 -0.32
C GLY E 65 -11.74 -34.65 -0.90
N SER E 66 -11.64 -34.92 -2.20
CA SER E 66 -10.34 -34.96 -2.91
C SER E 66 -10.53 -34.91 -4.43
N GLY E 67 -9.43 -35.04 -5.16
CA GLY E 67 -9.46 -35.08 -6.63
C GLY E 67 -8.99 -33.84 -7.38
N SER E 68 -8.78 -34.01 -8.68
CA SER E 68 -8.32 -32.92 -9.55
C SER E 68 -8.61 -33.24 -11.01
N GLY E 69 -8.43 -32.26 -11.88
CA GLY E 69 -8.67 -32.45 -13.31
C GLY E 69 -10.13 -32.76 -13.62
N THR E 70 -10.39 -33.94 -14.16
CA THR E 70 -11.75 -34.35 -14.50
C THR E 70 -12.36 -35.28 -13.46
N ASP E 71 -11.60 -35.72 -12.47
CA ASP E 71 -12.11 -36.70 -11.51
C ASP E 71 -12.01 -36.26 -10.05
N PHE E 72 -13.15 -36.22 -9.38
CA PHE E 72 -13.24 -35.82 -7.98
C PHE E 72 -14.06 -36.81 -7.21
N THR E 73 -13.72 -37.02 -5.94
CA THR E 73 -14.45 -37.96 -5.08
C THR E 73 -14.85 -37.37 -3.73
N LEU E 74 -15.92 -37.90 -3.15
CA LEU E 74 -16.36 -37.56 -1.80
C LEU E 74 -16.27 -38.84 -0.99
N THR E 75 -15.77 -38.78 0.23
CA THR E 75 -15.58 -40.01 1.02
C THR E 75 -16.15 -39.90 2.43
N ILE E 76 -16.87 -40.92 2.86
CA ILE E 76 -17.38 -40.96 4.23
C ILE E 76 -16.81 -42.24 4.85
N SER E 77 -15.92 -42.07 5.83
CA SER E 77 -15.20 -43.19 6.42
C SER E 77 -16.09 -44.16 7.22
N ARG E 78 -16.96 -43.60 8.05
CA ARG E 78 -17.86 -44.41 8.87
C ARG E 78 -19.22 -43.79 8.85
N LEU E 79 -20.11 -44.39 8.05
CA LEU E 79 -21.47 -43.90 7.89
C LEU E 79 -22.28 -43.92 9.18
N GLU E 80 -23.07 -42.87 9.37
CA GLU E 80 -23.97 -42.74 10.51
C GLU E 80 -25.42 -42.70 10.04
N PRO E 81 -26.39 -42.64 10.96
CA PRO E 81 -27.77 -42.75 10.52
C PRO E 81 -28.21 -41.54 9.68
N GLU E 82 -27.73 -40.37 10.04
CA GLU E 82 -27.98 -39.14 9.27
C GLU E 82 -27.39 -39.09 7.84
N ASP E 83 -26.37 -39.90 7.56
CA ASP E 83 -25.68 -39.86 6.27
C ASP E 83 -26.42 -40.40 5.01
N PHE E 84 -27.35 -41.34 5.14
CA PHE E 84 -28.01 -41.97 3.97
C PHE E 84 -28.99 -40.99 3.28
N ALA E 85 -28.46 -40.24 2.31
CA ALA E 85 -29.21 -39.20 1.59
C ALA E 85 -28.70 -39.11 0.16
N VAL E 86 -28.92 -37.97 -0.48
CA VAL E 86 -28.39 -37.74 -1.81
C VAL E 86 -27.31 -36.66 -1.80
N TYR E 87 -26.29 -36.82 -2.64
CA TYR E 87 -25.17 -35.89 -2.68
C TYR E 87 -24.91 -35.40 -4.09
N TYR E 88 -24.75 -34.09 -4.22
CA TYR E 88 -24.52 -33.45 -5.51
C TYR E 88 -23.15 -32.81 -5.55
N CYS E 89 -22.38 -33.11 -6.59
CA CYS E 89 -21.16 -32.35 -6.86
C CYS E 89 -21.53 -31.12 -7.70
N GLN E 90 -20.70 -30.09 -7.66
CA GLN E 90 -21.00 -28.85 -8.39
C GLN E 90 -19.73 -28.16 -8.84
N GLN E 91 -19.77 -27.47 -9.98
CA GLN E 91 -18.61 -26.76 -10.50
C GLN E 91 -18.94 -25.31 -10.83
N SER E 92 -18.06 -24.41 -10.40
CA SER E 92 -18.15 -22.98 -10.70
C SER E 92 -17.07 -22.49 -11.65
N GLY E 93 -16.17 -23.39 -12.03
CA GLY E 93 -15.02 -23.03 -12.84
C GLY E 93 -15.38 -22.60 -14.23
N SER E 94 -16.38 -23.26 -14.79
CA SER E 94 -16.90 -22.90 -16.10
C SER E 94 -18.26 -22.25 -15.93
N SER E 95 -18.58 -21.31 -16.81
CA SER E 95 -19.89 -20.70 -16.78
C SER E 95 -20.63 -21.23 -18.00
N PRO E 96 -21.85 -21.72 -17.84
CA PRO E 96 -22.61 -21.65 -16.58
C PRO E 96 -22.30 -22.76 -15.58
N LEU E 97 -22.72 -22.55 -14.32
CA LEU E 97 -22.51 -23.53 -13.26
C LEU E 97 -23.30 -24.77 -13.57
N THR E 98 -22.76 -25.93 -13.25
CA THR E 98 -23.50 -27.17 -13.44
C THR E 98 -23.45 -28.03 -12.20
N PHE E 99 -24.48 -28.84 -12.03
CA PHE E 99 -24.58 -29.79 -10.92
C PHE E 99 -24.45 -31.21 -11.45
N GLY E 100 -24.22 -32.14 -10.53
CA GLY E 100 -24.21 -33.56 -10.87
C GLY E 100 -25.61 -34.13 -10.75
N GLY E 101 -25.84 -35.28 -11.38
CA GLY E 101 -27.13 -35.95 -11.28
C GLY E 101 -27.46 -36.27 -9.84
N GLY E 102 -26.44 -36.66 -9.11
CA GLY E 102 -26.57 -36.98 -7.70
C GLY E 102 -26.34 -38.46 -7.50
N THR E 103 -26.08 -38.82 -6.25
CA THR E 103 -25.92 -40.20 -5.88
C THR E 103 -26.72 -40.40 -4.62
N GLU E 104 -27.63 -41.38 -4.63
CA GLU E 104 -28.42 -41.68 -3.45
C GLU E 104 -27.64 -42.68 -2.63
N VAL E 105 -27.58 -42.47 -1.33
CA VAL E 105 -26.93 -43.42 -0.44
C VAL E 105 -28.01 -44.13 0.36
N GLU E 106 -28.04 -45.46 0.26
CA GLU E 106 -29.08 -46.23 0.93
C GLU E 106 -28.52 -47.35 1.79
N ILE E 107 -29.25 -47.66 2.84
CA ILE E 107 -28.89 -48.69 3.80
C ILE E 107 -29.07 -50.08 3.18
N LYS E 108 -27.95 -50.73 2.89
CA LYS E 108 -28.00 -52.08 2.36
C LYS E 108 -28.59 -53.01 3.41
N ARG E 109 -29.44 -53.92 2.96
CA ARG E 109 -30.04 -54.88 3.88
C ARG E 109 -30.28 -56.21 3.18
N THR E 110 -30.77 -57.18 3.94
CA THR E 110 -31.03 -58.51 3.43
C THR E 110 -32.15 -58.53 2.39
N VAL E 111 -32.02 -59.45 1.46
CA VAL E 111 -32.97 -59.56 0.34
C VAL E 111 -34.36 -59.88 0.86
N ALA E 112 -35.37 -59.24 0.29
CA ALA E 112 -36.75 -59.46 0.73
C ALA E 112 -37.72 -59.32 -0.43
N ALA E 113 -38.48 -60.37 -0.70
CA ALA E 113 -39.47 -60.33 -1.77
C ALA E 113 -40.66 -59.47 -1.36
N PRO E 114 -41.37 -58.90 -2.35
CA PRO E 114 -42.52 -58.06 -2.05
C PRO E 114 -43.80 -58.85 -1.84
N SER E 115 -44.75 -58.23 -1.14
CA SER E 115 -46.06 -58.79 -0.91
C SER E 115 -46.99 -58.07 -1.86
N VAL E 116 -47.63 -58.81 -2.75
CA VAL E 116 -48.44 -58.19 -3.81
C VAL E 116 -49.95 -58.25 -3.61
N PHE E 117 -50.60 -57.09 -3.75
CA PHE E 117 -52.05 -56.95 -3.64
C PHE E 117 -52.56 -56.23 -4.87
N ILE E 118 -53.68 -56.70 -5.41
CA ILE E 118 -54.23 -56.14 -6.63
C ILE E 118 -55.66 -55.70 -6.40
N PHE E 119 -55.97 -54.46 -6.78
CA PHE E 119 -57.30 -53.89 -6.55
C PHE E 119 -58.01 -53.55 -7.86
N PRO E 120 -59.14 -54.21 -8.12
CA PRO E 120 -59.96 -53.90 -9.26
C PRO E 120 -60.66 -52.55 -9.11
N PRO E 121 -61.05 -51.95 -10.23
CA PRO E 121 -61.68 -50.64 -10.17
C PRO E 121 -62.96 -50.67 -9.36
N SER E 122 -63.20 -49.58 -8.65
CA SER E 122 -64.43 -49.46 -7.87
C SER E 122 -65.62 -49.33 -8.81
N ASP E 123 -66.77 -49.84 -8.39
CA ASP E 123 -67.98 -49.73 -9.20
C ASP E 123 -68.38 -48.27 -9.36
N GLU E 124 -68.11 -47.45 -8.34
CA GLU E 124 -68.39 -46.02 -8.37
C GLU E 124 -67.59 -45.30 -9.45
N GLN E 125 -66.31 -45.66 -9.56
CA GLN E 125 -65.44 -45.05 -10.56
C GLN E 125 -65.84 -45.45 -11.98
N LEU E 126 -66.12 -46.73 -12.18
CA LEU E 126 -66.49 -47.23 -13.49
C LEU E 126 -67.67 -46.47 -14.11
N LYS E 127 -68.65 -46.10 -13.28
CA LYS E 127 -69.81 -45.33 -13.75
C LYS E 127 -69.38 -44.04 -14.45
N SER E 128 -68.38 -43.37 -13.88
CA SER E 128 -67.84 -42.13 -14.43
C SER E 128 -67.04 -42.30 -15.71
N GLY E 129 -66.84 -43.53 -16.16
CA GLY E 129 -66.19 -43.77 -17.44
C GLY E 129 -64.71 -44.12 -17.38
N THR E 130 -64.14 -44.25 -16.18
CA THR E 130 -62.72 -44.59 -16.04
C THR E 130 -62.49 -45.73 -15.07
N ALA E 131 -61.46 -46.52 -15.31
CA ALA E 131 -61.14 -47.67 -14.47
C ALA E 131 -59.66 -47.70 -14.11
N SER E 132 -59.37 -47.82 -12.81
CA SER E 132 -57.99 -47.88 -12.36
C SER E 132 -57.71 -49.23 -11.72
N VAL E 133 -56.70 -49.93 -12.23
CA VAL E 133 -56.30 -51.19 -11.66
C VAL E 133 -54.94 -51.02 -11.02
N VAL E 134 -54.91 -51.15 -9.70
CA VAL E 134 -53.70 -50.91 -8.91
C VAL E 134 -53.04 -52.20 -8.47
N CYS E 135 -51.76 -52.34 -8.77
CA CYS E 135 -50.97 -53.48 -8.34
C CYS E 135 -49.91 -52.94 -7.40
N LEU E 136 -49.99 -53.35 -6.14
CA LEU E 136 -49.10 -52.86 -5.10
C LEU E 136 -48.04 -53.90 -4.72
N LEU E 137 -46.81 -53.44 -4.60
CA LEU E 137 -45.70 -54.28 -4.17
C LEU E 137 -45.34 -53.80 -2.78
N ASN E 138 -45.27 -54.71 -1.82
CA ASN E 138 -45.00 -54.31 -0.42
C ASN E 138 -43.71 -54.81 0.24
N ASN E 139 -42.99 -53.85 0.82
CA ASN E 139 -41.76 -54.06 1.59
C ASN E 139 -40.75 -55.05 1.01
N PHE E 140 -39.99 -54.55 0.05
CA PHE E 140 -39.02 -55.34 -0.68
C PHE E 140 -37.68 -54.62 -0.77
N TYR E 141 -36.61 -55.39 -0.80
CA TYR E 141 -35.28 -54.88 -1.01
C TYR E 141 -34.56 -55.87 -1.90
N PRO E 142 -33.82 -55.40 -2.91
CA PRO E 142 -33.71 -53.99 -3.29
C PRO E 142 -34.90 -53.47 -4.08
N ARG E 143 -34.82 -52.20 -4.46
CA ARG E 143 -35.88 -51.53 -5.21
C ARG E 143 -36.02 -52.00 -6.66
N GLU E 144 -34.91 -52.36 -7.30
CA GLU E 144 -34.93 -52.79 -8.69
C GLU E 144 -35.91 -53.95 -8.92
N ALA E 145 -37.07 -53.61 -9.50
CA ALA E 145 -38.13 -54.58 -9.78
C ALA E 145 -38.85 -54.26 -11.07
N LYS E 146 -39.28 -55.30 -11.76
CA LYS E 146 -40.01 -55.17 -13.01
C LYS E 146 -41.47 -55.53 -12.76
N VAL E 147 -42.35 -54.54 -12.79
CA VAL E 147 -43.80 -54.75 -12.62
C VAL E 147 -44.52 -54.66 -13.95
N GLN E 148 -44.61 -55.81 -14.63
CA GLN E 148 -45.31 -55.86 -15.91
C GLN E 148 -46.81 -55.99 -15.75
N TRP E 149 -47.55 -55.32 -16.62
CA TRP E 149 -49.01 -55.33 -16.58
C TRP E 149 -49.50 -56.12 -17.77
N LYS E 150 -50.19 -57.23 -17.55
CA LYS E 150 -50.68 -58.02 -18.66
C LYS E 150 -52.18 -58.27 -18.58
N VAL E 151 -52.88 -57.88 -19.63
CA VAL E 151 -54.30 -58.08 -19.72
C VAL E 151 -54.53 -59.03 -20.86
N ASP E 152 -55.32 -60.06 -20.59
CA ASP E 152 -55.65 -61.12 -21.54
C ASP E 152 -54.44 -61.51 -22.37
N ASN E 153 -53.37 -61.92 -21.66
CA ASN E 153 -52.07 -62.35 -22.24
C ASN E 153 -51.36 -61.29 -23.10
N ALA E 154 -51.49 -60.02 -22.76
CA ALA E 154 -50.88 -58.97 -23.58
C ALA E 154 -50.35 -57.81 -22.75
N LEU E 155 -49.18 -57.31 -23.14
CA LEU E 155 -48.53 -56.21 -22.45
C LEU E 155 -49.24 -54.89 -22.63
N GLN E 156 -49.17 -54.07 -21.59
CA GLN E 156 -49.81 -52.75 -21.59
C GLN E 156 -48.79 -51.63 -21.65
N SER E 157 -48.79 -50.89 -22.75
CA SER E 157 -47.86 -49.80 -22.94
C SER E 157 -48.59 -48.46 -22.90
N GLY E 158 -48.07 -47.55 -22.09
CA GLY E 158 -48.55 -46.16 -22.03
C GLY E 158 -49.74 -45.89 -21.14
N ASN E 159 -50.22 -46.90 -20.41
CA ASN E 159 -51.36 -46.75 -19.51
C ASN E 159 -50.90 -46.57 -18.07
N SER E 160 -49.83 -47.26 -17.70
CA SER E 160 -49.36 -47.28 -16.32
C SER E 160 -48.48 -46.11 -15.89
N GLN E 161 -48.49 -45.89 -14.57
CA GLN E 161 -47.68 -44.89 -13.89
C GLN E 161 -47.28 -45.52 -12.58
N GLU E 162 -46.03 -45.36 -12.19
CA GLU E 162 -45.52 -45.99 -10.98
C GLU E 162 -45.19 -44.96 -9.93
N SER E 163 -45.44 -45.32 -8.69
CA SER E 163 -45.12 -44.48 -7.54
C SER E 163 -44.38 -45.35 -6.53
N VAL E 164 -43.40 -44.78 -5.86
CA VAL E 164 -42.61 -45.51 -4.87
C VAL E 164 -42.37 -44.61 -3.67
N THR E 165 -42.41 -45.20 -2.48
CA THR E 165 -42.22 -44.45 -1.23
C THR E 165 -40.73 -44.36 -0.91
N GLU E 166 -40.36 -43.44 -0.05
CA GLU E 166 -38.96 -43.34 0.40
C GLU E 166 -38.63 -44.48 1.36
N GLN E 167 -37.36 -44.84 1.48
CA GLN E 167 -36.95 -45.99 2.31
C GLN E 167 -37.44 -45.84 3.75
N ASP E 168 -38.01 -46.91 4.29
CA ASP E 168 -38.64 -46.89 5.60
C ASP E 168 -37.61 -46.94 6.74
N SER E 169 -37.73 -45.99 7.65
CA SER E 169 -36.85 -45.89 8.80
C SER E 169 -36.84 -47.16 9.63
N LYS E 170 -38.01 -47.79 9.78
CA LYS E 170 -38.11 -48.99 10.60
C LYS E 170 -37.48 -50.23 10.00
N ASP E 171 -37.64 -50.46 8.71
CA ASP E 171 -37.09 -51.72 8.13
C ASP E 171 -36.27 -51.60 6.85
N SER E 172 -36.00 -50.37 6.40
CA SER E 172 -35.23 -50.12 5.18
C SER E 172 -35.75 -50.82 3.92
N THR E 173 -37.07 -50.77 3.73
CA THR E 173 -37.70 -51.41 2.59
C THR E 173 -38.47 -50.40 1.74
N TYR E 174 -38.76 -50.79 0.52
CA TYR E 174 -39.49 -49.93 -0.42
C TYR E 174 -40.86 -50.49 -0.71
N SER E 175 -41.81 -49.60 -1.00
CA SER E 175 -43.17 -49.97 -1.38
C SER E 175 -43.46 -49.33 -2.73
N LEU E 176 -44.10 -50.08 -3.63
CA LEU E 176 -44.37 -49.58 -4.99
C LEU E 176 -45.83 -49.72 -5.39
N SER E 177 -46.39 -48.65 -5.97
CA SER E 177 -47.77 -48.67 -6.45
C SER E 177 -47.81 -48.45 -7.96
N SER E 178 -48.30 -49.45 -8.70
CA SER E 178 -48.44 -49.31 -10.14
C SER E 178 -49.92 -49.18 -10.48
N THR E 179 -50.28 -48.11 -11.17
CA THR E 179 -51.68 -47.86 -11.49
C THR E 179 -51.94 -48.00 -12.99
N LEU E 180 -52.83 -48.91 -13.35
CA LEU E 180 -53.20 -49.09 -14.75
C LEU E 180 -54.49 -48.36 -14.96
N THR E 181 -54.48 -47.38 -15.85
CA THR E 181 -55.67 -46.59 -16.08
C THR E 181 -56.20 -46.79 -17.48
N LEU E 182 -57.48 -47.16 -17.55
CA LEU E 182 -58.18 -47.34 -18.81
C LEU E 182 -59.55 -46.71 -18.70
N SER E 183 -60.19 -46.47 -19.84
CA SER E 183 -61.57 -45.97 -19.85
C SER E 183 -62.51 -47.13 -19.53
N LYS E 184 -63.71 -46.79 -19.09
CA LYS E 184 -64.71 -47.79 -18.78
C LYS E 184 -64.94 -48.68 -19.99
N ALA E 185 -65.09 -48.05 -21.16
CA ALA E 185 -65.28 -48.77 -22.42
C ALA E 185 -64.17 -49.79 -22.64
N ASP E 186 -62.92 -49.34 -22.56
CA ASP E 186 -61.75 -50.19 -22.79
C ASP E 186 -61.58 -51.31 -21.77
N TYR E 187 -61.88 -51.00 -20.51
CA TYR E 187 -61.75 -51.96 -19.43
C TYR E 187 -62.67 -53.15 -19.64
N GLU E 188 -63.89 -52.88 -20.09
CA GLU E 188 -64.89 -53.93 -20.26
C GLU E 188 -64.63 -54.89 -21.42
N LYS E 189 -63.70 -54.58 -22.31
CA LYS E 189 -63.39 -55.45 -23.45
C LYS E 189 -62.51 -56.65 -23.08
N HIS E 190 -61.96 -56.69 -21.88
CA HIS E 190 -61.08 -57.78 -21.47
C HIS E 190 -61.62 -58.55 -20.26
N LYS E 191 -60.98 -59.66 -19.94
CA LYS E 191 -61.41 -60.51 -18.82
C LYS E 191 -60.39 -60.60 -17.71
N VAL E 192 -59.16 -61.00 -18.03
CA VAL E 192 -58.13 -61.20 -17.01
C VAL E 192 -57.11 -60.05 -16.92
N TYR E 193 -57.01 -59.46 -15.74
CA TYR E 193 -56.07 -58.36 -15.49
C TYR E 193 -55.06 -58.79 -14.45
N ALA E 194 -53.78 -58.86 -14.85
CA ALA E 194 -52.71 -59.36 -13.99
C ALA E 194 -51.47 -58.48 -14.01
N CYS E 195 -50.85 -58.32 -12.85
CA CYS E 195 -49.58 -57.61 -12.78
C CYS E 195 -48.52 -58.65 -12.46
N GLU E 196 -47.46 -58.68 -13.24
CA GLU E 196 -46.38 -59.66 -13.07
C GLU E 196 -45.10 -58.98 -12.53
N VAL E 197 -44.48 -59.62 -11.54
CA VAL E 197 -43.33 -59.04 -10.84
C VAL E 197 -42.09 -59.93 -10.89
N THR E 198 -40.95 -59.31 -11.23
CA THR E 198 -39.66 -60.00 -11.21
C THR E 198 -38.76 -59.32 -10.18
N HIS E 199 -38.27 -60.10 -9.23
CA HIS E 199 -37.44 -59.57 -8.15
C HIS E 199 -36.38 -60.58 -7.76
N GLN E 200 -35.31 -60.09 -7.15
CA GLN E 200 -34.21 -60.94 -6.67
C GLN E 200 -34.71 -61.88 -5.59
N GLY E 201 -35.54 -61.34 -4.70
CA GLY E 201 -36.13 -62.07 -3.58
C GLY E 201 -37.03 -63.22 -3.97
N LEU E 202 -37.79 -63.03 -5.03
CA LEU E 202 -38.70 -64.04 -5.52
C LEU E 202 -37.92 -65.13 -6.25
N SER E 203 -38.18 -66.38 -5.88
CA SER E 203 -37.53 -67.54 -6.49
C SER E 203 -37.89 -67.59 -7.96
N SER E 204 -39.16 -67.35 -8.25
CA SER E 204 -39.69 -67.25 -9.61
C SER E 204 -40.56 -65.98 -9.72
N PRO E 205 -40.71 -65.44 -10.93
CA PRO E 205 -41.61 -64.30 -11.09
C PRO E 205 -43.03 -64.57 -10.58
N VAL E 206 -43.62 -63.62 -9.89
CA VAL E 206 -44.92 -63.80 -9.25
C VAL E 206 -46.01 -62.96 -9.93
N THR E 207 -47.16 -63.58 -10.17
CA THR E 207 -48.30 -62.90 -10.79
C THR E 207 -49.52 -62.88 -9.87
N LYS E 208 -50.25 -61.77 -9.89
CA LYS E 208 -51.52 -61.66 -9.20
C LYS E 208 -52.54 -61.20 -10.22
N SER E 209 -53.66 -61.91 -10.31
CA SER E 209 -54.67 -61.64 -11.34
C SER E 209 -56.11 -61.70 -10.83
N PHE E 210 -57.02 -61.28 -11.69
CA PHE E 210 -58.45 -61.38 -11.42
C PHE E 210 -59.24 -61.36 -12.73
N ASN E 211 -60.08 -62.37 -12.91
CA ASN E 211 -61.01 -62.40 -14.04
C ASN E 211 -62.14 -61.42 -13.77
N ARG E 212 -62.68 -60.84 -14.83
CA ARG E 212 -63.79 -59.90 -14.70
C ARG E 212 -65.11 -60.66 -14.65
N VAL F 2 -28.32 -15.61 9.99
CA VAL F 2 -28.34 -15.45 8.51
C VAL F 2 -29.53 -16.25 7.97
N GLN F 3 -30.36 -15.59 7.17
CA GLN F 3 -31.58 -16.23 6.68
C GLN F 3 -31.94 -15.79 5.28
N LEU F 4 -32.57 -16.70 4.55
CA LEU F 4 -33.04 -16.43 3.20
C LEU F 4 -34.43 -16.98 3.06
N VAL F 5 -35.38 -16.15 2.65
CA VAL F 5 -36.74 -16.63 2.45
C VAL F 5 -37.30 -16.20 1.09
N GLU F 6 -37.82 -17.17 0.35
CA GLU F 6 -38.35 -16.92 -0.99
C GLU F 6 -39.84 -16.55 -0.94
N SER F 7 -40.34 -16.03 -2.05
CA SER F 7 -41.73 -15.59 -2.14
C SER F 7 -42.22 -15.52 -3.58
N GLY F 8 -43.53 -15.38 -3.73
CA GLY F 8 -44.17 -15.22 -5.04
C GLY F 8 -44.54 -16.51 -5.76
N GLY F 9 -44.40 -17.65 -5.09
CA GLY F 9 -44.74 -18.95 -5.71
C GLY F 9 -46.21 -19.09 -6.02
N GLY F 10 -46.52 -19.91 -7.03
CA GLY F 10 -47.91 -20.15 -7.42
C GLY F 10 -48.09 -20.96 -8.69
N VAL F 11 -49.30 -20.86 -9.24
CA VAL F 11 -49.68 -21.58 -10.45
C VAL F 11 -49.82 -20.60 -11.59
N VAL F 12 -49.33 -20.96 -12.77
CA VAL F 12 -49.44 -20.09 -13.96
C VAL F 12 -49.66 -20.87 -15.24
N GLN F 13 -50.31 -20.23 -16.21
CA GLN F 13 -50.54 -20.84 -17.51
C GLN F 13 -49.26 -20.83 -18.32
N PRO F 14 -49.12 -21.77 -19.26
CA PRO F 14 -47.97 -21.76 -20.15
C PRO F 14 -47.94 -20.54 -21.05
N GLY F 15 -46.74 -20.01 -21.31
CA GLY F 15 -46.57 -18.81 -22.12
C GLY F 15 -46.99 -17.56 -21.35
N ARG F 16 -46.79 -17.60 -20.03
CA ARG F 16 -47.16 -16.50 -19.15
C ARG F 16 -46.00 -16.17 -18.21
N SER F 17 -46.12 -15.05 -17.49
CA SER F 17 -45.04 -14.56 -16.63
C SER F 17 -45.38 -14.58 -15.15
N LEU F 18 -44.36 -14.80 -14.33
CA LEU F 18 -44.45 -14.73 -12.88
C LEU F 18 -43.20 -14.06 -12.34
N ARG F 19 -43.33 -13.30 -11.26
CA ARG F 19 -42.18 -12.67 -10.64
C ARG F 19 -41.95 -13.26 -9.26
N LEU F 20 -40.77 -13.82 -9.06
CA LEU F 20 -40.37 -14.39 -7.77
C LEU F 20 -39.42 -13.46 -7.06
N SER F 21 -39.43 -13.48 -5.73
CA SER F 21 -38.53 -12.65 -4.92
C SER F 21 -37.94 -13.40 -3.73
N CYS F 22 -36.78 -12.93 -3.29
CA CYS F 22 -36.06 -13.53 -2.19
C CYS F 22 -35.67 -12.44 -1.23
N ALA F 23 -36.03 -12.61 0.04
CA ALA F 23 -35.71 -11.63 1.06
C ALA F 23 -34.56 -12.19 1.86
N ALA F 24 -33.54 -11.36 2.08
CA ALA F 24 -32.36 -11.77 2.83
C ALA F 24 -32.20 -10.88 4.07
N SER F 25 -31.92 -11.51 5.20
CA SER F 25 -31.73 -10.83 6.47
C SER F 25 -30.57 -11.46 7.25
N GLY F 26 -30.03 -10.68 8.18
CA GLY F 26 -28.96 -11.13 9.08
C GLY F 26 -27.55 -11.06 8.55
N PHE F 27 -27.36 -10.43 7.39
CA PHE F 27 -26.02 -10.22 6.82
C PHE F 27 -26.03 -9.03 5.87
N THR F 28 -24.84 -8.56 5.48
CA THR F 28 -24.77 -7.40 4.62
C THR F 28 -25.04 -7.90 3.22
N PHE F 29 -26.23 -7.59 2.73
CA PHE F 29 -26.68 -8.04 1.43
C PHE F 29 -25.70 -7.67 0.30
N SER F 30 -25.34 -6.39 0.24
CA SER F 30 -24.45 -5.85 -0.80
C SER F 30 -23.10 -6.59 -0.97
N ASN F 31 -22.57 -7.15 0.11
CA ASN F 31 -21.30 -7.89 0.05
C ASN F 31 -21.37 -9.29 -0.55
N TYR F 32 -22.57 -9.80 -0.84
CA TYR F 32 -22.69 -11.17 -1.34
C TYR F 32 -23.36 -11.29 -2.71
N GLY F 33 -23.18 -12.48 -3.30
CA GLY F 33 -23.82 -12.85 -4.55
C GLY F 33 -24.80 -13.97 -4.24
N ILE F 34 -25.93 -13.96 -4.92
CA ILE F 34 -26.99 -14.93 -4.65
C ILE F 34 -27.39 -15.65 -5.93
N HIS F 35 -27.62 -16.95 -5.80
CA HIS F 35 -28.04 -17.79 -6.93
C HIS F 35 -29.52 -18.17 -6.80
N TRP F 36 -30.05 -18.68 -7.91
CA TRP F 36 -31.36 -19.29 -7.95
C TRP F 36 -31.10 -20.71 -8.41
N VAL F 37 -31.57 -21.68 -7.66
CA VAL F 37 -31.40 -23.09 -8.02
C VAL F 37 -32.79 -23.70 -7.99
N ARG F 38 -33.11 -24.53 -8.98
CA ARG F 38 -34.43 -25.13 -9.01
C ARG F 38 -34.37 -26.64 -9.03
N GLN F 39 -35.43 -27.24 -8.48
CA GLN F 39 -35.55 -28.69 -8.45
C GLN F 39 -36.95 -29.15 -8.88
N ALA F 40 -36.99 -30.00 -9.89
CA ALA F 40 -38.26 -30.56 -10.35
C ALA F 40 -38.64 -31.71 -9.43
N PRO F 41 -39.96 -31.97 -9.30
CA PRO F 41 -40.43 -33.01 -8.38
C PRO F 41 -39.75 -34.36 -8.62
N GLY F 42 -39.13 -34.89 -7.56
CA GLY F 42 -38.36 -36.14 -7.64
C GLY F 42 -37.21 -36.09 -8.64
N LYS F 43 -36.59 -34.93 -8.79
CA LYS F 43 -35.48 -34.80 -9.72
C LYS F 43 -34.30 -34.04 -9.14
N GLY F 44 -33.24 -33.91 -9.94
CA GLY F 44 -31.98 -33.29 -9.51
C GLY F 44 -32.00 -31.77 -9.45
N LEU F 45 -30.99 -31.23 -8.76
CA LEU F 45 -30.83 -29.78 -8.62
C LEU F 45 -30.39 -29.17 -9.94
N GLU F 46 -30.94 -28.02 -10.28
CA GLU F 46 -30.61 -27.33 -11.52
C GLU F 46 -30.32 -25.88 -11.23
N TRP F 47 -29.11 -25.45 -11.59
CA TRP F 47 -28.73 -24.07 -11.38
C TRP F 47 -29.46 -23.20 -12.39
N VAL F 48 -30.11 -22.16 -11.89
CA VAL F 48 -30.81 -21.25 -12.77
C VAL F 48 -29.91 -20.09 -13.14
N ALA F 49 -29.63 -19.21 -12.17
CA ALA F 49 -28.88 -17.99 -12.44
C ALA F 49 -28.23 -17.37 -11.21
N VAL F 50 -27.40 -16.35 -11.41
CA VAL F 50 -26.71 -15.69 -10.31
C VAL F 50 -26.52 -14.21 -10.63
N ILE F 51 -26.53 -13.40 -9.58
CA ILE F 51 -26.31 -11.96 -9.71
C ILE F 51 -25.24 -11.57 -8.71
N TRP F 52 -24.39 -10.63 -9.05
CA TRP F 52 -23.31 -10.27 -8.12
C TRP F 52 -23.55 -8.99 -7.30
N TYR F 53 -22.53 -8.57 -6.56
CA TYR F 53 -22.64 -7.51 -5.54
C TYR F 53 -23.36 -6.23 -5.95
N ASP F 54 -22.96 -5.61 -7.05
CA ASP F 54 -23.54 -4.32 -7.43
C ASP F 54 -24.85 -4.46 -8.22
N GLY F 55 -25.22 -5.69 -8.55
CA GLY F 55 -26.44 -5.95 -9.30
C GLY F 55 -26.33 -5.75 -10.79
N SER F 56 -25.15 -5.34 -11.27
CA SER F 56 -24.94 -5.16 -12.69
C SER F 56 -24.36 -6.41 -13.39
N ILE F 57 -23.97 -7.42 -12.64
CA ILE F 57 -23.42 -8.62 -13.24
C ILE F 57 -24.34 -9.80 -12.95
N LYS F 58 -24.84 -10.41 -14.03
CA LYS F 58 -25.79 -11.51 -13.93
C LYS F 58 -25.40 -12.60 -14.90
N TYR F 59 -25.50 -13.86 -14.48
CA TYR F 59 -25.18 -14.99 -15.36
C TYR F 59 -26.34 -15.99 -15.33
N TYR F 60 -26.72 -16.52 -16.49
CA TYR F 60 -27.86 -17.43 -16.59
C TYR F 60 -27.56 -18.79 -17.23
N ALA F 61 -28.39 -19.77 -16.89
CA ALA F 61 -28.34 -21.09 -17.50
C ALA F 61 -29.00 -21.03 -18.87
N ASP F 62 -28.64 -21.97 -19.73
CA ASP F 62 -29.20 -22.01 -21.08
C ASP F 62 -30.70 -22.25 -21.11
N SER F 63 -31.16 -23.08 -20.17
CA SER F 63 -32.59 -23.34 -20.00
C SER F 63 -33.42 -22.07 -19.97
N VAL F 64 -33.02 -21.13 -19.14
CA VAL F 64 -33.79 -19.91 -18.94
C VAL F 64 -33.26 -18.68 -19.67
N LYS F 65 -32.15 -18.82 -20.39
CA LYS F 65 -31.57 -17.66 -21.06
C LYS F 65 -32.57 -17.08 -22.06
N GLY F 66 -32.73 -15.77 -22.01
CA GLY F 66 -33.66 -15.05 -22.87
C GLY F 66 -35.10 -15.01 -22.39
N ARG F 67 -35.38 -15.64 -21.24
CA ARG F 67 -36.73 -15.71 -20.68
C ARG F 67 -36.76 -15.18 -19.25
N PHE F 68 -35.89 -15.67 -18.39
CA PHE F 68 -35.84 -15.21 -16.99
C PHE F 68 -34.91 -14.01 -16.90
N THR F 69 -35.15 -13.13 -15.93
CA THR F 69 -34.33 -11.95 -15.71
C THR F 69 -34.14 -11.72 -14.22
N ILE F 70 -32.94 -12.03 -13.75
CA ILE F 70 -32.58 -11.89 -12.33
C ILE F 70 -32.21 -10.43 -12.02
N SER F 71 -32.62 -9.95 -10.86
CA SER F 71 -32.30 -8.58 -10.46
C SER F 71 -32.35 -8.41 -8.96
N ARG F 72 -31.86 -7.27 -8.47
CA ARG F 72 -31.83 -7.05 -7.04
C ARG F 72 -31.92 -5.58 -6.70
N ASP F 73 -32.51 -5.28 -5.56
CA ASP F 73 -32.48 -3.93 -5.02
C ASP F 73 -31.83 -4.06 -3.67
N ASN F 74 -30.59 -3.58 -3.60
CA ASN F 74 -29.79 -3.69 -2.38
C ASN F 74 -30.36 -2.93 -1.19
N SER F 75 -30.97 -1.76 -1.45
CA SER F 75 -31.55 -0.96 -0.37
C SER F 75 -32.67 -1.71 0.35
N LYS F 76 -33.49 -2.42 -0.42
CA LYS F 76 -34.59 -3.21 0.12
C LYS F 76 -34.16 -4.60 0.56
N ASN F 77 -32.89 -4.96 0.33
CA ASN F 77 -32.31 -6.27 0.69
C ASN F 77 -33.08 -7.45 0.09
N THR F 78 -33.52 -7.27 -1.15
CA THR F 78 -34.36 -8.24 -1.82
C THR F 78 -33.78 -8.55 -3.18
N LEU F 79 -33.93 -9.81 -3.59
CA LEU F 79 -33.48 -10.27 -4.90
C LEU F 79 -34.71 -10.80 -5.61
N TYR F 80 -34.79 -10.55 -6.91
CA TYR F 80 -35.96 -10.98 -7.69
C TYR F 80 -35.61 -11.85 -8.86
N LEU F 81 -36.51 -12.77 -9.18
CA LEU F 81 -36.39 -13.54 -10.38
C LEU F 81 -37.64 -13.27 -11.19
N GLN F 82 -37.47 -12.72 -12.38
CA GLN F 82 -38.59 -12.41 -13.25
C GLN F 82 -38.64 -13.43 -14.37
N MET F 83 -39.61 -14.32 -14.30
CA MET F 83 -39.72 -15.42 -15.26
C MET F 83 -40.80 -15.10 -16.27
N ASN F 84 -40.46 -15.28 -17.56
CA ASN F 84 -41.38 -15.02 -18.66
C ASN F 84 -41.40 -16.23 -19.59
N SER F 85 -42.45 -16.32 -20.40
CA SER F 85 -42.61 -17.39 -21.39
C SER F 85 -42.46 -18.75 -20.72
N LEU F 86 -43.31 -19.01 -19.74
CA LEU F 86 -43.24 -20.26 -18.95
C LEU F 86 -43.45 -21.54 -19.75
N ARG F 87 -42.92 -22.63 -19.19
CA ARG F 87 -42.90 -23.93 -19.85
C ARG F 87 -43.29 -25.04 -18.88
N ALA F 88 -43.61 -26.21 -19.44
CA ALA F 88 -43.86 -27.39 -18.63
C ALA F 88 -42.64 -27.69 -17.77
N GLU F 89 -41.46 -27.61 -18.39
CA GLU F 89 -40.19 -27.91 -17.71
C GLU F 89 -39.86 -26.97 -16.53
N ASP F 90 -40.38 -25.74 -16.58
CA ASP F 90 -40.17 -24.77 -15.48
C ASP F 90 -40.95 -25.07 -14.20
N THR F 91 -41.78 -26.11 -14.19
CA THR F 91 -42.55 -26.46 -13.01
C THR F 91 -41.63 -27.14 -11.99
N ALA F 92 -41.14 -26.36 -11.02
CA ALA F 92 -40.15 -26.83 -10.03
C ALA F 92 -40.29 -26.06 -8.73
N VAL F 93 -39.38 -26.30 -7.80
CA VAL F 93 -39.28 -25.53 -6.59
C VAL F 93 -38.08 -24.63 -6.79
N TYR F 94 -38.25 -23.35 -6.57
CA TYR F 94 -37.17 -22.39 -6.84
C TYR F 94 -36.48 -21.91 -5.57
N TYR F 95 -35.25 -22.41 -5.36
CA TYR F 95 -34.44 -22.06 -4.20
C TYR F 95 -33.64 -20.80 -4.40
N CYS F 96 -33.34 -20.14 -3.29
CA CYS F 96 -32.51 -18.97 -3.25
C CYS F 96 -31.26 -19.36 -2.48
N ALA F 97 -30.07 -19.22 -3.08
CA ALA F 97 -28.84 -19.62 -2.40
C ALA F 97 -27.75 -18.54 -2.42
N ARG F 98 -27.16 -18.26 -1.26
CA ARG F 98 -26.13 -17.23 -1.15
C ARG F 98 -24.76 -17.84 -1.38
N ASP F 99 -23.86 -17.11 -2.03
CA ASP F 99 -22.52 -17.62 -2.28
C ASP F 99 -21.54 -17.08 -1.26
N ARG F 100 -20.78 -17.98 -0.65
CA ARG F 100 -19.80 -17.60 0.39
C ARG F 100 -18.73 -16.61 -0.06
N ALA F 101 -18.40 -16.62 -1.36
CA ALA F 101 -17.35 -15.74 -1.89
C ALA F 101 -17.70 -14.25 -1.77
N ALA F 102 -17.61 -13.71 -0.56
CA ALA F 102 -18.03 -12.34 -0.29
C ALA F 102 -17.04 -11.32 -0.83
N ALA F 103 -17.53 -10.12 -1.10
CA ALA F 103 -16.71 -9.03 -1.63
C ALA F 103 -15.56 -8.67 -0.71
N GLY F 104 -14.43 -8.29 -1.30
CA GLY F 104 -13.23 -7.90 -0.55
C GLY F 104 -12.49 -9.08 0.05
N LEU F 105 -12.90 -10.28 -0.30
CA LEU F 105 -12.27 -11.51 0.17
C LEU F 105 -11.95 -12.35 -1.06
N HIS F 106 -11.09 -13.33 -0.88
CA HIS F 106 -10.68 -14.16 -2.00
C HIS F 106 -11.03 -15.59 -1.68
N TYR F 107 -12.25 -15.76 -1.18
CA TYR F 107 -12.77 -17.07 -0.84
C TYR F 107 -13.13 -17.90 -2.06
N TYR F 108 -13.05 -19.21 -1.90
CA TYR F 108 -13.50 -20.15 -2.90
C TYR F 108 -15.01 -20.09 -3.01
N TYR F 109 -15.52 -20.39 -4.18
CA TYR F 109 -16.96 -20.33 -4.40
C TYR F 109 -17.71 -21.54 -3.84
N GLY F 110 -18.90 -21.26 -3.32
CA GLY F 110 -19.81 -22.28 -2.81
C GLY F 110 -21.07 -21.66 -2.25
N MET F 111 -22.19 -22.36 -2.39
CA MET F 111 -23.47 -21.84 -1.91
C MET F 111 -23.68 -22.34 -0.50
N ASP F 112 -23.60 -21.45 0.47
CA ASP F 112 -23.61 -21.84 1.88
C ASP F 112 -24.95 -21.64 2.60
N VAL F 113 -25.77 -20.71 2.14
CA VAL F 113 -27.04 -20.45 2.78
C VAL F 113 -28.15 -20.63 1.77
N TRP F 114 -29.15 -21.43 2.14
CA TRP F 114 -30.27 -21.74 1.25
C TRP F 114 -31.61 -21.41 1.89
N GLY F 115 -32.54 -20.96 1.07
CA GLY F 115 -33.88 -20.69 1.51
C GLY F 115 -34.77 -21.92 1.50
N GLN F 116 -35.93 -21.82 2.13
CA GLN F 116 -36.89 -22.94 2.14
C GLN F 116 -37.34 -23.29 0.74
N GLY F 117 -37.57 -22.27 -0.07
CA GLY F 117 -37.99 -22.46 -1.44
C GLY F 117 -39.43 -22.07 -1.66
N THR F 118 -39.74 -21.74 -2.92
CA THR F 118 -41.09 -21.41 -3.32
C THR F 118 -41.40 -22.31 -4.51
N THR F 119 -42.64 -22.77 -4.62
CA THR F 119 -43.00 -23.67 -5.71
C THR F 119 -43.69 -22.93 -6.84
N VAL F 120 -43.34 -23.33 -8.06
CA VAL F 120 -43.93 -22.75 -9.26
C VAL F 120 -44.51 -23.88 -10.08
N THR F 121 -45.82 -23.82 -10.32
CA THR F 121 -46.48 -24.83 -11.12
C THR F 121 -47.00 -24.23 -12.41
N VAL F 122 -46.58 -24.79 -13.54
CA VAL F 122 -47.03 -24.30 -14.83
C VAL F 122 -48.03 -25.28 -15.40
N SER F 123 -49.30 -24.89 -15.45
CA SER F 123 -50.33 -25.79 -15.97
C SER F 123 -51.59 -25.08 -16.49
N SER F 124 -52.14 -25.65 -17.55
CA SER F 124 -53.41 -25.20 -18.15
C SER F 124 -54.57 -25.47 -17.19
N ALA F 125 -54.48 -26.60 -16.48
CA ALA F 125 -55.52 -27.11 -15.60
C ALA F 125 -56.05 -26.12 -14.54
N SER F 126 -57.38 -26.07 -14.42
CA SER F 126 -58.05 -25.25 -13.41
C SER F 126 -58.08 -25.99 -12.08
N THR F 127 -58.23 -25.23 -11.00
CA THR F 127 -58.31 -25.81 -9.67
C THR F 127 -59.46 -26.80 -9.58
N LYS F 128 -59.13 -28.08 -9.40
CA LYS F 128 -60.15 -29.13 -9.25
C LYS F 128 -59.92 -30.01 -8.03
N GLY F 129 -61.01 -30.33 -7.32
CA GLY F 129 -60.95 -31.20 -6.17
C GLY F 129 -60.78 -32.65 -6.59
N PRO F 130 -60.37 -33.52 -5.66
CA PRO F 130 -60.15 -34.92 -5.95
C PRO F 130 -61.43 -35.72 -5.94
N SER F 131 -61.35 -36.92 -6.49
CA SER F 131 -62.45 -37.87 -6.48
C SER F 131 -61.93 -39.04 -5.68
N VAL F 132 -62.65 -39.46 -4.66
CA VAL F 132 -62.16 -40.54 -3.81
C VAL F 132 -62.88 -41.86 -4.04
N PHE F 133 -62.11 -42.86 -4.44
CA PHE F 133 -62.61 -44.19 -4.69
C PHE F 133 -61.84 -45.13 -3.76
N PRO F 134 -62.55 -46.04 -3.09
CA PRO F 134 -61.90 -47.00 -2.20
C PRO F 134 -61.17 -48.09 -2.97
N LEU F 135 -60.27 -48.78 -2.27
CA LEU F 135 -59.51 -49.89 -2.81
C LEU F 135 -59.73 -51.05 -1.86
N ALA F 136 -60.85 -51.72 -2.04
CA ALA F 136 -61.22 -52.85 -1.16
C ALA F 136 -60.31 -54.08 -1.34
N PRO F 137 -60.28 -54.98 -0.34
CA PRO F 137 -59.53 -56.22 -0.42
C PRO F 137 -60.45 -57.41 -0.74
N GLY F 145 -51.81 -63.63 6.62
CA GLY F 145 -53.10 -63.24 7.18
C GLY F 145 -53.27 -61.74 7.27
N THR F 146 -52.75 -61.02 6.27
CA THR F 146 -52.85 -59.57 6.23
C THR F 146 -53.61 -59.16 4.99
N ALA F 147 -54.46 -58.14 5.16
CA ALA F 147 -55.32 -57.65 4.10
C ALA F 147 -54.97 -56.20 3.78
N ALA F 148 -54.69 -55.93 2.50
CA ALA F 148 -54.34 -54.58 2.07
C ALA F 148 -55.57 -53.83 1.59
N LEU F 149 -55.72 -52.60 2.06
CA LEU F 149 -56.80 -51.74 1.60
C LEU F 149 -56.31 -50.31 1.49
N GLY F 150 -57.06 -49.50 0.76
CA GLY F 150 -56.72 -48.09 0.59
C GLY F 150 -57.86 -47.32 -0.04
N CYS F 151 -57.65 -46.05 -0.30
CA CYS F 151 -58.65 -45.26 -1.02
C CYS F 151 -57.86 -44.40 -1.96
N LEU F 152 -58.12 -44.57 -3.25
CA LEU F 152 -57.35 -43.88 -4.27
C LEU F 152 -57.91 -42.48 -4.53
N VAL F 153 -57.03 -41.48 -4.53
CA VAL F 153 -57.43 -40.09 -4.72
C VAL F 153 -57.15 -39.68 -6.17
N LYS F 154 -58.19 -39.33 -6.91
CA LYS F 154 -58.01 -39.06 -8.34
C LYS F 154 -58.44 -37.68 -8.83
N ASP F 155 -57.81 -37.28 -9.94
CA ASP F 155 -58.12 -36.05 -10.67
C ASP F 155 -58.20 -34.75 -9.86
N TYR F 156 -57.07 -34.33 -9.30
CA TYR F 156 -57.05 -33.09 -8.51
C TYR F 156 -55.88 -32.18 -8.88
N PHE F 157 -56.11 -30.88 -8.69
CA PHE F 157 -55.13 -29.84 -8.94
C PHE F 157 -55.35 -28.76 -7.87
N PRO F 158 -54.30 -28.20 -7.29
CA PRO F 158 -52.90 -28.58 -7.51
C PRO F 158 -52.44 -29.71 -6.57
N GLU F 159 -51.12 -29.94 -6.52
CA GLU F 159 -50.50 -31.10 -5.81
C GLU F 159 -50.69 -31.30 -4.29
N PRO F 160 -50.57 -30.24 -3.47
CA PRO F 160 -50.63 -30.43 -2.02
C PRO F 160 -51.93 -31.08 -1.52
N VAL F 161 -51.86 -32.38 -1.26
CA VAL F 161 -53.00 -33.12 -0.72
C VAL F 161 -52.55 -33.95 0.49
N THR F 162 -53.31 -33.87 1.58
CA THR F 162 -52.95 -34.63 2.78
C THR F 162 -53.94 -35.76 2.98
N VAL F 163 -53.41 -36.93 3.36
CA VAL F 163 -54.23 -38.12 3.60
C VAL F 163 -53.91 -38.79 4.93
N SER F 164 -54.88 -38.70 5.84
CA SER F 164 -54.79 -39.37 7.12
C SER F 164 -55.80 -40.50 7.13
N TRP F 165 -55.49 -41.55 7.87
CA TRP F 165 -56.40 -42.67 8.02
C TRP F 165 -57.01 -42.62 9.40
N ASN F 166 -58.32 -42.82 9.46
CA ASN F 166 -59.12 -42.83 10.71
C ASN F 166 -58.72 -41.66 11.67
N SER F 167 -58.65 -40.47 11.07
CA SER F 167 -58.37 -39.20 11.75
C SER F 167 -57.01 -39.14 12.47
N GLY F 168 -56.00 -39.76 11.87
CA GLY F 168 -54.63 -39.74 12.41
C GLY F 168 -54.34 -40.79 13.48
N ALA F 169 -55.18 -41.81 13.55
CA ALA F 169 -55.06 -42.88 14.55
C ALA F 169 -54.20 -44.06 14.09
N LEU F 170 -54.19 -44.33 12.78
CA LEU F 170 -53.40 -45.45 12.28
C LEU F 170 -52.18 -44.99 11.50
N THR F 171 -51.00 -45.35 11.98
CA THR F 171 -49.75 -45.04 11.28
C THR F 171 -48.86 -46.27 11.06
N SER F 172 -49.24 -47.42 11.61
CA SER F 172 -48.48 -48.63 11.42
C SER F 172 -48.87 -49.28 10.10
N GLY F 173 -47.91 -49.43 9.20
CA GLY F 173 -48.13 -50.08 7.91
C GLY F 173 -48.68 -49.18 6.81
N VAL F 174 -49.06 -47.96 7.15
CA VAL F 174 -49.60 -46.99 6.20
C VAL F 174 -48.50 -46.56 5.20
N HIS F 175 -48.86 -46.46 3.93
CA HIS F 175 -47.92 -46.10 2.87
C HIS F 175 -48.53 -45.06 1.95
N THR F 176 -48.68 -43.83 2.39
CA THR F 176 -49.22 -42.81 1.51
C THR F 176 -48.14 -42.46 0.50
N PHE F 177 -48.40 -42.84 -0.74
CA PHE F 177 -47.44 -42.67 -1.83
C PHE F 177 -47.30 -41.21 -2.27
N PRO F 178 -46.24 -40.92 -3.04
CA PRO F 178 -46.12 -39.63 -3.69
C PRO F 178 -47.07 -39.51 -4.87
N ALA F 179 -47.57 -38.29 -5.08
CA ALA F 179 -48.47 -38.02 -6.19
C ALA F 179 -47.74 -38.08 -7.52
N VAL F 180 -48.48 -38.34 -8.59
CA VAL F 180 -47.92 -38.30 -9.93
C VAL F 180 -48.72 -37.32 -10.78
N LEU F 181 -48.15 -36.92 -11.90
CA LEU F 181 -48.84 -36.02 -12.80
C LEU F 181 -49.34 -36.87 -13.94
N GLN F 182 -50.67 -36.89 -14.10
CA GLN F 182 -51.31 -37.69 -15.16
C GLN F 182 -51.29 -36.92 -16.46
N SER F 183 -51.58 -37.62 -17.56
CA SER F 183 -51.60 -37.00 -18.89
C SER F 183 -52.60 -35.84 -18.99
N SER F 184 -53.74 -36.00 -18.31
CA SER F 184 -54.80 -34.98 -18.26
C SER F 184 -54.41 -33.63 -17.67
N GLY F 185 -53.37 -33.62 -16.82
CA GLY F 185 -52.93 -32.40 -16.14
C GLY F 185 -53.38 -32.35 -14.70
N LEU F 186 -53.88 -33.47 -14.18
CA LEU F 186 -54.35 -33.54 -12.81
C LEU F 186 -53.54 -34.59 -12.09
N TYR F 187 -53.32 -34.37 -10.79
CA TYR F 187 -52.56 -35.30 -9.98
C TYR F 187 -53.38 -36.49 -9.51
N SER F 188 -52.71 -37.59 -9.20
CA SER F 188 -53.35 -38.80 -8.72
C SER F 188 -52.54 -39.37 -7.59
N LEU F 189 -53.21 -39.78 -6.53
CA LEU F 189 -52.51 -40.23 -5.33
C LEU F 189 -53.24 -41.41 -4.72
N SER F 190 -52.49 -42.33 -4.14
CA SER F 190 -53.11 -43.51 -3.54
C SER F 190 -52.40 -43.91 -2.26
N SER F 191 -53.12 -43.78 -1.14
CA SER F 191 -52.62 -44.21 0.15
C SER F 191 -53.07 -45.64 0.45
N VAL F 192 -52.17 -46.46 0.99
CA VAL F 192 -52.46 -47.85 1.31
C VAL F 192 -52.05 -48.18 2.74
N VAL F 193 -52.69 -49.21 3.30
CA VAL F 193 -52.43 -49.70 4.66
C VAL F 193 -52.78 -51.18 4.72
N THR F 194 -51.91 -51.96 5.32
CA THR F 194 -52.19 -53.39 5.44
C THR F 194 -52.53 -53.64 6.89
N VAL F 195 -53.66 -54.31 7.11
CA VAL F 195 -54.10 -54.63 8.46
C VAL F 195 -54.62 -56.06 8.51
N PRO F 196 -54.63 -56.65 9.71
CA PRO F 196 -55.05 -58.05 9.85
C PRO F 196 -56.57 -58.18 9.76
N SER F 197 -57.04 -59.35 9.31
CA SER F 197 -58.48 -59.60 9.09
C SER F 197 -59.31 -59.67 10.37
N THR F 202 -61.97 -57.19 10.75
CA THR F 202 -62.57 -56.09 10.02
C THR F 202 -63.25 -55.12 10.98
N GLN F 203 -62.68 -53.92 11.09
CA GLN F 203 -63.31 -52.83 11.81
C GLN F 203 -63.69 -51.68 10.91
N THR F 204 -63.60 -50.44 11.36
CA THR F 204 -63.96 -49.30 10.52
C THR F 204 -62.72 -48.53 10.08
N TYR F 205 -62.59 -48.33 8.77
CA TYR F 205 -61.45 -47.63 8.18
C TYR F 205 -61.88 -46.50 7.26
N ILE F 206 -61.75 -45.26 7.72
CA ILE F 206 -62.09 -44.11 6.89
C ILE F 206 -60.85 -43.26 6.68
N CYS F 207 -60.61 -42.86 5.44
CA CYS F 207 -59.47 -42.00 5.15
C CYS F 207 -59.95 -40.58 5.01
N ASN F 208 -59.20 -39.67 5.60
CA ASN F 208 -59.52 -38.26 5.55
C ASN F 208 -58.61 -37.63 4.52
N VAL F 209 -59.20 -37.06 3.48
CA VAL F 209 -58.43 -36.42 2.43
C VAL F 209 -58.68 -34.93 2.49
N ASN F 210 -57.63 -34.17 2.71
CA ASN F 210 -57.76 -32.74 2.75
C ASN F 210 -57.00 -32.14 1.57
N HIS F 211 -57.74 -31.47 0.69
CA HIS F 211 -57.14 -30.77 -0.42
C HIS F 211 -57.49 -29.30 -0.18
N LYS F 212 -56.52 -28.57 0.36
CA LYS F 212 -56.74 -27.17 0.77
C LYS F 212 -57.10 -26.20 -0.35
N PRO F 213 -56.50 -26.34 -1.55
CA PRO F 213 -56.79 -25.41 -2.64
C PRO F 213 -58.25 -25.40 -3.09
N SER F 214 -58.88 -26.56 -3.14
CA SER F 214 -60.27 -26.68 -3.57
C SER F 214 -61.25 -26.62 -2.40
N ASN F 215 -60.72 -26.45 -1.18
CA ASN F 215 -61.51 -26.43 0.05
C ASN F 215 -62.39 -27.68 0.20
N THR F 216 -61.77 -28.83 -0.04
CA THR F 216 -62.46 -30.11 0.06
C THR F 216 -61.92 -30.97 1.22
N LYS F 217 -62.85 -31.63 1.90
CA LYS F 217 -62.56 -32.54 3.01
C LYS F 217 -63.46 -33.78 2.83
N VAL F 218 -62.88 -34.87 2.32
CA VAL F 218 -63.63 -36.08 2.02
C VAL F 218 -63.22 -37.25 2.92
N ASP F 219 -64.23 -37.90 3.50
CA ASP F 219 -64.02 -39.11 4.27
C ASP F 219 -64.83 -40.20 3.61
N LYS F 220 -64.18 -41.27 3.17
CA LYS F 220 -64.88 -42.36 2.50
C LYS F 220 -64.65 -43.70 3.20
N LYS F 221 -65.75 -44.31 3.64
CA LYS F 221 -65.69 -45.62 4.28
C LYS F 221 -65.17 -46.64 3.27
N VAL F 222 -64.28 -47.52 3.72
CA VAL F 222 -63.70 -48.51 2.82
C VAL F 222 -64.09 -49.91 3.27
N GLU F 223 -65.24 -50.35 2.76
CA GLU F 223 -65.78 -51.67 3.05
C GLU F 223 -65.07 -52.73 2.21
N PRO F 224 -64.87 -53.92 2.79
CA PRO F 224 -64.29 -55.02 2.02
C PRO F 224 -65.29 -55.70 1.10
N LYS F 225 -64.82 -56.61 0.26
CA LYS F 225 -65.69 -57.35 -0.64
C LYS F 225 -65.51 -58.85 -0.45
C1 NAG G . 31.18 -11.23 17.53
C2 NAG G . 32.61 -11.70 17.67
C3 NAG G . 33.29 -11.90 16.32
C4 NAG G . 32.50 -12.88 15.49
C5 NAG G . 31.02 -12.48 15.48
C6 NAG G . 30.25 -13.55 14.73
C7 NAG G . 32.88 -10.46 19.66
C8 NAG G . 33.43 -9.20 20.17
N2 NAG G . 33.14 -10.59 18.37
O3 NAG G . 34.64 -12.36 16.52
O4 NAG G . 32.98 -12.90 14.13
O5 NAG G . 30.54 -12.30 16.82
O6 NAG G . 30.55 -14.81 15.31
O7 NAG G . 32.27 -11.27 20.36
C1 NAG H . 23.53 20.44 49.03
C2 NAG H . 23.84 21.27 50.29
C3 NAG H . 22.90 21.06 51.49
C4 NAG H . 21.44 20.99 51.05
C5 NAG H . 21.34 19.96 49.93
C6 NAG H . 19.93 19.63 49.43
C7 NAG H . 26.23 21.67 50.20
C8 NAG H . 27.60 21.24 50.68
N2 NAG H . 25.21 20.97 50.68
O3 NAG H . 23.04 22.08 52.50
O4 NAG H . 20.63 20.62 52.17
O5 NAG H . 22.11 20.51 48.85
O6 NAG H . 19.41 20.68 48.61
O7 NAG H . 26.05 22.62 49.44
C1 EDO I . 1.68 0.74 5.78
O1 EDO I . 2.69 0.06 6.55
C2 EDO I . 1.32 2.13 6.29
O2 EDO I . 2.39 2.72 7.05
C1 EDO J . 22.27 17.91 15.45
O1 EDO J . 22.50 16.52 15.75
C2 EDO J . 23.32 18.82 16.09
O2 EDO J . 24.64 18.48 15.67
C1 EDO K . 7.89 2.67 2.64
O1 EDO K . 6.86 2.15 3.50
C2 EDO K . 7.63 4.13 2.26
O2 EDO K . 7.12 4.87 3.39
C1 EDO L . 28.87 27.70 33.82
O1 EDO L . 29.95 26.77 33.91
C2 EDO L . 29.34 29.01 33.18
O2 EDO L . 28.22 29.79 32.78
C1 EDO M . 8.27 27.15 22.94
O1 EDO M . 7.42 26.02 22.73
C2 EDO M . 9.64 26.90 22.32
O2 EDO M . 9.71 27.56 21.06
S SO4 N . 31.87 9.92 42.98
O1 SO4 N . 32.66 8.78 43.52
O2 SO4 N . 31.60 10.90 44.06
O3 SO4 N . 30.59 9.38 42.49
O4 SO4 N . 32.62 10.57 41.86
O1 PG4 O . 28.18 23.92 35.35
C1 PG4 O . 27.90 22.74 36.08
C2 PG4 O . 26.64 23.01 36.90
O2 PG4 O . 26.92 23.83 38.03
C3 PG4 O . 26.26 25.10 38.09
C4 PG4 O . 27.27 26.21 37.81
O3 PG4 O . 26.86 27.42 38.44
C5 PG4 O . 26.51 28.47 37.53
C6 PG4 O . 25.20 28.18 36.83
O4 PG4 O . 25.25 28.69 35.49
C7 PG4 O . 25.57 27.74 34.48
C8 PG4 O . 24.34 26.99 34.00
O5 PG4 O . 24.66 26.36 32.76
C1 NAG P . 20.38 -34.41 -17.41
C2 NAG P . 20.70 -35.68 -18.21
C3 NAG P . 21.57 -36.72 -17.49
C4 NAG P . 22.66 -36.09 -16.69
C5 NAG P . 21.98 -35.10 -15.76
C6 NAG P . 22.91 -34.56 -14.68
C7 NAG P . 18.55 -35.64 -19.29
C8 NAG P . 17.24 -36.34 -19.38
N2 NAG P . 19.40 -36.24 -18.46
O3 NAG P . 22.12 -37.63 -18.46
O4 NAG P . 23.38 -37.10 -15.97
O5 NAG P . 21.50 -34.05 -16.61
O6 NAG P . 24.03 -35.43 -14.45
O7 NAG P . 18.77 -34.63 -19.94
C1 NAG Q . -4.80 -5.90 -41.57
C2 NAG Q . -5.22 -5.19 -42.87
C3 NAG Q . -5.10 -3.66 -42.83
C4 NAG Q . -5.60 -3.11 -41.52
C5 NAG Q . -4.87 -3.82 -40.40
C6 NAG Q . -5.13 -3.21 -39.04
C7 NAG Q . -4.81 -6.71 -44.73
C8 NAG Q . -3.84 -7.14 -45.79
N2 NAG Q . -4.41 -5.72 -43.94
O3 NAG Q . -5.84 -3.06 -43.90
O4 NAG Q . -5.37 -1.70 -41.41
O5 NAG Q . -5.32 -5.18 -40.45
O6 NAG Q . -6.52 -2.89 -38.90
O7 NAG Q . -5.90 -7.24 -44.59
C1 EDO R . 9.83 -6.03 -5.79
O1 EDO R . 11.07 -6.70 -6.03
C2 EDO R . 9.74 -4.84 -6.73
O2 EDO R . 8.95 -3.83 -6.10
S SO4 S . 5.13 -16.53 -40.49
O1 SO4 S . 6.54 -16.63 -40.94
O2 SO4 S . 5.08 -15.67 -39.29
O3 SO4 S . 4.31 -15.91 -41.54
O4 SO4 S . 4.61 -17.88 -40.14
O1 PG4 T . 23.75 40.97 -4.76
C1 PG4 T . 24.63 41.19 -3.66
C2 PG4 T . 24.84 39.87 -2.93
O2 PG4 T . 26.23 39.62 -2.74
C3 PG4 T . 26.53 38.61 -1.78
C4 PG4 T . 26.89 37.31 -2.49
O3 PG4 T . 28.17 37.49 -3.06
C5 PG4 T . 28.99 36.33 -2.94
C6 PG4 T . 30.37 36.64 -3.49
O4 PG4 T . 30.27 37.12 -4.83
C7 PG4 T . 30.96 38.34 -5.11
C8 PG4 T . 30.36 38.96 -6.36
O5 PG4 T . 30.20 40.37 -6.23
C1 EDO U . -3.85 28.64 6.67
O1 EDO U . -3.86 27.40 7.37
C2 EDO U . -3.32 28.47 5.26
O2 EDO U . -4.42 28.67 4.38
#